data_7EZN
# 
_entry.id   7EZN 
# 
_audit_conform.dict_name       mmcif_pdbx.dic 
_audit_conform.dict_version    5.380 
_audit_conform.dict_location   http://mmcif.pdb.org/dictionaries/ascii/mmcif_pdbx.dic 
# 
loop_
_database_2.database_id 
_database_2.database_code 
_database_2.pdbx_database_accession 
_database_2.pdbx_DOI 
PDB   7EZN         pdb_00007ezn 10.2210/pdb7ezn/pdb 
WWPDB D_1300022553 ?            ?                   
# 
_pdbx_database_status.status_code                     REL 
_pdbx_database_status.status_code_sf                  REL 
_pdbx_database_status.status_code_mr                  ? 
_pdbx_database_status.entry_id                        7EZN 
_pdbx_database_status.recvd_initial_deposition_date   2021-06-01 
_pdbx_database_status.SG_entry                        N 
_pdbx_database_status.deposit_site                    PDBJ 
_pdbx_database_status.process_site                    PDBJ 
_pdbx_database_status.status_code_cs                  ? 
_pdbx_database_status.status_code_nmr_data            ? 
_pdbx_database_status.methods_development_category    ? 
_pdbx_database_status.pdb_format_compatible           Y 
# 
loop_
_audit_author.name 
_audit_author.pdbx_ordinal 
_audit_author.identifier_ORCID 
'Choi, M.K.' 1 0000-0002-1841-0644 
'Yoo, Y.'    2 0000-0001-7848-412X 
# 
loop_
_citation.abstract 
_citation.abstract_id_CAS 
_citation.book_id_ISBN 
_citation.book_publisher 
_citation.book_publisher_city 
_citation.book_title 
_citation.coordinate_linkage 
_citation.country 
_citation.database_id_Medline 
_citation.details 
_citation.id 
_citation.journal_abbrev 
_citation.journal_id_ASTM 
_citation.journal_id_CSD 
_citation.journal_id_ISSN 
_citation.journal_full 
_citation.journal_issue 
_citation.journal_volume 
_citation.language 
_citation.page_first 
_citation.page_last 
_citation.title 
_citation.year 
_citation.database_id_CSD 
_citation.pdbx_database_id_DOI 
_citation.pdbx_database_id_PubMed 
_citation.pdbx_database_id_patent 
_citation.unpublished_flag 
? ? ? ? ? ? ? ?  ? ? primary 'To Be Published'                     ?      0353 ?         ? ? ?  ? ?   ?   
'Crystal structure of CnYvh1 complex with vanadate'                                      ?    ? ?                         ? ? ? 
? ? ? ? ? ? ? US ? ? 1       'Acta Crystallogr D Biol Crystallogr' ABCRE6 ?    1399-0047 ? ? 70 ? 421 435 
'The family-wide structure and function of human dual-specificity protein phosphatases.' 2014 ? 10.1107/S1399004713029866 ? ? ? 
# 
loop_
_citation_author.citation_id 
_citation_author.name 
_citation_author.ordinal 
_citation_author.identifier_ORCID 
primary 'Choi, M.K.'  1  0000-0002-1841-0644 
primary 'Yoo, Y.'     2  0000-0001-7848-412X 
1       'Jeong, D.G.' 3  ?                   
1       'Wei, C.H.'   4  ?                   
1       'Ku, B.'      5  ?                   
1       'Jeon, T.J.'  6  ?                   
1       'Chien, P.N.' 7  ?                   
1       'Kim, J.K.'   8  ?                   
1       'Park, S.Y.'  9  ?                   
1       'Hwang, H.S.' 10 ?                   
1       'Ryu, S.Y.'   11 ?                   
1       'Park, H.'    12 ?                   
1       'Kim, D.S.'   13 ?                   
1       'Kim, S.J.'   14 ?                   
1       'Ryu, S.E.'   15 ?                   
# 
_cell.angle_alpha                  90.000 
_cell.angle_alpha_esd              ? 
_cell.angle_beta                   90.000 
_cell.angle_beta_esd               ? 
_cell.angle_gamma                  90.000 
_cell.angle_gamma_esd              ? 
_cell.entry_id                     7EZN 
_cell.details                      ? 
_cell.formula_units_Z              ? 
_cell.length_a                     66.194 
_cell.length_a_esd                 ? 
_cell.length_b                     66.194 
_cell.length_b_esd                 ? 
_cell.length_c                     120.324 
_cell.length_c_esd                 ? 
_cell.volume                       527217.130 
_cell.volume_esd                   ? 
_cell.Z_PDB                        8 
_cell.reciprocal_angle_alpha       ? 
_cell.reciprocal_angle_beta        ? 
_cell.reciprocal_angle_gamma       ? 
_cell.reciprocal_angle_alpha_esd   ? 
_cell.reciprocal_angle_beta_esd    ? 
_cell.reciprocal_angle_gamma_esd   ? 
_cell.reciprocal_length_a          ? 
_cell.reciprocal_length_b          ? 
_cell.reciprocal_length_c          ? 
_cell.reciprocal_length_a_esd      ? 
_cell.reciprocal_length_b_esd      ? 
_cell.reciprocal_length_c_esd      ? 
_cell.pdbx_unique_axis             ? 
# 
_symmetry.entry_id                         7EZN 
_symmetry.cell_setting                     ? 
_symmetry.Int_Tables_number                92 
_symmetry.space_group_name_Hall            'P 4abw 2nw' 
_symmetry.space_group_name_H-M             'P 41 21 2' 
_symmetry.pdbx_full_space_group_name_H-M   ? 
# 
loop_
_entity.id 
_entity.type 
_entity.src_method 
_entity.pdbx_description 
_entity.formula_weight 
_entity.pdbx_number_of_molecules 
_entity.pdbx_ec 
_entity.pdbx_mutation 
_entity.pdbx_fragment 
_entity.details 
1 polymer     man Protein-tyrosine-phosphatase 22754.635 1  3.1.3.48 ? ? ? 
2 non-polymer syn 'VANADATE ION'               114.939   1  ?        ? ? ? 
3 non-polymer syn 1,2-ETHANEDIOL               62.068    1  ?        ? ? ? 
4 water       nat water                        18.015    76 ?        ? ? ? 
# 
_entity_poly.entity_id                      1 
_entity_poly.type                           'polypeptide(L)' 
_entity_poly.nstd_linkage                   no 
_entity_poly.nstd_monomer                   no 
_entity_poly.pdbx_seq_one_letter_code       
;KEAMGHMQEVVDGLWVGDLVAANDDDELEKNGIKNILSALRPSLKFSDKYAVYPLEIDDSADTDLLSHLPSCVAWIKEIL
DLRQKAAEPSSQKNGTENGESLKRSPDIDTVAQPGKPGGVLVHCQAGMSRSASIVAAYLMSQYDLDPMEAMTMIREKRPV
VEPSATFWHQLGLFYTTDGKVSLKDRSTRQYYMERTTTQFINGDG
;
_entity_poly.pdbx_seq_one_letter_code_can   
;KEAMGHMQEVVDGLWVGDLVAANDDDELEKNGIKNILSALRPSLKFSDKYAVYPLEIDDSADTDLLSHLPSCVAWIKEIL
DLRQKAAEPSSQKNGTENGESLKRSPDIDTVAQPGKPGGVLVHCQAGMSRSASIVAAYLMSQYDLDPMEAMTMIREKRPV
VEPSATFWHQLGLFYTTDGKVSLKDRSTRQYYMERTTTQFINGDG
;
_entity_poly.pdbx_strand_id                 A 
_entity_poly.pdbx_target_identifier         ? 
# 
loop_
_entity_poly_seq.entity_id 
_entity_poly_seq.num 
_entity_poly_seq.mon_id 
_entity_poly_seq.hetero 
1 1   LYS n 
1 2   GLU n 
1 3   ALA n 
1 4   MET n 
1 5   GLY n 
1 6   HIS n 
1 7   MET n 
1 8   GLN n 
1 9   GLU n 
1 10  VAL n 
1 11  VAL n 
1 12  ASP n 
1 13  GLY n 
1 14  LEU n 
1 15  TRP n 
1 16  VAL n 
1 17  GLY n 
1 18  ASP n 
1 19  LEU n 
1 20  VAL n 
1 21  ALA n 
1 22  ALA n 
1 23  ASN n 
1 24  ASP n 
1 25  ASP n 
1 26  ASP n 
1 27  GLU n 
1 28  LEU n 
1 29  GLU n 
1 30  LYS n 
1 31  ASN n 
1 32  GLY n 
1 33  ILE n 
1 34  LYS n 
1 35  ASN n 
1 36  ILE n 
1 37  LEU n 
1 38  SER n 
1 39  ALA n 
1 40  LEU n 
1 41  ARG n 
1 42  PRO n 
1 43  SER n 
1 44  LEU n 
1 45  LYS n 
1 46  PHE n 
1 47  SER n 
1 48  ASP n 
1 49  LYS n 
1 50  TYR n 
1 51  ALA n 
1 52  VAL n 
1 53  TYR n 
1 54  PRO n 
1 55  LEU n 
1 56  GLU n 
1 57  ILE n 
1 58  ASP n 
1 59  ASP n 
1 60  SER n 
1 61  ALA n 
1 62  ASP n 
1 63  THR n 
1 64  ASP n 
1 65  LEU n 
1 66  LEU n 
1 67  SER n 
1 68  HIS n 
1 69  LEU n 
1 70  PRO n 
1 71  SER n 
1 72  CYS n 
1 73  VAL n 
1 74  ALA n 
1 75  TRP n 
1 76  ILE n 
1 77  LYS n 
1 78  GLU n 
1 79  ILE n 
1 80  LEU n 
1 81  ASP n 
1 82  LEU n 
1 83  ARG n 
1 84  GLN n 
1 85  LYS n 
1 86  ALA n 
1 87  ALA n 
1 88  GLU n 
1 89  PRO n 
1 90  SER n 
1 91  SER n 
1 92  GLN n 
1 93  LYS n 
1 94  ASN n 
1 95  GLY n 
1 96  THR n 
1 97  GLU n 
1 98  ASN n 
1 99  GLY n 
1 100 GLU n 
1 101 SER n 
1 102 LEU n 
1 103 LYS n 
1 104 ARG n 
1 105 SER n 
1 106 PRO n 
1 107 ASP n 
1 108 ILE n 
1 109 ASP n 
1 110 THR n 
1 111 VAL n 
1 112 ALA n 
1 113 GLN n 
1 114 PRO n 
1 115 GLY n 
1 116 LYS n 
1 117 PRO n 
1 118 GLY n 
1 119 GLY n 
1 120 VAL n 
1 121 LEU n 
1 122 VAL n 
1 123 HIS n 
1 124 CYS n 
1 125 GLN n 
1 126 ALA n 
1 127 GLY n 
1 128 MET n 
1 129 SER n 
1 130 ARG n 
1 131 SER n 
1 132 ALA n 
1 133 SER n 
1 134 ILE n 
1 135 VAL n 
1 136 ALA n 
1 137 ALA n 
1 138 TYR n 
1 139 LEU n 
1 140 MET n 
1 141 SER n 
1 142 GLN n 
1 143 TYR n 
1 144 ASP n 
1 145 LEU n 
1 146 ASP n 
1 147 PRO n 
1 148 MET n 
1 149 GLU n 
1 150 ALA n 
1 151 MET n 
1 152 THR n 
1 153 MET n 
1 154 ILE n 
1 155 ARG n 
1 156 GLU n 
1 157 LYS n 
1 158 ARG n 
1 159 PRO n 
1 160 VAL n 
1 161 VAL n 
1 162 GLU n 
1 163 PRO n 
1 164 SER n 
1 165 ALA n 
1 166 THR n 
1 167 PHE n 
1 168 TRP n 
1 169 HIS n 
1 170 GLN n 
1 171 LEU n 
1 172 GLY n 
1 173 LEU n 
1 174 PHE n 
1 175 TYR n 
1 176 THR n 
1 177 THR n 
1 178 ASP n 
1 179 GLY n 
1 180 LYS n 
1 181 VAL n 
1 182 SER n 
1 183 LEU n 
1 184 LYS n 
1 185 ASP n 
1 186 ARG n 
1 187 SER n 
1 188 THR n 
1 189 ARG n 
1 190 GLN n 
1 191 TYR n 
1 192 TYR n 
1 193 MET n 
1 194 GLU n 
1 195 ARG n 
1 196 THR n 
1 197 THR n 
1 198 THR n 
1 199 GLN n 
1 200 PHE n 
1 201 ILE n 
1 202 ASN n 
1 203 GLY n 
1 204 ASP n 
1 205 GLY n 
# 
_entity_src_gen.entity_id                          1 
_entity_src_gen.pdbx_src_id                        1 
_entity_src_gen.pdbx_alt_source_flag               sample 
_entity_src_gen.pdbx_seq_type                      'Biological sequence' 
_entity_src_gen.pdbx_beg_seq_num                   1 
_entity_src_gen.pdbx_end_seq_num                   205 
_entity_src_gen.gene_src_common_name               'Filobasidiella neoformans var. grubii' 
_entity_src_gen.gene_src_genus                     ? 
_entity_src_gen.pdbx_gene_src_gene                 CNAG_01203 
_entity_src_gen.gene_src_species                   ? 
_entity_src_gen.gene_src_strain                    'H99 / ATCC 208821 / CBS 10515 / FGSC 9487' 
_entity_src_gen.gene_src_tissue                    ? 
_entity_src_gen.gene_src_tissue_fraction           ? 
_entity_src_gen.gene_src_details                   ? 
_entity_src_gen.pdbx_gene_src_fragment             ? 
_entity_src_gen.pdbx_gene_src_scientific_name      
'Cryptococcus neoformans var. grubii serotype A (strain H99 / ATCC 208821 / CBS 10515 / FGSC 9487)' 
_entity_src_gen.pdbx_gene_src_ncbi_taxonomy_id     235443 
_entity_src_gen.pdbx_gene_src_variant              ? 
_entity_src_gen.pdbx_gene_src_cell_line            ? 
_entity_src_gen.pdbx_gene_src_atcc                 ? 
_entity_src_gen.pdbx_gene_src_organ                ? 
_entity_src_gen.pdbx_gene_src_organelle            ? 
_entity_src_gen.pdbx_gene_src_cell                 ? 
_entity_src_gen.pdbx_gene_src_cellular_location    ? 
_entity_src_gen.host_org_common_name               ? 
_entity_src_gen.pdbx_host_org_scientific_name      'Escherichia coli BL21(DE3)' 
_entity_src_gen.pdbx_host_org_ncbi_taxonomy_id     469008 
_entity_src_gen.host_org_genus                     ? 
_entity_src_gen.pdbx_host_org_gene                 ? 
_entity_src_gen.pdbx_host_org_organ                ? 
_entity_src_gen.host_org_species                   ? 
_entity_src_gen.pdbx_host_org_tissue               ? 
_entity_src_gen.pdbx_host_org_tissue_fraction      ? 
_entity_src_gen.pdbx_host_org_strain               ? 
_entity_src_gen.pdbx_host_org_variant              ? 
_entity_src_gen.pdbx_host_org_cell_line            ? 
_entity_src_gen.pdbx_host_org_atcc                 ? 
_entity_src_gen.pdbx_host_org_culture_collection   ? 
_entity_src_gen.pdbx_host_org_cell                 ? 
_entity_src_gen.pdbx_host_org_organelle            ? 
_entity_src_gen.pdbx_host_org_cellular_location    ? 
_entity_src_gen.pdbx_host_org_vector_type          ? 
_entity_src_gen.pdbx_host_org_vector               ? 
_entity_src_gen.host_org_details                   ? 
_entity_src_gen.expression_system_id               ? 
_entity_src_gen.plasmid_name                       ? 
_entity_src_gen.plasmid_details                    ? 
_entity_src_gen.pdbx_description                   ? 
# 
_struct_ref.id                         1 
_struct_ref.db_name                    UNP 
_struct_ref.db_code                    J9VTB5_CRYNH 
_struct_ref.pdbx_db_accession          J9VTB5 
_struct_ref.pdbx_db_isoform            ? 
_struct_ref.entity_id                  1 
_struct_ref.pdbx_seq_one_letter_code   
;KEAMGHMQEVVDGLWVGDLVAANDDDELEKNGIKNILSALRPSLKFSDKYAVYPLEIDDSADTDLLSHLPSCVAWIKEIL
DLRQKAAEPSSQKNGTENGESLKRSPDIDTVAQPGKPGGVLVHCQAGMSRSASIVAAYLMSQYDLDPMEAMTMIREKRPV
VEPSATFWHQLGLFYTTDGKVSLKDRSTRQYYMERTTTQFINGDG
;
_struct_ref.pdbx_align_begin           110 
# 
_struct_ref_seq.align_id                      1 
_struct_ref_seq.ref_id                        1 
_struct_ref_seq.pdbx_PDB_id_code              7EZN 
_struct_ref_seq.pdbx_strand_id                A 
_struct_ref_seq.seq_align_beg                 1 
_struct_ref_seq.pdbx_seq_align_beg_ins_code   ? 
_struct_ref_seq.seq_align_end                 205 
_struct_ref_seq.pdbx_seq_align_end_ins_code   ? 
_struct_ref_seq.pdbx_db_accession             J9VTB5 
_struct_ref_seq.db_align_beg                  110 
_struct_ref_seq.pdbx_db_align_beg_ins_code    ? 
_struct_ref_seq.db_align_end                  314 
_struct_ref_seq.pdbx_db_align_end_ins_code    ? 
_struct_ref_seq.pdbx_auth_seq_align_beg       110 
_struct_ref_seq.pdbx_auth_seq_align_end       314 
# 
loop_
_chem_comp.id 
_chem_comp.type 
_chem_comp.mon_nstd_flag 
_chem_comp.name 
_chem_comp.pdbx_synonyms 
_chem_comp.formula 
_chem_comp.formula_weight 
ALA 'L-peptide linking' y ALANINE         ?                 'C3 H7 N O2'     89.093  
ARG 'L-peptide linking' y ARGININE        ?                 'C6 H15 N4 O2 1' 175.209 
ASN 'L-peptide linking' y ASPARAGINE      ?                 'C4 H8 N2 O3'    132.118 
ASP 'L-peptide linking' y 'ASPARTIC ACID' ?                 'C4 H7 N O4'     133.103 
CYS 'L-peptide linking' y CYSTEINE        ?                 'C3 H7 N O2 S'   121.158 
EDO non-polymer         . 1,2-ETHANEDIOL  'ETHYLENE GLYCOL' 'C2 H6 O2'       62.068  
GLN 'L-peptide linking' y GLUTAMINE       ?                 'C5 H10 N2 O3'   146.144 
GLU 'L-peptide linking' y 'GLUTAMIC ACID' ?                 'C5 H9 N O4'     147.129 
GLY 'peptide linking'   y GLYCINE         ?                 'C2 H5 N O2'     75.067  
HIS 'L-peptide linking' y HISTIDINE       ?                 'C6 H10 N3 O2 1' 156.162 
HOH non-polymer         . WATER           ?                 'H2 O'           18.015  
ILE 'L-peptide linking' y ISOLEUCINE      ?                 'C6 H13 N O2'    131.173 
LEU 'L-peptide linking' y LEUCINE         ?                 'C6 H13 N O2'    131.173 
LYS 'L-peptide linking' y LYSINE          ?                 'C6 H15 N2 O2 1' 147.195 
MET 'L-peptide linking' y METHIONINE      ?                 'C5 H11 N O2 S'  149.211 
PHE 'L-peptide linking' y PHENYLALANINE   ?                 'C9 H11 N O2'    165.189 
PRO 'L-peptide linking' y PROLINE         ?                 'C5 H9 N O2'     115.130 
SER 'L-peptide linking' y SERINE          ?                 'C3 H7 N O3'     105.093 
THR 'L-peptide linking' y THREONINE       ?                 'C4 H9 N O3'     119.119 
TRP 'L-peptide linking' y TRYPTOPHAN      ?                 'C11 H12 N2 O2'  204.225 
TYR 'L-peptide linking' y TYROSINE        ?                 'C9 H11 N O3'    181.189 
VAL 'L-peptide linking' y VALINE          ?                 'C5 H11 N O2'    117.146 
VO4 non-polymer         . 'VANADATE ION'  ?                 'O4 V -3'        114.939 
# 
_exptl.absorpt_coefficient_mu     ? 
_exptl.absorpt_correction_T_max   ? 
_exptl.absorpt_correction_T_min   ? 
_exptl.absorpt_correction_type    ? 
_exptl.absorpt_process_details    ? 
_exptl.entry_id                   7EZN 
_exptl.crystals_number            1 
_exptl.details                    ? 
_exptl.method                     'X-RAY DIFFRACTION' 
_exptl.method_details             ? 
# 
_exptl_crystal.colour                      ? 
_exptl_crystal.density_diffrn              ? 
_exptl_crystal.density_Matthews            2.90 
_exptl_crystal.density_method              ? 
_exptl_crystal.density_percent_sol         57.53 
_exptl_crystal.description                 ? 
_exptl_crystal.F_000                       ? 
_exptl_crystal.id                          1 
_exptl_crystal.preparation                 ? 
_exptl_crystal.size_max                    ? 
_exptl_crystal.size_mid                    ? 
_exptl_crystal.size_min                    ? 
_exptl_crystal.size_rad                    ? 
_exptl_crystal.colour_lustre               ? 
_exptl_crystal.colour_modifier             ? 
_exptl_crystal.colour_primary              ? 
_exptl_crystal.density_meas                ? 
_exptl_crystal.density_meas_esd            ? 
_exptl_crystal.density_meas_gt             ? 
_exptl_crystal.density_meas_lt             ? 
_exptl_crystal.density_meas_temp           ? 
_exptl_crystal.density_meas_temp_esd       ? 
_exptl_crystal.density_meas_temp_gt        ? 
_exptl_crystal.density_meas_temp_lt        ? 
_exptl_crystal.pdbx_crystal_image_url      ? 
_exptl_crystal.pdbx_crystal_image_format   ? 
_exptl_crystal.pdbx_mosaicity              ? 
_exptl_crystal.pdbx_mosaicity_esd          ? 
# 
_exptl_crystal_grow.apparatus       ? 
_exptl_crystal_grow.atmosphere      ? 
_exptl_crystal_grow.crystal_id      1 
_exptl_crystal_grow.details         ? 
_exptl_crystal_grow.method          'VAPOR DIFFUSION, SITTING DROP' 
_exptl_crystal_grow.method_ref      ? 
_exptl_crystal_grow.pH              8.5 
_exptl_crystal_grow.pressure        ? 
_exptl_crystal_grow.pressure_esd    ? 
_exptl_crystal_grow.seeding         ? 
_exptl_crystal_grow.seeding_ref     ? 
_exptl_crystal_grow.temp            298 
_exptl_crystal_grow.temp_details    ? 
_exptl_crystal_grow.temp_esd        ? 
_exptl_crystal_grow.time            ? 
_exptl_crystal_grow.pdbx_details    '0.16 M Magnesium chloride, 0.08 M Tris-HCl pH 8.5, 24 % (w/v) PEG 4000, 20 % glycerol' 
_exptl_crystal_grow.pdbx_pH_range   ? 
# 
_diffrn.ambient_environment              ? 
_diffrn.ambient_temp                     100 
_diffrn.ambient_temp_details             ? 
_diffrn.ambient_temp_esd                 ? 
_diffrn.crystal_id                       1 
_diffrn.crystal_support                  ? 
_diffrn.crystal_treatment                ? 
_diffrn.details                          ? 
_diffrn.id                               1 
_diffrn.ambient_pressure                 ? 
_diffrn.ambient_pressure_esd             ? 
_diffrn.ambient_pressure_gt              ? 
_diffrn.ambient_pressure_lt              ? 
_diffrn.ambient_temp_gt                  ? 
_diffrn.ambient_temp_lt                  ? 
_diffrn.pdbx_serial_crystal_experiment   N 
# 
_diffrn_detector.details                      ? 
_diffrn_detector.detector                     CCD 
_diffrn_detector.diffrn_id                    1 
_diffrn_detector.type                         'ADSC QUANTUM 270' 
_diffrn_detector.area_resol_mean              ? 
_diffrn_detector.dtime                        ? 
_diffrn_detector.pdbx_frames_total            ? 
_diffrn_detector.pdbx_collection_time_total   ? 
_diffrn_detector.pdbx_collection_date         2018-07-26 
_diffrn_detector.pdbx_frequency               ? 
# 
_diffrn_radiation.collimation                      ? 
_diffrn_radiation.diffrn_id                        1 
_diffrn_radiation.filter_edge                      ? 
_diffrn_radiation.inhomogeneity                    ? 
_diffrn_radiation.monochromator                    ? 
_diffrn_radiation.polarisn_norm                    ? 
_diffrn_radiation.polarisn_ratio                   ? 
_diffrn_radiation.probe                            ? 
_diffrn_radiation.type                             ? 
_diffrn_radiation.xray_symbol                      ? 
_diffrn_radiation.wavelength_id                    1 
_diffrn_radiation.pdbx_monochromatic_or_laue_m_l   M 
_diffrn_radiation.pdbx_wavelength_list             ? 
_diffrn_radiation.pdbx_wavelength                  ? 
_diffrn_radiation.pdbx_diffrn_protocol             'SINGLE WAVELENGTH' 
_diffrn_radiation.pdbx_analyzer                    ? 
_diffrn_radiation.pdbx_scattering_type             x-ray 
# 
_diffrn_radiation_wavelength.id           1 
_diffrn_radiation_wavelength.wavelength   0.97 
_diffrn_radiation_wavelength.wt           1.0 
# 
_diffrn_source.current                     ? 
_diffrn_source.details                     ? 
_diffrn_source.diffrn_id                   1 
_diffrn_source.power                       ? 
_diffrn_source.size                        ? 
_diffrn_source.source                      SYNCHROTRON 
_diffrn_source.target                      ? 
_diffrn_source.type                        'PAL/PLS BEAMLINE 7A (6B, 6C1)' 
_diffrn_source.voltage                     ? 
_diffrn_source.take-off_angle              ? 
_diffrn_source.pdbx_wavelength_list        0.97 
_diffrn_source.pdbx_wavelength             ? 
_diffrn_source.pdbx_synchrotron_beamline   '7A (6B, 6C1)' 
_diffrn_source.pdbx_synchrotron_site       PAL/PLS 
# 
_reflns.B_iso_Wilson_estimate                          29.88 
_reflns.entry_id                                       7EZN 
_reflns.data_reduction_details                         ? 
_reflns.data_reduction_method                          ? 
_reflns.d_resolution_high                              1.8 
_reflns.d_resolution_low                               33.1 
_reflns.details                                        ? 
_reflns.limit_h_max                                    ? 
_reflns.limit_h_min                                    ? 
_reflns.limit_k_max                                    ? 
_reflns.limit_k_min                                    ? 
_reflns.limit_l_max                                    ? 
_reflns.limit_l_min                                    ? 
_reflns.number_all                                     ? 
_reflns.number_obs                                     24183 
_reflns.observed_criterion                             ? 
_reflns.observed_criterion_F_max                       ? 
_reflns.observed_criterion_F_min                       ? 
_reflns.observed_criterion_I_max                       ? 
_reflns.observed_criterion_I_min                       ? 
_reflns.observed_criterion_sigma_F                     ? 
_reflns.observed_criterion_sigma_I                     ? 
_reflns.percent_possible_obs                           94.58 
_reflns.R_free_details                                 ? 
_reflns.Rmerge_F_all                                   ? 
_reflns.Rmerge_F_obs                                   ? 
_reflns.Friedel_coverage                               ? 
_reflns.number_gt                                      ? 
_reflns.threshold_expression                           ? 
_reflns.pdbx_redundancy                                2.0 
_reflns.pdbx_Rmerge_I_obs                              0.01125 
_reflns.pdbx_Rmerge_I_all                              ? 
_reflns.pdbx_Rsym_value                                ? 
_reflns.pdbx_netI_over_av_sigmaI                       ? 
_reflns.pdbx_netI_over_sigmaI                          33.71 
_reflns.pdbx_res_netI_over_av_sigmaI_2                 ? 
_reflns.pdbx_res_netI_over_sigmaI_2                    ? 
_reflns.pdbx_chi_squared                               ? 
_reflns.pdbx_scaling_rejects                           ? 
_reflns.pdbx_d_res_high_opt                            ? 
_reflns.pdbx_d_res_low_opt                             ? 
_reflns.pdbx_d_res_opt_method                          ? 
_reflns.phase_calculation_details                      ? 
_reflns.pdbx_Rrim_I_all                                ? 
_reflns.pdbx_Rpim_I_all                                ? 
_reflns.pdbx_d_opt                                     ? 
_reflns.pdbx_number_measured_all                       ? 
_reflns.pdbx_diffrn_id                                 1 
_reflns.pdbx_ordinal                                   1 
_reflns.pdbx_CC_half                                   1 
_reflns.pdbx_CC_star                                   ? 
_reflns.pdbx_R_split                                   ? 
_reflns.pdbx_aniso_diffraction_limit_axis_1_ortho[1]   ? 
_reflns.pdbx_aniso_diffraction_limit_axis_1_ortho[2]   ? 
_reflns.pdbx_aniso_diffraction_limit_axis_1_ortho[3]   ? 
_reflns.pdbx_aniso_diffraction_limit_axis_2_ortho[1]   ? 
_reflns.pdbx_aniso_diffraction_limit_axis_2_ortho[2]   ? 
_reflns.pdbx_aniso_diffraction_limit_axis_2_ortho[3]   ? 
_reflns.pdbx_aniso_diffraction_limit_axis_3_ortho[1]   ? 
_reflns.pdbx_aniso_diffraction_limit_axis_3_ortho[2]   ? 
_reflns.pdbx_aniso_diffraction_limit_axis_3_ortho[3]   ? 
_reflns.pdbx_aniso_diffraction_limit_1                 ? 
_reflns.pdbx_aniso_diffraction_limit_2                 ? 
_reflns.pdbx_aniso_diffraction_limit_3                 ? 
_reflns.pdbx_aniso_B_tensor_eigenvector_1_ortho[1]     ? 
_reflns.pdbx_aniso_B_tensor_eigenvector_1_ortho[2]     ? 
_reflns.pdbx_aniso_B_tensor_eigenvector_1_ortho[3]     ? 
_reflns.pdbx_aniso_B_tensor_eigenvector_2_ortho[1]     ? 
_reflns.pdbx_aniso_B_tensor_eigenvector_2_ortho[2]     ? 
_reflns.pdbx_aniso_B_tensor_eigenvector_2_ortho[3]     ? 
_reflns.pdbx_aniso_B_tensor_eigenvector_3_ortho[1]     ? 
_reflns.pdbx_aniso_B_tensor_eigenvector_3_ortho[2]     ? 
_reflns.pdbx_aniso_B_tensor_eigenvector_3_ortho[3]     ? 
_reflns.pdbx_aniso_B_tensor_eigenvalue_1               ? 
_reflns.pdbx_aniso_B_tensor_eigenvalue_2               ? 
_reflns.pdbx_aniso_B_tensor_eigenvalue_3               ? 
_reflns.pdbx_orthogonalization_convention              ? 
_reflns.pdbx_percent_possible_ellipsoidal              ? 
_reflns.pdbx_percent_possible_spherical                ? 
_reflns.pdbx_percent_possible_ellipsoidal_anomalous    ? 
_reflns.pdbx_percent_possible_spherical_anomalous      ? 
_reflns.pdbx_redundancy_anomalous                      ? 
_reflns.pdbx_CC_half_anomalous                         ? 
_reflns.pdbx_absDiff_over_sigma_anomalous              ? 
_reflns.pdbx_percent_possible_anomalous                ? 
_reflns.pdbx_observed_signal_threshold                 ? 
_reflns.pdbx_signal_type                               ? 
_reflns.pdbx_signal_details                            ? 
_reflns.pdbx_signal_software_id                        ? 
# 
_reflns_shell.d_res_high                                    1.8 
_reflns_shell.d_res_low                                     1.864 
_reflns_shell.meanI_over_sigI_all                           ? 
_reflns_shell.meanI_over_sigI_obs                           ? 
_reflns_shell.number_measured_all                           ? 
_reflns_shell.number_measured_obs                           ? 
_reflns_shell.number_possible                               ? 
_reflns_shell.number_unique_all                             ? 
_reflns_shell.number_unique_obs                             1709 
_reflns_shell.percent_possible_all                          ? 
_reflns_shell.percent_possible_obs                          ? 
_reflns_shell.Rmerge_F_all                                  ? 
_reflns_shell.Rmerge_F_obs                                  ? 
_reflns_shell.Rmerge_I_all                                  ? 
_reflns_shell.Rmerge_I_obs                                  0.2128 
_reflns_shell.meanI_over_sigI_gt                            ? 
_reflns_shell.meanI_over_uI_all                             ? 
_reflns_shell.meanI_over_uI_gt                              ? 
_reflns_shell.number_measured_gt                            ? 
_reflns_shell.number_unique_gt                              ? 
_reflns_shell.percent_possible_gt                           ? 
_reflns_shell.Rmerge_F_gt                                   ? 
_reflns_shell.Rmerge_I_gt                                   ? 
_reflns_shell.pdbx_redundancy                               ? 
_reflns_shell.pdbx_Rsym_value                               ? 
_reflns_shell.pdbx_chi_squared                              ? 
_reflns_shell.pdbx_netI_over_sigmaI_all                     ? 
_reflns_shell.pdbx_netI_over_sigmaI_obs                     ? 
_reflns_shell.pdbx_Rrim_I_all                               ? 
_reflns_shell.pdbx_Rpim_I_all                               ? 
_reflns_shell.pdbx_rejects                                  ? 
_reflns_shell.pdbx_ordinal                                  1 
_reflns_shell.pdbx_diffrn_id                                1 
_reflns_shell.pdbx_CC_half                                  0.926 
_reflns_shell.pdbx_CC_star                                  ? 
_reflns_shell.pdbx_R_split                                  ? 
_reflns_shell.pdbx_percent_possible_ellipsoidal             ? 
_reflns_shell.pdbx_percent_possible_spherical               ? 
_reflns_shell.pdbx_percent_possible_ellipsoidal_anomalous   ? 
_reflns_shell.pdbx_percent_possible_spherical_anomalous     ? 
_reflns_shell.pdbx_redundancy_anomalous                     ? 
_reflns_shell.pdbx_CC_half_anomalous                        ? 
_reflns_shell.pdbx_absDiff_over_sigma_anomalous             ? 
_reflns_shell.pdbx_percent_possible_anomalous               ? 
# 
_refine.aniso_B[1][1]                            ? 
_refine.aniso_B[1][2]                            ? 
_refine.aniso_B[1][3]                            ? 
_refine.aniso_B[2][2]                            ? 
_refine.aniso_B[2][3]                            ? 
_refine.aniso_B[3][3]                            ? 
_refine.B_iso_max                                ? 
_refine.B_iso_mean                               32.94 
_refine.B_iso_min                                ? 
_refine.correlation_coeff_Fo_to_Fc               ? 
_refine.correlation_coeff_Fo_to_Fc_free          ? 
_refine.details                                  ? 
_refine.diff_density_max                         ? 
_refine.diff_density_max_esd                     ? 
_refine.diff_density_min                         ? 
_refine.diff_density_min_esd                     ? 
_refine.diff_density_rms                         ? 
_refine.diff_density_rms_esd                     ? 
_refine.entry_id                                 7EZN 
_refine.pdbx_refine_id                           'X-RAY DIFFRACTION' 
_refine.ls_abs_structure_details                 ? 
_refine.ls_abs_structure_Flack                   ? 
_refine.ls_abs_structure_Flack_esd               ? 
_refine.ls_abs_structure_Rogers                  ? 
_refine.ls_abs_structure_Rogers_esd              ? 
_refine.ls_d_res_high                            1.80 
_refine.ls_d_res_low                             33.10 
_refine.ls_extinction_coef                       ? 
_refine.ls_extinction_coef_esd                   ? 
_refine.ls_extinction_expression                 ? 
_refine.ls_extinction_method                     ? 
_refine.ls_goodness_of_fit_all                   ? 
_refine.ls_goodness_of_fit_all_esd               ? 
_refine.ls_goodness_of_fit_obs                   ? 
_refine.ls_goodness_of_fit_obs_esd               ? 
_refine.ls_hydrogen_treatment                    ? 
_refine.ls_matrix_type                           ? 
_refine.ls_number_constraints                    ? 
_refine.ls_number_parameters                     ? 
_refine.ls_number_reflns_all                     ? 
_refine.ls_number_reflns_obs                     24168 
_refine.ls_number_reflns_R_free                  1800 
_refine.ls_number_reflns_R_work                  22368 
_refine.ls_number_restraints                     ? 
_refine.ls_percent_reflns_obs                    94.60 
_refine.ls_percent_reflns_R_free                 7.45 
_refine.ls_R_factor_all                          ? 
_refine.ls_R_factor_obs                          0.2008 
_refine.ls_R_factor_R_free                       0.2089 
_refine.ls_R_factor_R_free_error                 ? 
_refine.ls_R_factor_R_free_error_details         ? 
_refine.ls_R_factor_R_work                       0.2001 
_refine.ls_R_Fsqd_factor_obs                     ? 
_refine.ls_R_I_factor_obs                        ? 
_refine.ls_redundancy_reflns_all                 ? 
_refine.ls_redundancy_reflns_obs                 ? 
_refine.ls_restrained_S_all                      ? 
_refine.ls_restrained_S_obs                      ? 
_refine.ls_shift_over_esd_max                    ? 
_refine.ls_shift_over_esd_mean                   ? 
_refine.ls_structure_factor_coef                 ? 
_refine.ls_weighting_details                     ? 
_refine.ls_weighting_scheme                      ? 
_refine.ls_wR_factor_all                         ? 
_refine.ls_wR_factor_obs                         ? 
_refine.ls_wR_factor_R_free                      ? 
_refine.ls_wR_factor_R_work                      ? 
_refine.occupancy_max                            ? 
_refine.occupancy_min                            ? 
_refine.solvent_model_details                    'FLAT BULK SOLVENT MODEL' 
_refine.solvent_model_param_bsol                 ? 
_refine.solvent_model_param_ksol                 ? 
_refine.pdbx_R_complete                          ? 
_refine.ls_R_factor_gt                           ? 
_refine.ls_goodness_of_fit_gt                    ? 
_refine.ls_goodness_of_fit_ref                   ? 
_refine.ls_shift_over_su_max                     ? 
_refine.ls_shift_over_su_max_lt                  ? 
_refine.ls_shift_over_su_mean                    ? 
_refine.ls_shift_over_su_mean_lt                 ? 
_refine.pdbx_ls_sigma_I                          ? 
_refine.pdbx_ls_sigma_F                          1.35 
_refine.pdbx_ls_sigma_Fsqd                       ? 
_refine.pdbx_data_cutoff_high_absF               ? 
_refine.pdbx_data_cutoff_high_rms_absF           ? 
_refine.pdbx_data_cutoff_low_absF                ? 
_refine.pdbx_isotropic_thermal_model             ? 
_refine.pdbx_ls_cross_valid_method               'FREE R-VALUE' 
_refine.pdbx_method_to_determine_struct          'MOLECULAR REPLACEMENT' 
_refine.pdbx_starting_model                      4ki9 
_refine.pdbx_stereochemistry_target_values       'GeoStd + Monomer Library + CDL v1.2' 
_refine.pdbx_R_Free_selection_details            ? 
_refine.pdbx_stereochem_target_val_spec_case     ? 
_refine.pdbx_overall_ESU_R                       ? 
_refine.pdbx_overall_ESU_R_Free                  ? 
_refine.pdbx_solvent_vdw_probe_radii             1.1100 
_refine.pdbx_solvent_ion_probe_radii             ? 
_refine.pdbx_solvent_shrinkage_radii             0.9000 
_refine.pdbx_real_space_R                        ? 
_refine.pdbx_density_correlation                 ? 
_refine.pdbx_pd_number_of_powder_patterns        ? 
_refine.pdbx_pd_number_of_points                 ? 
_refine.pdbx_pd_meas_number_of_points            ? 
_refine.pdbx_pd_proc_ls_prof_R_factor            ? 
_refine.pdbx_pd_proc_ls_prof_wR_factor           ? 
_refine.pdbx_pd_Marquardt_correlation_coeff      ? 
_refine.pdbx_pd_Fsqrd_R_factor                   ? 
_refine.pdbx_pd_ls_matrix_band_width             ? 
_refine.pdbx_overall_phase_error                 22.6013 
_refine.pdbx_overall_SU_R_free_Cruickshank_DPI   ? 
_refine.pdbx_overall_SU_R_free_Blow_DPI          ? 
_refine.pdbx_overall_SU_R_Blow_DPI               ? 
_refine.pdbx_TLS_residual_ADP_flag               ? 
_refine.pdbx_diffrn_id                           1 
_refine.overall_SU_B                             ? 
_refine.overall_SU_ML                            0.1345 
_refine.overall_SU_R_Cruickshank_DPI             ? 
_refine.overall_SU_R_free                        ? 
_refine.overall_FOM_free_R_set                   ? 
_refine.overall_FOM_work_R_set                   ? 
_refine.pdbx_average_fsc_overall                 ? 
_refine.pdbx_average_fsc_work                    ? 
_refine.pdbx_average_fsc_free                    ? 
# 
_refine_hist.pdbx_refine_id                   'X-RAY DIFFRACTION' 
_refine_hist.cycle_id                         LAST 
_refine_hist.details                          ? 
_refine_hist.d_res_high                       1.80 
_refine_hist.d_res_low                        33.10 
_refine_hist.number_atoms_solvent             76 
_refine_hist.number_atoms_total               1455 
_refine_hist.number_reflns_all                ? 
_refine_hist.number_reflns_obs                ? 
_refine_hist.number_reflns_R_free             ? 
_refine_hist.number_reflns_R_work             ? 
_refine_hist.R_factor_all                     ? 
_refine_hist.R_factor_obs                     ? 
_refine_hist.R_factor_R_free                  ? 
_refine_hist.R_factor_R_work                  ? 
_refine_hist.pdbx_number_residues_total       ? 
_refine_hist.pdbx_B_iso_mean_ligand           ? 
_refine_hist.pdbx_B_iso_mean_solvent          ? 
_refine_hist.pdbx_number_atoms_protein        1370 
_refine_hist.pdbx_number_atoms_nucleic_acid   0 
_refine_hist.pdbx_number_atoms_ligand         9 
_refine_hist.pdbx_number_atoms_lipid          ? 
_refine_hist.pdbx_number_atoms_carb           ? 
_refine_hist.pdbx_pseudo_atom_details         ? 
# 
loop_
_refine_ls_restr.pdbx_refine_id 
_refine_ls_restr.criterion 
_refine_ls_restr.dev_ideal 
_refine_ls_restr.dev_ideal_target 
_refine_ls_restr.number 
_refine_ls_restr.rejects 
_refine_ls_restr.type 
_refine_ls_restr.weight 
_refine_ls_restr.pdbx_restraint_function 
'X-RAY DIFFRACTION' ? 0.0085  ? 1404 ? f_bond_d           ? ? 
'X-RAY DIFFRACTION' ? 1.5449  ? 1900 ? f_angle_d          ? ? 
'X-RAY DIFFRACTION' ? 0.0718  ? 212  ? f_chiral_restr     ? ? 
'X-RAY DIFFRACTION' ? 0.0062  ? 244  ? f_plane_restr      ? ? 
'X-RAY DIFFRACTION' ? 13.3970 ? 524  ? f_dihedral_angle_d ? ? 
# 
loop_
_refine_ls_shell.pdbx_refine_id 
_refine_ls_shell.d_res_high 
_refine_ls_shell.d_res_low 
_refine_ls_shell.number_reflns_all 
_refine_ls_shell.number_reflns_obs 
_refine_ls_shell.number_reflns_R_free 
_refine_ls_shell.number_reflns_R_work 
_refine_ls_shell.percent_reflns_obs 
_refine_ls_shell.percent_reflns_R_free 
_refine_ls_shell.R_factor_all 
_refine_ls_shell.R_factor_obs 
_refine_ls_shell.R_factor_R_free 
_refine_ls_shell.R_factor_R_free_error 
_refine_ls_shell.R_factor_R_work 
_refine_ls_shell.redundancy_reflns_all 
_refine_ls_shell.redundancy_reflns_obs 
_refine_ls_shell.wR_factor_all 
_refine_ls_shell.wR_factor_obs 
_refine_ls_shell.wR_factor_R_free 
_refine_ls_shell.wR_factor_R_work 
_refine_ls_shell.pdbx_R_complete 
_refine_ls_shell.pdbx_total_number_of_bins_used 
_refine_ls_shell.pdbx_phase_error 
_refine_ls_shell.pdbx_fsc_work 
_refine_ls_shell.pdbx_fsc_free 
'X-RAY DIFFRACTION' 1.80 1.85  . . 96  1187 66.89 . . . 0.2371 . 0.2532 . . . . . . . . . . . 
'X-RAY DIFFRACTION' 1.85 1.90  . . 111 1382 77.28 . . . 0.2280 . 0.2337 . . . . . . . . . . . 
'X-RAY DIFFRACTION' 1.90 1.96  . . 127 1577 89.17 . . . 0.2737 . 0.2283 . . . . . . . . . . . 
'X-RAY DIFFRACTION' 1.96 2.03  . . 143 1774 99.22 . . . 0.2744 . 0.2308 . . . . . . . . . . . 
'X-RAY DIFFRACTION' 2.03 2.12  . . 143 1782 99.33 . . . 0.2537 . 0.2110 . . . . . . . . . . . 
'X-RAY DIFFRACTION' 2.12 2.21  . . 143 1792 99.69 . . . 0.2057 . 0.2174 . . . . . . . . . . . 
'X-RAY DIFFRACTION' 2.21 2.33  . . 144 1780 99.64 . . . 0.2355 . 0.2177 . . . . . . . . . . . 
'X-RAY DIFFRACTION' 2.33 2.47  . . 146 1802 99.85 . . . 0.2140 . 0.2122 . . . . . . . . . . . 
'X-RAY DIFFRACTION' 2.48 2.67  . . 143 1806 99.85 . . . 0.2407 . 0.2304 . . . . . . . . . . . 
'X-RAY DIFFRACTION' 2.67 2.93  . . 149 1843 99.95 . . . 0.2188 . 0.2136 . . . . . . . . . . . 
'X-RAY DIFFRACTION' 2.93 3.36  . . 148 1830 99.95 . . . 0.2081 . 0.2204 . . . . . . . . . . . 
'X-RAY DIFFRACTION' 3.36 4.23  . . 149 1861 99.75 . . . 0.1927 . 0.1738 . . . . . . . . . . . 
'X-RAY DIFFRACTION' 4.23 33.10 . . 158 1952 98.14 . . . 0.1772 . 0.1741 . . . . . . . . . . . 
# 
_struct.entry_id                     7EZN 
_struct.title                        'Crystal structure of CnYvh1 complex with vanadate' 
_struct.pdbx_model_details           ? 
_struct.pdbx_formula_weight          ? 
_struct.pdbx_formula_weight_method   ? 
_struct.pdbx_model_type_details      ? 
_struct.pdbx_CASP_flag               N 
# 
_struct_keywords.entry_id        7EZN 
_struct_keywords.text            'DUSP, phosphatase, inhibitor, HYDROLASE' 
_struct_keywords.pdbx_keywords   HYDROLASE 
# 
loop_
_struct_asym.id 
_struct_asym.pdbx_blank_PDB_chainid_flag 
_struct_asym.pdbx_modified 
_struct_asym.entity_id 
_struct_asym.details 
A N N 1 ? 
B N N 2 ? 
C N N 3 ? 
D N N 4 ? 
# 
loop_
_struct_conf.conf_type_id 
_struct_conf.id 
_struct_conf.pdbx_PDB_helix_id 
_struct_conf.beg_label_comp_id 
_struct_conf.beg_label_asym_id 
_struct_conf.beg_label_seq_id 
_struct_conf.pdbx_beg_PDB_ins_code 
_struct_conf.end_label_comp_id 
_struct_conf.end_label_asym_id 
_struct_conf.end_label_seq_id 
_struct_conf.pdbx_end_PDB_ins_code 
_struct_conf.beg_auth_comp_id 
_struct_conf.beg_auth_asym_id 
_struct_conf.beg_auth_seq_id 
_struct_conf.end_auth_comp_id 
_struct_conf.end_auth_asym_id 
_struct_conf.end_auth_seq_id 
_struct_conf.pdbx_PDB_helix_class 
_struct_conf.details 
_struct_conf.pdbx_PDB_helix_length 
HELX_P HELX_P1 AA1 ASP A 18  ? ASP A 24  ? ASP A 127 ASP A 133 1 ? 7  
HELX_P HELX_P2 AA2 ASP A 24  ? ASN A 31  ? ASP A 133 ASN A 140 1 ? 8  
HELX_P HELX_P3 AA3 LEU A 65  ? SER A 67  ? LEU A 174 SER A 176 5 ? 3  
HELX_P HELX_P4 AA4 HIS A 68  ? ALA A 87  ? HIS A 177 ALA A 196 1 ? 20 
HELX_P HELX_P5 AA5 SER A 129 ? ASP A 144 ? SER A 238 ASP A 253 1 ? 16 
HELX_P HELX_P6 AA6 ASP A 146 ? GLU A 156 ? ASP A 255 GLU A 265 1 ? 11 
HELX_P HELX_P7 AA7 SER A 164 ? THR A 177 ? SER A 273 THR A 286 1 ? 14 
HELX_P HELX_P8 AA8 ASP A 185 ? ARG A 195 ? ASP A 294 ARG A 304 1 ? 11 
# 
_struct_conf_type.id          HELX_P 
_struct_conf_type.criteria    ? 
_struct_conf_type.reference   ? 
# 
_struct_mon_prot_cis.pdbx_id                1 
_struct_mon_prot_cis.label_comp_id          ARG 
_struct_mon_prot_cis.label_seq_id           41 
_struct_mon_prot_cis.label_asym_id          A 
_struct_mon_prot_cis.label_alt_id           . 
_struct_mon_prot_cis.pdbx_PDB_ins_code      ? 
_struct_mon_prot_cis.auth_comp_id           ARG 
_struct_mon_prot_cis.auth_seq_id            150 
_struct_mon_prot_cis.auth_asym_id           A 
_struct_mon_prot_cis.pdbx_label_comp_id_2   PRO 
_struct_mon_prot_cis.pdbx_label_seq_id_2    42 
_struct_mon_prot_cis.pdbx_label_asym_id_2   A 
_struct_mon_prot_cis.pdbx_PDB_ins_code_2    ? 
_struct_mon_prot_cis.pdbx_auth_comp_id_2    PRO 
_struct_mon_prot_cis.pdbx_auth_seq_id_2     151 
_struct_mon_prot_cis.pdbx_auth_asym_id_2    A 
_struct_mon_prot_cis.pdbx_PDB_model_num     1 
_struct_mon_prot_cis.pdbx_omega_angle       -14.78 
# 
_struct_sheet.id               AA1 
_struct_sheet.type             ? 
_struct_sheet.number_strands   5 
_struct_sheet.details          ? 
# 
loop_
_struct_sheet_order.sheet_id 
_struct_sheet_order.range_id_1 
_struct_sheet_order.range_id_2 
_struct_sheet_order.offset 
_struct_sheet_order.sense 
AA1 1 2 ? anti-parallel 
AA1 2 3 ? parallel      
AA1 3 4 ? parallel      
AA1 4 5 ? parallel      
# 
loop_
_struct_sheet_range.sheet_id 
_struct_sheet_range.id 
_struct_sheet_range.beg_label_comp_id 
_struct_sheet_range.beg_label_asym_id 
_struct_sheet_range.beg_label_seq_id 
_struct_sheet_range.pdbx_beg_PDB_ins_code 
_struct_sheet_range.end_label_comp_id 
_struct_sheet_range.end_label_asym_id 
_struct_sheet_range.end_label_seq_id 
_struct_sheet_range.pdbx_end_PDB_ins_code 
_struct_sheet_range.beg_auth_comp_id 
_struct_sheet_range.beg_auth_asym_id 
_struct_sheet_range.beg_auth_seq_id 
_struct_sheet_range.end_auth_comp_id 
_struct_sheet_range.end_auth_asym_id 
_struct_sheet_range.end_auth_seq_id 
AA1 1 MET A 7   ? VAL A 11  ? MET A 116 VAL A 120 
AA1 2 LEU A 14  ? GLY A 17  ? LEU A 123 GLY A 126 
AA1 3 GLY A 119 ? HIS A 123 ? GLY A 228 HIS A 232 
AA1 4 ILE A 33  ? ALA A 39  ? ILE A 142 ALA A 148 
AA1 5 ALA A 51  ? LEU A 55  ? ALA A 160 LEU A 164 
# 
loop_
_pdbx_struct_sheet_hbond.sheet_id 
_pdbx_struct_sheet_hbond.range_id_1 
_pdbx_struct_sheet_hbond.range_id_2 
_pdbx_struct_sheet_hbond.range_1_label_atom_id 
_pdbx_struct_sheet_hbond.range_1_label_comp_id 
_pdbx_struct_sheet_hbond.range_1_label_asym_id 
_pdbx_struct_sheet_hbond.range_1_label_seq_id 
_pdbx_struct_sheet_hbond.range_1_PDB_ins_code 
_pdbx_struct_sheet_hbond.range_1_auth_atom_id 
_pdbx_struct_sheet_hbond.range_1_auth_comp_id 
_pdbx_struct_sheet_hbond.range_1_auth_asym_id 
_pdbx_struct_sheet_hbond.range_1_auth_seq_id 
_pdbx_struct_sheet_hbond.range_2_label_atom_id 
_pdbx_struct_sheet_hbond.range_2_label_comp_id 
_pdbx_struct_sheet_hbond.range_2_label_asym_id 
_pdbx_struct_sheet_hbond.range_2_label_seq_id 
_pdbx_struct_sheet_hbond.range_2_PDB_ins_code 
_pdbx_struct_sheet_hbond.range_2_auth_atom_id 
_pdbx_struct_sheet_hbond.range_2_auth_comp_id 
_pdbx_struct_sheet_hbond.range_2_auth_asym_id 
_pdbx_struct_sheet_hbond.range_2_auth_seq_id 
AA1 1 2 N VAL A 10  ? N VAL A 119 O LEU A 14  ? O LEU A 123 
AA1 2 3 N TRP A 15  ? N TRP A 124 O VAL A 122 ? O VAL A 231 
AA1 3 4 O LEU A 121 ? O LEU A 230 N LEU A 37  ? N LEU A 146 
AA1 4 5 N ILE A 36  ? N ILE A 145 O TYR A 53  ? O TYR A 162 
# 
_atom_sites.entry_id                    7EZN 
_atom_sites.Cartn_transf_matrix[1][1]   ? 
_atom_sites.Cartn_transf_matrix[1][2]   ? 
_atom_sites.Cartn_transf_matrix[1][3]   ? 
_atom_sites.Cartn_transf_matrix[2][1]   ? 
_atom_sites.Cartn_transf_matrix[2][2]   ? 
_atom_sites.Cartn_transf_matrix[2][3]   ? 
_atom_sites.Cartn_transf_matrix[3][1]   ? 
_atom_sites.Cartn_transf_matrix[3][2]   ? 
_atom_sites.Cartn_transf_matrix[3][3]   ? 
_atom_sites.Cartn_transf_vector[1]      ? 
_atom_sites.Cartn_transf_vector[2]      ? 
_atom_sites.Cartn_transf_vector[3]      ? 
_atom_sites.fract_transf_matrix[1][1]   -0.00839962 
_atom_sites.fract_transf_matrix[1][2]   0.00954075 
_atom_sites.fract_transf_matrix[1][3]   0.00816344 
_atom_sites.fract_transf_matrix[2][1]   -0.00826371 
_atom_sites.fract_transf_matrix[2][2]   -0.01159504 
_atom_sites.fract_transf_matrix[2][3]   0.00504853 
_atom_sites.fract_transf_matrix[3][1]   0.00520107 
_atom_sites.fract_transf_matrix[3][2]   -0.00091240 
_atom_sites.fract_transf_matrix[3][3]   0.00641788 
_atom_sites.fract_transf_vector[1]      0.422356 
_atom_sites.fract_transf_vector[2]      0.079403 
_atom_sites.fract_transf_vector[3]      0.106587 
_atom_sites.solution_primary            ? 
_atom_sites.solution_secondary          ? 
_atom_sites.solution_hydrogens          ? 
_atom_sites.special_details             ? 
# 
loop_
_atom_type.symbol 
_atom_type.scat_dispersion_real 
_atom_type.scat_dispersion_imag 
_atom_type.scat_Cromer_Mann_a1 
_atom_type.scat_Cromer_Mann_a2 
_atom_type.scat_Cromer_Mann_a3 
_atom_type.scat_Cromer_Mann_a4 
_atom_type.scat_Cromer_Mann_b1 
_atom_type.scat_Cromer_Mann_b2 
_atom_type.scat_Cromer_Mann_b3 
_atom_type.scat_Cromer_Mann_b4 
_atom_type.scat_Cromer_Mann_c 
_atom_type.scat_source 
_atom_type.scat_dispersion_source 
C ? ? 3.54356  2.42580 ? ? 25.62398 1.50364  ? ? 0.0 
;2-Gaussian fit: Grosse-Kunstleve RW, Sauter NK, Adams PD: Newsletter of the IUCr Commission on Crystallographic Computing 2004, 3, 22-31.
;
? 
N ? ? 4.01032  2.96436 ? ? 19.97189 1.75589  ? ? 0.0 
;2-Gaussian fit: Grosse-Kunstleve RW, Sauter NK, Adams PD: Newsletter of the IUCr Commission on Crystallographic Computing 2004, 3, 22-31.
;
? 
O ? ? 4.49882  3.47563 ? ? 15.80542 1.70748  ? ? 0.0 
;2-Gaussian fit: Grosse-Kunstleve RW, Sauter NK, Adams PD: Newsletter of the IUCr Commission on Crystallographic Computing 2004, 3, 22-31.
;
? 
S ? ? 9.55732  6.39887 ? ? 1.23737  29.19336 ? ? 0.0 
;2-Gaussian fit: Grosse-Kunstleve RW, Sauter NK, Adams PD: Newsletter of the IUCr Commission on Crystallographic Computing 2004, 3, 22-31.
;
? 
V ? ? 18.66134 4.26681 ? ? 3.12589  55.31642 ? ? 0.0 
;2-Gaussian fit: Grosse-Kunstleve RW, Sauter NK, Adams PD: Newsletter of the IUCr Commission on Crystallographic Computing 2004, 3, 22-31.
;
? 
# 
loop_
_atom_site.group_PDB 
_atom_site.id 
_atom_site.type_symbol 
_atom_site.label_atom_id 
_atom_site.label_alt_id 
_atom_site.label_comp_id 
_atom_site.label_asym_id 
_atom_site.label_entity_id 
_atom_site.label_seq_id 
_atom_site.pdbx_PDB_ins_code 
_atom_site.Cartn_x 
_atom_site.Cartn_y 
_atom_site.Cartn_z 
_atom_site.occupancy 
_atom_site.B_iso_or_equiv 
_atom_site.pdbx_formal_charge 
_atom_site.auth_seq_id 
_atom_site.auth_comp_id 
_atom_site.auth_asym_id 
_atom_site.auth_atom_id 
_atom_site.pdbx_PDB_model_num 
ATOM   1    N N   . GLY A 1 5   ? 6.68961   17.28661  -5.27495  1.000 46.47000 ? 114 GLY A N   1 
ATOM   2    C CA  . GLY A 1 5   ? 6.39357   16.88281  -3.90106  1.000 40.61000 ? 114 GLY A CA  1 
ATOM   3    C C   . GLY A 1 5   ? 6.92336   15.54504  -3.44317  1.000 34.29000 ? 114 GLY A C   1 
ATOM   4    O O   . GLY A 1 5   ? 7.32383   14.73285  -4.27297  1.000 35.41000 ? 114 GLY A O   1 
ATOM   5    N N   . HIS A 1 6   ? 6.86480   15.34729  -2.13792  1.000 31.06000 ? 115 HIS A N   1 
ATOM   6    C CA  . HIS A 1 6   ? 7.31879   14.08953  -1.50362  1.000 29.99000 ? 115 HIS A CA  1 
ATOM   7    C C   . HIS A 1 6   ? 6.16606   13.08529  -1.49567  1.000 28.15000 ? 115 HIS A C   1 
ATOM   8    O O   . HIS A 1 6   ? 6.41889   11.93238  -1.17425  1.000 26.78000 ? 115 HIS A O   1 
ATOM   9    C CB  . HIS A 1 6   ? 7.88062   14.42048  -0.12611  1.000 31.63000 ? 115 HIS A CB  1 
ATOM   10   C CG  . HIS A 1 6   ? 9.10546   15.26517  -0.18799  1.000 33.14000 ? 115 HIS A CG  1 
ATOM   11   N ND1 . HIS A 1 6   ? 10.35403  14.73569  -0.42560  1.000 32.77000 ? 115 HIS A ND1 1 
ATOM   12   C CD2 . HIS A 1 6   ? 9.27758   16.59638  -0.05664  1.000 34.81000 ? 115 HIS A CD2 1 
ATOM   13   C CE1 . HIS A 1 6   ? 11.24590  15.70180  -0.43346  1.000 38.81000 ? 115 HIS A CE1 1 
ATOM   14   N NE2 . HIS A 1 6   ? 10.61058  16.85212  -0.21089  1.000 39.09000 ? 115 HIS A NE2 1 
ATOM   15   N N   . MET A 1 7   ? 4.95279   13.52666  -1.82754  1.000 27.26000 ? 116 MET A N   1 
ATOM   16   C CA  . MET A 1 7   ? 3.85157   12.58620  -1.96882  1.000 28.70000 ? 116 MET A CA  1 
ATOM   17   C C   . MET A 1 7   ? 2.93320   13.10551  -3.05436  1.000 27.67000 ? 116 MET A C   1 
ATOM   18   O O   . MET A 1 7   ? 2.87811   14.30866  -3.29580  1.000 27.26000 ? 116 MET A O   1 
ATOM   19   C CB  . MET A 1 7   ? 3.04276   12.38942  -0.68348  1.000 25.99000 ? 116 MET A CB  1 
ATOM   20   C CG  . MET A 1 7   ? 2.38119   13.66179  -0.20862  1.000 27.28000 ? 116 MET A CG  1 
ATOM   21   S SD  . MET A 1 7   ? 1.48154   13.50009  1.31978   1.000 30.86000 ? 116 MET A SD  1 
ATOM   22   C CE  . MET A 1 7   ? 0.49569   14.98681  1.24747   1.000 33.39000 ? 116 MET A CE  1 
ATOM   23   N N   . GLN A 1 8   ? 2.20560   12.18935  -3.69827  1.000 26.92000 ? 117 GLN A N   1 
ATOM   24   C CA  . GLN A 1 8   ? 1.28175   12.53427  -4.77438  1.000 27.51000 ? 117 GLN A CA  1 
ATOM   25   C C   . GLN A 1 8   ? -0.02338  11.77345  -4.59148  1.000 27.49000 ? 117 GLN A C   1 
ATOM   26   O O   . GLN A 1 8   ? -0.03131  10.62677  -4.12001  1.000 25.89000 ? 117 GLN A O   1 
ATOM   27   C CB  . GLN A 1 8   ? 1.86100   12.22593  -6.16822  1.000 27.46000 ? 117 GLN A CB  1 
ATOM   28   C CG  . GLN A 1 8   ? 2.88233   13.25628  -6.66944  1.000 30.46000 ? 117 GLN A CG  1 
ATOM   29   C CD  . GLN A 1 8   ? 4.27615   13.06085  -6.08762  1.000 31.58000 ? 117 GLN A CD  1 
ATOM   30   O OE1 . GLN A 1 8   ? 4.63763   11.96317  -5.65603  1.000 30.20000 ? 117 GLN A OE1 1 
ATOM   31   N NE2 . GLN A 1 8   ? 5.07087   14.12962  -6.07856  1.000 30.86000 ? 117 GLN A NE2 1 
ATOM   32   N N   . GLU A 1 9   ? -1.12854  12.42440  -4.96823  1.000 28.16000 ? 118 GLU A N   1 
ATOM   33   C CA  . GLU A 1 9   ? -2.46028  11.84673  -4.83615  1.000 27.97000 ? 118 GLU A CA  1 
ATOM   34   C C   . GLU A 1 9   ? -2.78969  11.06610  -6.10594  1.000 28.84000 ? 118 GLU A C   1 
ATOM   35   O O   . GLU A 1 9   ? -2.84969  11.64384  -7.19634  1.000 30.55000 ? 118 GLU A O   1 
ATOM   36   C CB  . GLU A 1 9   ? -3.49507  12.93960  -4.58550  1.000 28.14000 ? 118 GLU A CB  1 
ATOM   37   C CG  . GLU A 1 9   ? -4.78751  12.43201  -3.97674  1.000 28.50000 ? 118 GLU A CG  1 
ATOM   38   C CD  . GLU A 1 9   ? -5.78127  13.55551  -3.69930  1.000 30.96000 ? 118 GLU A CD  1 
ATOM   39   O OE1 . GLU A 1 9   ? -5.56151  14.68874  -4.17212  1.000 32.46000 ? 118 GLU A OE1 1 
ATOM   40   O OE2 . GLU A 1 9   ? -6.77315  13.30512  -2.98935  1.000 31.16000 ? 118 GLU A OE2 1 
ATOM   41   N N   . VAL A 1 10  ? -2.96288  9.75576   -5.96669  1.000 27.89000 ? 119 VAL A N   1 
ATOM   42   C CA  . VAL A 1 10  ? -3.17225  8.86271   -7.10369  1.000 24.85000 ? 119 VAL A CA  1 
ATOM   43   C C   . VAL A 1 10  ? -4.63412  8.83451   -7.51453  1.000 27.52000 ? 119 VAL A C   1 
ATOM   44   O O   . VAL A 1 10  ? -4.96728  8.95833   -8.69414  1.000 29.06000 ? 119 VAL A O   1 
ATOM   45   C CB  . VAL A 1 10  ? -2.66801  7.45207   -6.74423  1.000 27.15000 ? 119 VAL A CB  1 
ATOM   46   C CG1 . VAL A 1 10  ? -2.82442  6.50487   -7.91891  1.000 28.46000 ? 119 VAL A CG1 1 
ATOM   47   C CG2 . VAL A 1 10  ? -1.19825  7.51451   -6.29867  1.000 25.91000 ? 119 VAL A CG2 1 
ATOM   48   N N   . VAL A 1 11  ? -5.50613  8.60771   -6.54225  1.000 28.05000 ? 120 VAL A N   1 
ATOM   49   C CA  . VAL A 1 11  ? -6.93848  8.80536   -6.67036  1.000 26.48000 ? 120 VAL A CA  1 
ATOM   50   C C   . VAL A 1 11  ? -7.36939  9.56265   -5.42096  1.000 29.50000 ? 120 VAL A C   1 
ATOM   51   O O   . VAL A 1 11  ? -6.58890  9.73209   -4.47541  1.000 27.02000 ? 120 VAL A O   1 
ATOM   52   C CB  . VAL A 1 11  ? -7.70087  7.47050   -6.83668  1.000 27.15000 ? 120 VAL A CB  1 
ATOM   53   C CG1 . VAL A 1 11  ? -7.25374  6.76702   -8.13042  1.000 26.22000 ? 120 VAL A CG1 1 
ATOM   54   C CG2 . VAL A 1 11  ? -7.47963  6.55087   -5.62123  1.000 26.04000 ? 120 VAL A CG2 1 
ATOM   55   N N   . ASP A 1 12  ? -8.61605  10.04858  -5.43584  1.000 27.18000 ? 121 ASP A N   1 
ATOM   56   C CA  . ASP A 1 12  ? -9.16667  10.85002  -4.34085  1.000 26.86000 ? 121 ASP A CA  1 
ATOM   57   C C   . ASP A 1 12  ? -8.91800  10.21850  -2.96940  1.000 29.37000 ? 121 ASP A C   1 
ATOM   58   O O   . ASP A 1 12  ? -9.45997  9.14691   -2.66699  1.000 27.13000 ? 121 ASP A O   1 
ATOM   59   C CB  . ASP A 1 12  ? -10.67365 11.05628  -4.57431  1.000 28.03000 ? 121 ASP A CB  1 
ATOM   60   C CG  . ASP A 1 12  ? -11.31001 11.98711  -3.55591  1.000 33.41000 ? 121 ASP A CG  1 
ATOM   61   O OD1 . ASP A 1 12  ? -10.67474 12.99823  -3.17719  1.000 31.36000 ? 121 ASP A OD1 1 
ATOM   62   O OD2 . ASP A 1 12  ? -12.45846 11.71428  -3.14183  1.000 34.60000 ? 121 ASP A OD2 1 
ATOM   63   N N   . GLY A 1 13  ? -8.07083  10.85246  -2.14653  1.000 28.80000 ? 122 GLY A N   1 
ATOM   64   C CA  . GLY A 1 13  ? -7.82782  10.40456  -0.78454  1.000 29.55000 ? 122 GLY A CA  1 
ATOM   65   C C   . GLY A 1 13  ? -6.70008  9.40595   -0.60373  1.000 26.95000 ? 122 GLY A C   1 
ATOM   66   O O   . GLY A 1 13  ? -6.41960  9.01325   0.54539   1.000 27.60000 ? 122 GLY A O   1 
ATOM   67   N N   . LEU A 1 14  ? -6.05083  8.97300   -1.68740  1.000 26.84000 ? 123 LEU A N   1 
ATOM   68   C CA  . LEU A 1 14  ? -5.02100  7.93846   -1.63567  1.000 26.07000 ? 123 LEU A CA  1 
ATOM   69   C C   . LEU A 1 14  ? -3.71324  8.50738   -2.16525  1.000 25.51000 ? 123 LEU A C   1 
ATOM   70   O O   . LEU A 1 14  ? -3.61794  8.86159   -3.34724  1.000 25.87000 ? 123 LEU A O   1 
ATOM   71   C CB  . LEU A 1 14  ? -5.44382  6.70686   -2.43934  1.000 27.56000 ? 123 LEU A CB  1 
ATOM   72   C CG  . LEU A 1 14  ? -4.40708  5.57130   -2.52152  1.000 24.19000 ? 123 LEU A CG  1 
ATOM   73   C CD1 . LEU A 1 14  ? -3.94327  5.08585   -1.13272  1.000 24.08000 ? 123 LEU A CD1 1 
ATOM   74   C CD2 . LEU A 1 14  ? -4.96503  4.41278   -3.35162  1.000 24.77000 ? 123 LEU A CD2 1 
ATOM   75   N N   . TRP A 1 15  ? -2.70306  8.57760   -1.29304  1.000 25.26000 ? 124 TRP A N   1 
ATOM   76   C CA  . TRP A 1 15  ? -1.42702  9.21683   -1.57842  1.000 26.06000 ? 124 TRP A CA  1 
ATOM   77   C C   . TRP A 1 15  ? -0.29981  8.19683   -1.48050  1.000 24.83000 ? 124 TRP A C   1 
ATOM   78   O O   . TRP A 1 15  ? -0.35916  7.25674   -0.68159  1.000 24.43000 ? 124 TRP A O   1 
ATOM   79   C CB  . TRP A 1 15  ? -1.14584  10.36449  -0.57996  1.000 26.27000 ? 124 TRP A CB  1 
ATOM   80   C CG  . TRP A 1 15  ? -2.16923  11.48219  -0.57977  1.000 26.69000 ? 124 TRP A CG  1 
ATOM   81   C CD1 . TRP A 1 15  ? -3.44127  11.43884  -0.07435  1.000 27.15000 ? 124 TRP A CD1 1 
ATOM   82   C CD2 . TRP A 1 15  ? -1.99490  12.79644  -1.10917  1.000 26.57000 ? 124 TRP A CD2 1 
ATOM   83   N NE1 . TRP A 1 15  ? -4.05959  12.65598  -0.25102  1.000 26.07000 ? 124 TRP A NE1 1 
ATOM   84   C CE2 . TRP A 1 15  ? -3.18871  13.50722  -0.87722  1.000 26.90000 ? 124 TRP A CE2 1 
ATOM   85   C CE3 . TRP A 1 15  ? -0.92587  13.45523  -1.73035  1.000 29.08000 ? 124 TRP A CE3 1 
ATOM   86   C CZ2 . TRP A 1 15  ? -3.35588  14.83353  -1.27060  1.000 30.24000 ? 124 TRP A CZ2 1 
ATOM   87   C CZ3 . TRP A 1 15  ? -1.09271  14.76352  -2.12268  1.000 28.85000 ? 124 TRP A CZ3 1 
ATOM   88   C CH2 . TRP A 1 15  ? -2.29633  15.44458  -1.88829  1.000 30.62000 ? 124 TRP A CH2 1 
ATOM   89   N N   . VAL A 1 16  ? 0.73540   8.38364   -2.29547  1.000 23.58000 ? 125 VAL A N   1 
ATOM   90   C CA  . VAL A 1 16  ? 1.94222   7.57275   -2.24530  1.000 23.70000 ? 125 VAL A CA  1 
ATOM   91   C C   . VAL A 1 16  ? 3.12457   8.51881   -2.05114  1.000 24.06000 ? 125 VAL A C   1 
ATOM   92   O O   . VAL A 1 16  ? 3.15455   9.60493   -2.63456  1.000 24.86000 ? 125 VAL A O   1 
ATOM   93   C CB  . VAL A 1 16  ? 2.09916   6.70994   -3.51818  1.000 24.95000 ? 125 VAL A CB  1 
ATOM   94   C CG1 . VAL A 1 16  ? 2.24217   7.59849   -4.78331  1.000 24.75000 ? 125 VAL A CG1 1 
ATOM   95   C CG2 . VAL A 1 16  ? 3.28436   5.73125   -3.36815  1.000 26.15000 ? 125 VAL A CG2 1 
ATOM   96   N N   . GLY A 1 17  ? 4.07629   8.13615   -1.20759  1.000 24.29000 ? 126 GLY A N   1 
ATOM   97   C CA  . GLY A 1 17  ? 5.14571   9.07832   -0.92893  1.000 24.19000 ? 126 GLY A CA  1 
ATOM   98   C C   . GLY A 1 17  ? 6.30107   8.47025   -0.16202  1.000 25.64000 ? 126 GLY A C   1 
ATOM   99   O O   . GLY A 1 17  ? 6.36590   7.25776   0.05595   1.000 23.55000 ? 126 GLY A O   1 
ATOM   100  N N   . ASP A 1 18  ? 7.23143   9.34309   0.24149   1.000 25.18000 ? 127 ASP A N   1 
ATOM   101  C CA  . ASP A 1 18  ? 8.49573   8.91524   0.81363   1.000 25.29000 ? 127 ASP A CA  1 
ATOM   102  C C   . ASP A 1 18  ? 8.53168   9.19066   2.32194   1.000 27.01000 ? 127 ASP A C   1 
ATOM   103  O O   . ASP A 1 18  ? 7.52423   9.57057   2.93988   1.000 26.81000 ? 127 ASP A O   1 
ATOM   104  C CB  . ASP A 1 18  ? 9.64992   9.59850   0.07383   1.000 29.11000 ? 127 ASP A CB  1 
ATOM   105  C CG  . ASP A 1 18  ? 9.66356   11.11261  0.25214   1.000 29.82000 ? 127 ASP A CG  1 
ATOM   106  O OD1 . ASP A 1 18  ? 8.93392   11.62862  1.12270   1.000 29.28000 ? 127 ASP A OD1 1 
ATOM   107  O OD2 . ASP A 1 18  ? 10.41533  11.80191  -0.48314  1.000 31.86000 ? 127 ASP A OD2 1 
ATOM   108  N N   . LEU A 1 19  ? 9.72103   9.03665   2.90959   1.000 26.01000 ? 128 LEU A N   1 
ATOM   109  C CA  . LEU A 1 19  ? 9.86670   9.21954   4.35209   1.000 26.41000 ? 128 LEU A CA  1 
ATOM   110  C C   . LEU A 1 19  ? 9.65003   10.68057  4.74963   1.000 26.73000 ? 128 LEU A C   1 
ATOM   111  O O   . LEU A 1 19  ? 9.08102   10.96354  5.81171   1.000 30.07000 ? 128 LEU A O   1 
ATOM   112  C CB  . LEU A 1 19  ? 11.25091  8.73432   4.78525   1.000 26.32000 ? 128 LEU A CB  1 
ATOM   113  C CG  . LEU A 1 19  ? 11.61380  8.87026   6.26000   1.000 28.91000 ? 128 LEU A CG  1 
ATOM   114  C CD1 . LEU A 1 19  ? 10.57877  8.14560   7.09677   1.000 29.73000 ? 128 LEU A CD1 1 
ATOM   115  C CD2 . LEU A 1 19  ? 13.01054  8.30858   6.51413   1.000 29.65000 ? 128 LEU A CD2 1 
ATOM   116  N N   . VAL A 1 20  ? 10.10114  11.61860  3.91395   1.000 27.33000 ? 129 VAL A N   1 
ATOM   117  C CA  . VAL A 1 20  ? 9.85163   13.03859  4.16651   1.000 27.72000 ? 129 VAL A CA  1 
ATOM   118  C C   . VAL A 1 20  ? 8.35877   13.30118  4.31293   1.000 32.30000 ? 129 VAL A C   1 
ATOM   119  O O   . VAL A 1 20  ? 7.92301   14.00697  5.23261   1.000 29.79000 ? 129 VAL A O   1 
ATOM   120  C CB  . VAL A 1 20  ? 10.46391  13.89370  3.04209   1.000 31.41000 ? 129 VAL A CB  1 
ATOM   121  C CG1 . VAL A 1 20  ? 10.13997  15.36381  3.25203   1.000 32.71000 ? 129 VAL A CG1 1 
ATOM   122  C CG2 . VAL A 1 20  ? 11.95914  13.67018  2.96535   1.000 36.41000 ? 129 VAL A CG2 1 
ATOM   123  N N   . ALA A 1 21  ? 7.54909   12.72361  3.41460   1.000 28.01000 ? 130 ALA A N   1 
ATOM   124  C CA  . ALA A 1 21  ? 6.11108   12.97379  3.44876   1.000 28.34000 ? 130 ALA A CA  1 
ATOM   125  C C   . ALA A 1 21  ? 5.49482   12.48624  4.74650   1.000 27.81000 ? 130 ALA A C   1 
ATOM   126  O O   . ALA A 1 21  ? 4.58482   13.12316  5.28833   1.000 31.97000 ? 130 ALA A O   1 
ATOM   127  C CB  . ALA A 1 21  ? 5.42600   12.29615  2.25523   1.000 26.56000 ? 130 ALA A CB  1 
ATOM   128  N N   . ALA A 1 22  ? 5.96373   11.35300  5.25432   1.000 26.19000 ? 131 ALA A N   1 
ATOM   129  C CA  . ALA A 1 22  ? 5.37480   10.77856  6.45410   1.000 28.17000 ? 131 ALA A CA  1 
ATOM   130  C C   . ALA A 1 22  ? 5.63536   11.62842  7.69241   1.000 33.04000 ? 131 ALA A C   1 
ATOM   131  O O   . ALA A 1 22  ? 4.91919   11.48534  8.69016   1.000 33.52000 ? 131 ALA A O   1 
ATOM   132  C CB  . ALA A 1 22  ? 5.92557   9.37601   6.69284   1.000 25.81000 ? 131 ALA A CB  1 
ATOM   133  N N   . ASN A 1 23  ? 6.65365   12.48365  7.65180   1.000 32.74000 ? 132 ASN A N   1 
ATOM   134  C CA  . ASN A 1 23  ? 7.04449   13.31275  8.78934   1.000 34.59000 ? 132 ASN A CA  1 
ATOM   135  C C   . ASN A 1 23  ? 6.56496   14.75261  8.66913   1.000 38.19000 ? 132 ASN A C   1 
ATOM   136  O O   . ASN A 1 23  ? 6.72044   15.52793  9.61810   1.000 40.64000 ? 132 ASN A O   1 
ATOM   137  C CB  . ASN A 1 23  ? 8.57446   13.27722  8.94686   1.000 38.16000 ? 132 ASN A CB  1 
ATOM   138  C CG  . ASN A 1 23  ? 9.06813   11.98168  9.57730   1.000 44.10000 ? 132 ASN A CG  1 
ATOM   139  O OD1 . ASN A 1 23  ? 9.73229   11.17113  8.92253   1.000 44.39000 ? 132 ASN A OD1 1 
ATOM   140  N ND2 . ASN A 1 23  ? 8.80805   11.81425  10.87665  1.000 41.33000 ? 132 ASN A ND2 1 
ATOM   141  N N   . ASP A 1 24  ? 5.94951   15.11442  7.55010   1.000 35.98000 ? 133 ASP A N   1 
ATOM   142  C CA  . ASP A 1 24  ? 5.55321   16.49586  7.26736   1.000 37.49000 ? 133 ASP A CA  1 
ATOM   143  C C   . ASP A 1 24  ? 4.10096   16.68507  7.70972   1.000 39.40000 ? 133 ASP A C   1 
ATOM   144  O O   . ASP A 1 24  ? 3.16103   16.63525  6.91556   1.000 37.20000 ? 133 ASP A O   1 
ATOM   145  C CB  . ASP A 1 24  ? 5.75246   16.79217  5.78440   1.000 37.97000 ? 133 ASP A CB  1 
ATOM   146  C CG  . ASP A 1 24  ? 5.64803   18.26767  5.45332   1.000 42.45000 ? 133 ASP A CG  1 
ATOM   147  O OD1 . ASP A 1 24  ? 5.10390   19.03948  6.26948   1.000 44.00000 ? 133 ASP A OD1 1 
ATOM   148  O OD2 . ASP A 1 24  ? 6.09203   18.64483  4.34423   1.000 47.54000 ? 133 ASP A OD2 1 
ATOM   149  N N   . ASP A 1 25  ? 3.92231   16.92976  9.01462   1.000 38.92000 ? 134 ASP A N   1 
ATOM   150  C CA  . ASP A 1 25  ? 2.57213   17.03411  9.56680   1.000 38.88000 ? 134 ASP A CA  1 
ATOM   151  C C   . ASP A 1 25  ? 1.81315   18.22345  9.00030   1.000 41.56000 ? 134 ASP A C   1 
ATOM   152  O O   . ASP A 1 25  ? 0.57847   18.19596  8.93899   1.000 41.19000 ? 134 ASP A O   1 
ATOM   153  C CB  . ASP A 1 25  ? 2.63224   17.13154  11.08591  1.000 40.14000 ? 134 ASP A CB  1 
ATOM   154  C CG  . ASP A 1 25  ? 3.28168   15.93234  11.70482  1.000 42.66000 ? 134 ASP A CG  1 
ATOM   155  O OD1 . ASP A 1 25  ? 2.82168   14.80230  11.43263  1.000 42.02000 ? 134 ASP A OD1 1 
ATOM   156  O OD2 . ASP A 1 25  ? 4.26926   16.10944  12.44737  1.000 45.95000 ? 134 ASP A OD2 1 
ATOM   157  N N   . ASP A 1 26  ? 2.52460   19.27211  8.58448   1.000 40.44000 ? 135 ASP A N   1 
ATOM   158  C CA  . ASP A 1 26  ? 1.86581   20.40467  7.94685   1.000 44.37000 ? 135 ASP A CA  1 
ATOM   159  C C   . ASP A 1 26  ? 1.18830   19.97438  6.65155   1.000 42.72000 ? 135 ASP A C   1 
ATOM   160  O O   . ASP A 1 26  ? 0.00063   20.24871  6.43576   1.000 43.85000 ? 135 ASP A O   1 
ATOM   161  C CB  . ASP A 1 26  ? 2.88677   21.50527  7.67219   1.000 44.87000 ? 135 ASP A CB  1 
ATOM   162  C CG  . ASP A 1 26  ? 3.10022   22.40647  8.87050   1.000 55.02000 ? 135 ASP A CG  1 
ATOM   163  O OD1 . ASP A 1 26  ? 2.21310   22.45473  9.75557   1.000 56.28000 ? 135 ASP A OD1 1 
ATOM   164  O OD2 . ASP A 1 26  ? 4.17215   23.04664  8.93843   1.000 62.21000 ? 135 ASP A OD2 1 
ATOM   165  N N   . GLU A 1 27  ? 1.93350   19.28708  5.77511   1.000 43.22000 ? 136 GLU A N   1 
ATOM   166  C CA  . GLU A 1 27  ? 1.37430   18.84297  4.50110   1.000 42.37000 ? 136 GLU A CA  1 
ATOM   167  C C   . GLU A 1 27  ? 0.30046   17.78404  4.70410   1.000 40.46000 ? 136 GLU A C   1 
ATOM   168  O O   . GLU A 1 27  ? -0.68593  17.74398  3.95806   1.000 39.40000 ? 136 GLU A O   1 
ATOM   169  C CB  . GLU A 1 27  ? 2.47506   18.29747  3.58976   1.000 41.93000 ? 136 GLU A CB  1 
ATOM   170  C CG  . GLU A 1 27  ? 3.24005   19.36188  2.82200   1.000 44.06000 ? 136 GLU A CG  1 
ATOM   171  C CD  . GLU A 1 27  ? 2.34327   20.27055  1.99575   1.000 48.39000 ? 136 GLU A CD  1 
ATOM   172  O OE1 . GLU A 1 27  ? 1.59458   19.78367  1.11528   1.000 46.59000 ? 136 GLU A OE1 1 
ATOM   173  O OE2 . GLU A 1 27  ? 2.39507   21.49690  2.23690   1.000 51.47000 ? 136 GLU A OE2 1 
ATOM   174  N N   . LEU A 1 28  ? 0.47863   16.90499  5.69087   1.000 36.88000 ? 137 LEU A N   1 
ATOM   175  C CA  . LEU A 1 28  ? -0.55806  15.91755  5.96328   1.000 37.82000 ? 137 LEU A CA  1 
ATOM   176  C C   . LEU A 1 28  ? -1.84901  16.59369  6.41150   1.000 41.32000 ? 137 LEU A C   1 
ATOM   177  O O   . LEU A 1 28  ? -2.93816  16.25804  5.92555   1.000 35.10000 ? 137 LEU A O   1 
ATOM   178  C CB  . LEU A 1 28  ? -0.07669  14.91400  7.00780   1.000 37.52000 ? 137 LEU A CB  1 
ATOM   179  C CG  . LEU A 1 28  ? 1.10242   14.02474  6.59921   1.000 37.71000 ? 137 LEU A CG  1 
ATOM   180  C CD1 . LEU A 1 28  ? 1.61623   13.23883  7.76880   1.000 33.20000 ? 137 LEU A CD1 1 
ATOM   181  C CD2 . LEU A 1 28  ? 0.72799   13.09120  5.45812   1.000 36.64000 ? 137 LEU A CD2 1 
ATOM   182  N N   . GLU A 1 29  ? -1.74895  17.58273  7.29979   1.000 40.89000 ? 138 GLU A N   1 
ATOM   183  C CA  . GLU A 1 29  ? -2.95299  18.30999  7.78325   1.000 43.12000 ? 138 GLU A CA  1 
ATOM   184  C C   . GLU A 1 29  ? -3.59629  19.07215  6.62846   1.000 40.36000 ? 138 GLU A C   1 
ATOM   185  O O   . GLU A 1 29  ? -4.81846  19.01984  6.48874   1.000 41.32000 ? 138 GLU A O   1 
ATOM   186  C CB  . GLU A 1 29  ? -2.57053  19.28372  8.90413   1.000 44.68000 ? 138 GLU A CB  1 
ATOM   187  C CG  . GLU A 1 29  ? -3.61326  20.34373  9.19798   1.000 45.12000 ? 138 GLU A CG  1 
ATOM   188  C CD  . GLU A 1 29  ? -4.84259  19.85556  9.93965   1.000 51.26000 ? 138 GLU A CD  1 
ATOM   189  O OE1 . GLU A 1 29  ? -4.75665  18.80395  10.59461  1.000 53.37000 ? 138 GLU A OE1 1 
ATOM   190  O OE2 . GLU A 1 29  ? -5.88320  20.53336  9.85888   1.000 59.45000 ? 138 GLU A OE2 1 
ATOM   191  N N   . LYS A 1 30  ? -2.78196  19.75067  5.83319   1.000 41.33000 ? 139 LYS A N   1 
ATOM   192  C CA  . LYS A 1 30  ? -3.31666  20.56614  4.74819   1.000 41.34000 ? 139 LYS A CA  1 
ATOM   193  C C   . LYS A 1 30  ? -4.11996  19.73029  3.75487   1.000 41.95000 ? 139 LYS A C   1 
ATOM   194  O O   . LYS A 1 30  ? -5.05567  20.23796  3.12590   1.000 42.32000 ? 139 LYS A O   1 
ATOM   195  C CB  . LYS A 1 30  ? -2.15860  21.29043  4.05510   1.000 40.78000 ? 139 LYS A CB  1 
ATOM   196  C CG  . LYS A 1 30  ? -2.52428  22.11437  2.84728   1.000 47.46000 ? 139 LYS A CG  1 
ATOM   197  C CD  . LYS A 1 30  ? -1.28494  22.73504  2.21087   1.000 49.74000 ? 139 LYS A CD  1 
ATOM   198  C CE  . LYS A 1 30  ? -1.31331  22.60423  0.68201   1.000 49.88000 ? 139 LYS A CE  1 
ATOM   199  N NZ  . LYS A 1 30  ? -2.69732  22.42565  0.13101   1.000 53.70000 ? 139 LYS A NZ  1 
ATOM   200  N N   . ASN A 1 31  ? -3.78435  18.45147  3.60541   1.000 39.01000 ? 140 ASN A N   1 
ATOM   201  C CA  . ASN A 1 31  ? -4.44792  17.59502  2.63190   1.000 39.79000 ? 140 ASN A CA  1 
ATOM   202  C C   . ASN A 1 31  ? -5.41931  16.62223  3.27823   1.000 37.90000 ? 140 ASN A C   1 
ATOM   203  O O   . ASN A 1 31  ? -5.87933  15.69108  2.60699   1.000 35.06000 ? 140 ASN A O   1 
ATOM   204  C CB  . ASN A 1 31  ? -3.41133  16.83400  1.80279   1.000 38.58000 ? 140 ASN A CB  1 
ATOM   205  C CG  . ASN A 1 31  ? -2.65405  17.73778  0.85397   1.000 40.06000 ? 140 ASN A CG  1 
ATOM   206  O OD1 . ASN A 1 31  ? -3.20972  18.21511  -0.14427  1.000 40.87000 ? 140 ASN A OD1 1 
ATOM   207  N ND2 . ASN A 1 31  ? -1.38629  17.98890  1.15984   1.000 40.61000 ? 140 ASN A ND2 1 
ATOM   208  N N   . GLY A 1 32  ? -5.72134  16.80318  4.56398   1.000 35.89000 ? 141 GLY A N   1 
ATOM   209  C CA  . GLY A 1 32  ? -6.72523  16.00473  5.24330   1.000 33.55000 ? 141 GLY A CA  1 
ATOM   210  C C   . GLY A 1 32  ? -6.37582  14.55083  5.43849   1.000 34.63000 ? 141 GLY A C   1 
ATOM   211  O O   . GLY A 1 32  ? -7.27958  13.71007  5.50230   1.000 35.15000 ? 141 GLY A O   1 
ATOM   212  N N   . ILE A 1 33  ? -5.09006  14.22750  5.54969   1.000 33.17000 ? 142 ILE A N   1 
ATOM   213  C CA  . ILE A 1 33  ? -4.64495  12.84734  5.69982   1.000 30.40000 ? 142 ILE A CA  1 
ATOM   214  C C   . ILE A 1 33  ? -4.60732  12.48703  7.18114   1.000 33.02000 ? 142 ILE A C   1 
ATOM   215  O O   . ILE A 1 33  ? -3.93663  13.15243  7.98185   1.000 34.18000 ? 142 ILE A O   1 
ATOM   216  C CB  . ILE A 1 33  ? -3.27760  12.62928  5.03726   1.000 30.76000 ? 142 ILE A CB  1 
ATOM   217  C CG1 . ILE A 1 33  ? -3.38033  12.86941  3.52946   1.000 30.11000 ? 142 ILE A CG1 1 
ATOM   218  C CG2 . ILE A 1 33  ? -2.72404  11.23448  5.36419   1.000 29.48000 ? 142 ILE A CG2 1 
ATOM   219  C CD1 . ILE A 1 33  ? -2.05844  13.07077  2.86107   1.000 30.14000 ? 142 ILE A CD1 1 
ATOM   220  N N   . LYS A 1 34  ? -5.32173  11.42067  7.54245   1.000 31.15000 ? 143 LYS A N   1 
ATOM   221  C CA  . LYS A 1 34  ? -5.41875  10.98009  8.92723   1.000 32.55000 ? 143 LYS A CA  1 
ATOM   222  C C   . LYS A 1 34  ? -5.01971  9.51578   9.10792   1.000 29.86000 ? 143 LYS A C   1 
ATOM   223  O O   . LYS A 1 34  ? -5.19463  8.96019   10.20278  1.000 30.52000 ? 143 LYS A O   1 
ATOM   224  C CB  . LYS A 1 34  ? -6.84011  11.22536  9.45613   1.000 34.62000 ? 143 LYS A CB  1 
ATOM   225  C CG  . LYS A 1 34  ? -7.31304  12.64623  9.19836   1.000 36.61000 ? 143 LYS A CG  1 
ATOM   226  C CD  . LYS A 1 34  ? -6.59484  13.61817  10.13754  1.000 42.28000 ? 143 LYS A CD  1 
ATOM   227  C CE  . LYS A 1 34  ? -7.04257  15.06593  9.94087   1.000 45.90000 ? 143 LYS A CE  1 
ATOM   228  N NZ  . LYS A 1 34  ? -6.64325  15.90722  11.11731  1.000 50.11000 ? 143 LYS A NZ  1 
ATOM   229  N N   . ASN A 1 35  ? -4.45742  8.88842   8.07872   1.000 28.10000 ? 144 ASN A N   1 
ATOM   230  C CA  . ASN A 1 35  ? -4.09028  7.47870   8.09618   1.000 26.10000 ? 144 ASN A CA  1 
ATOM   231  C C   . ASN A 1 35  ? -2.76838  7.31909   7.36481   1.000 28.60000 ? 144 ASN A C   1 
ATOM   232  O O   . ASN A 1 35  ? -2.54383  7.97232   6.34203   1.000 28.39000 ? 144 ASN A O   1 
ATOM   233  C CB  . ASN A 1 35  ? -5.15426  6.60603   7.39954   1.000 27.90000 ? 144 ASN A CB  1 
ATOM   234  C CG  . ASN A 1 35  ? -6.53789  6.79811   7.97576   1.000 28.58000 ? 144 ASN A CG  1 
ATOM   235  O OD1 . ASN A 1 35  ? -6.92930  6.09155   8.90216   1.000 28.64000 ? 144 ASN A OD1 1 
ATOM   236  N ND2 . ASN A 1 35  ? -7.29561  7.74953   7.41845   1.000 28.94000 ? 144 ASN A ND2 1 
ATOM   237  N N   . ILE A 1 36  ? -1.88706  6.46122   7.88447   1.000 25.56000 ? 145 ILE A N   1 
ATOM   238  C CA  . ILE A 1 36  ? -0.58484  6.23733   7.26350   1.000 24.72000 ? 145 ILE A CA  1 
ATOM   239  C C   . ILE A 1 36  ? -0.32122  4.74020   7.20998   1.000 24.17000 ? 145 ILE A C   1 
ATOM   240  O O   . ILE A 1 36  ? -0.36266  4.06046   8.24119   1.000 25.36000 ? 145 ILE A O   1 
ATOM   241  C CB  . ILE A 1 36  ? 0.55071   6.95988   8.01678   1.000 26.82000 ? 145 ILE A CB  1 
ATOM   242  C CG1 . ILE A 1 36  ? 0.24803   8.45881   8.12423   1.000 28.41000 ? 145 ILE A CG1 1 
ATOM   243  C CG2 . ILE A 1 36  ? 1.84609   6.75995   7.25714   1.000 29.14000 ? 145 ILE A CG2 1 
ATOM   244  C CD1 . ILE A 1 36  ? 1.10889   9.18544   9.14343   1.000 31.48000 ? 145 ILE A CD1 1 
ATOM   245  N N   . LEU A 1 37  ? -0.07098  4.22403   6.00919   1.000 23.24000 ? 146 LEU A N   1 
ATOM   246  C CA  . LEU A 1 37  ? 0.35949   2.84045   5.81328   1.000 20.70000 ? 146 LEU A CA  1 
ATOM   247  C C   . LEU A 1 37  ? 1.87209   2.94986   5.65584   1.000 24.93000 ? 146 LEU A C   1 
ATOM   248  O O   . LEU A 1 37  ? 2.37078   3.42298   4.63521   1.000 23.87000 ? 146 LEU A O   1 
ATOM   249  C CB  . LEU A 1 37  ? -0.32583  2.18817   4.60283   1.000 21.92000 ? 146 LEU A CB  1 
ATOM   250  C CG  . LEU A 1 37  ? -0.55256  0.66546   4.67240   1.000 22.81000 ? 146 LEU A CG  1 
ATOM   251  C CD1 . LEU A 1 37  ? -1.37274  0.16683   3.51927   1.000 24.08000 ? 146 LEU A CD1 1 
ATOM   252  C CD2 . LEU A 1 37  ? 0.77037   -0.13057  4.74326   1.000 25.76000 ? 146 LEU A CD2 1 
ATOM   253  N N   . SER A 1 38  ? 2.60220   2.59266   6.70980   1.000 22.01000 ? 147 SER A N   1 
ATOM   254  C CA  . SER A 1 38  ? 4.02538   2.88046   6.83665   1.000 23.92000 ? 147 SER A CA  1 
ATOM   255  C C   . SER A 1 38  ? 4.81332   1.59350   6.60694   1.000 23.91000 ? 147 SER A C   1 
ATOM   256  O O   . SER A 1 38  ? 4.89327   0.73709   7.49394   1.000 24.46000 ? 147 SER A O   1 
ATOM   257  C CB  . SER A 1 38  ? 4.30800   3.47107   8.22483   1.000 25.92000 ? 147 SER A CB  1 
ATOM   258  O OG  . SER A 1 38  ? 5.64873   3.91829   8.32850   1.000 23.91000 ? 147 SER A OG  1 
ATOM   259  N N   . ALA A 1 39  ? 5.41036   1.46108   5.42182   1.000 23.71000 ? 148 ALA A N   1 
ATOM   260  C CA  . ALA A 1 39  ? 6.10865   0.24124   5.01402   1.000 22.12000 ? 148 ALA A CA  1 
ATOM   261  C C   . ALA A 1 39  ? 7.60481   0.47687   5.19735   1.000 25.54000 ? 148 ALA A C   1 
ATOM   262  O O   . ALA A 1 39  ? 8.27032   1.04126   4.32127   1.000 25.63000 ? 148 ALA A O   1 
ATOM   263  C CB  . ALA A 1 39  ? 5.75904   -0.12055  3.56892   1.000 23.42000 ? 148 ALA A CB  1 
ATOM   264  N N   . LEU A 1 40  ? 8.06833   0.12733   6.40109   1.000 24.18000 ? 149 LEU A N   1 
ATOM   265  C CA  . LEU A 1 40  ? 9.45464   0.46183   6.79627   1.000 26.32000 ? 149 LEU A CA  1 
ATOM   266  C C   . LEU A 1 40  ? 9.87859   -0.35657  8.02242   1.000 25.41000 ? 149 LEU A C   1 
ATOM   267  O O   . LEU A 1 40  ? 9.00361   -0.74076  8.78696   1.000 24.94000 ? 149 LEU A O   1 
ATOM   268  C CB  . LEU A 1 40  ? 9.41339   1.94147   7.19157   1.000 27.56000 ? 149 LEU A CB  1 
ATOM   269  C CG  . LEU A 1 40  ? 10.67970  2.76767   7.01446   1.000 34.19000 ? 149 LEU A CG  1 
ATOM   270  C CD1 . LEU A 1 40  ? 10.83812  3.18231   5.56588   1.000 32.04000 ? 149 LEU A CD1 1 
ATOM   271  C CD2 . LEU A 1 40  ? 10.61724  4.00027   7.89687   1.000 36.21000 ? 149 LEU A CD2 1 
ATOM   272  N N   . ARG A 1 41  ? 11.17787  -0.62251  8.16189   1.000 27.67000 ? 150 ARG A N   1 
ATOM   273  C CA  . ARG A 1 41  ? 11.75320  -1.30105  9.35258   1.000 27.42000 ? 150 ARG A CA  1 
ATOM   274  C C   . ARG A 1 41  ? 12.99222  -0.50367  9.79177   1.000 26.17000 ? 150 ARG A C   1 
ATOM   275  O O   . ARG A 1 41  ? 13.82328  -0.21346  8.95493   1.000 28.73000 ? 150 ARG A O   1 
ATOM   276  C CB  . ARG A 1 41  ? 12.26078  -2.70097  9.00898   1.000 32.69000 ? 150 ARG A CB  1 
ATOM   277  C CG  . ARG A 1 41  ? 11.21165  -3.78657  8.87996   1.000 34.99000 ? 150 ARG A CG  1 
ATOM   278  C CD  . ARG A 1 41  ? 11.91692  -5.08299  8.54109   1.000 33.21000 ? 150 ARG A CD  1 
ATOM   279  N NE  . ARG A 1 41  ? 12.51115  -5.69138  9.71736   1.000 38.17000 ? 150 ARG A NE  1 
ATOM   280  C CZ  . ARG A 1 41  ? 13.69878  -6.27821  9.74501   1.000 42.66000 ? 150 ARG A CZ  1 
ATOM   281  N NH1 . ARG A 1 41  ? 14.44302  -6.32574  8.65469   1.000 41.57000 ? 150 ARG A NH1 1 
ATOM   282  N NH2 . ARG A 1 41  ? 14.14461  -6.80816  10.86752  1.000 42.05000 ? 150 ARG A NH2 1 
ATOM   283  N N   . PRO A 1 42  ? 13.18007  -0.18795  11.08171  1.000 27.61000 ? 151 PRO A N   1 
ATOM   284  C CA  . PRO A 1 42  ? 12.12737  -0.28378  12.07400  1.000 26.58000 ? 151 PRO A CA  1 
ATOM   285  C C   . PRO A 1 42  ? 10.92916  0.65011   11.86858  1.000 26.51000 ? 151 PRO A C   1 
ATOM   286  O O   . PRO A 1 42  ? 11.03309  1.60338   11.15195  1.000 27.77000 ? 151 PRO A O   1 
ATOM   287  C CB  . PRO A 1 42  ? 12.81098  0.14717   13.37481  1.000 27.00000 ? 151 PRO A CB  1 
ATOM   288  C CG  . PRO A 1 42  ? 14.28041  -0.05965  13.12062  1.000 31.06000 ? 151 PRO A CG  1 
ATOM   289  C CD  . PRO A 1 42  ? 14.44732  0.26044   11.65431  1.000 27.89000 ? 151 PRO A CD  1 
ATOM   290  N N   . SER A 1 43  ? 9.83475   0.33954   12.55076  1.000 29.26000 ? 152 SER A N   1 
ATOM   291  C CA  . SER A 1 43  ? 8.62366   1.18127   12.46570  1.000 28.91000 ? 152 SER A CA  1 
ATOM   292  C C   . SER A 1 43  ? 8.87810   2.53060   13.13248  1.000 30.31000 ? 152 SER A C   1 
ATOM   293  O O   . SER A 1 43  ? 9.67858   2.59608   14.06648  1.000 27.99000 ? 152 SER A O   1 
ATOM   294  C CB  . SER A 1 43  ? 7.44834   0.48568   13.07972  1.000 28.86000 ? 152 SER A CB  1 
ATOM   295  O OG  . SER A 1 43  ? 7.17226   -0.72475  12.41526  1.000 32.76000 ? 152 SER A OG  1 
ATOM   296  N N   . LEU A 1 44  ? 8.20462   3.55393   12.63885  1.000 27.17000 ? 153 LEU A N   1 
ATOM   297  C CA  . LEU A 1 44  ? 8.34602   4.90327   13.21336  1.000 27.95000 ? 153 LEU A CA  1 
ATOM   298  C C   . LEU A 1 44  ? 7.35083   5.10191   14.35371  1.000 27.91000 ? 153 LEU A C   1 
ATOM   299  O O   . LEU A 1 44  ? 6.41960   4.30914   14.47381  1.000 29.36000 ? 153 LEU A O   1 
ATOM   300  C CB  . LEU A 1 44  ? 8.10713   5.93635   12.10993  1.000 29.07000 ? 153 LEU A CB  1 
ATOM   301  C CG  . LEU A 1 44  ? 8.99875   5.83503   10.87697  1.000 31.48000 ? 153 LEU A CG  1 
ATOM   302  C CD1 . LEU A 1 44  ? 8.54477   6.82660   9.82281   1.000 30.97000 ? 153 LEU A CD1 1 
ATOM   303  C CD2 . LEU A 1 44  ? 10.45330  6.07909   11.23896  1.000 29.77000 ? 153 LEU A CD2 1 
ATOM   304  N N   . LYS A 1 45  ? 7.58095   6.11617   15.16869  1.000 28.48000 ? 154 LYS A N   1 
ATOM   305  C CA  . LYS A 1 45  ? 6.68994   6.47934   16.27391  1.000 28.34000 ? 154 LYS A CA  1 
ATOM   306  C C   . LYS A 1 45  ? 5.84525   7.65727   15.81022  1.000 30.34000 ? 154 LYS A C   1 
ATOM   307  O O   . LYS A 1 45  ? 6.32696   8.79187   15.76632  1.000 33.17000 ? 154 LYS A O   1 
ATOM   308  C CB  . LYS A 1 45  ? 7.47274   6.84210   17.53256  1.000 30.18000 ? 154 LYS A CB  1 
ATOM   309  C CG  . LYS A 1 45  ? 8.52722   5.83475   17.92949  1.000 28.47000 ? 154 LYS A CG  1 
ATOM   310  C CD  . LYS A 1 45  ? 7.93159   4.45803   18.18539  1.000 30.92000 ? 154 LYS A CD  1 
ATOM   311  C CE  . LYS A 1 45  ? 6.78006   4.46336   19.18539  1.000 37.01000 ? 154 LYS A CE  1 
ATOM   312  N NZ  . LYS A 1 45  ? 6.11884   3.12145   19.23134  1.000 39.78000 ? 154 LYS A NZ  1 
ATOM   313  N N   . PHE A 1 46  ? 4.58801   7.38743   15.44266  1.000 30.58000 ? 155 PHE A N   1 
ATOM   314  C CA  . PHE A 1 46  ? 3.68958   8.42783   14.96411  1.000 29.70000 ? 155 PHE A CA  1 
ATOM   315  C C   . PHE A 1 46  ? 2.81427   8.97001   16.08724  1.000 32.16000 ? 155 PHE A C   1 
ATOM   316  O O   . PHE A 1 46  ? 2.49093   8.27046   17.05141  1.000 34.05000 ? 155 PHE A O   1 
ATOM   317  C CB  . PHE A 1 46  ? 2.76888   7.90137   13.85482  1.000 30.57000 ? 155 PHE A CB  1 
ATOM   318  C CG  . PHE A 1 46  ? 3.45772   7.64533   12.55701  1.000 27.08000 ? 155 PHE A CG  1 
ATOM   319  C CD1 . PHE A 1 46  ? 3.71830   8.67921   11.68345  1.000 32.45000 ? 155 PHE A CD1 1 
ATOM   320  C CD2 . PHE A 1 46  ? 3.83662   6.36581   12.21049  1.000 29.00000 ? 155 PHE A CD2 1 
ATOM   321  C CE1 . PHE A 1 46  ? 4.35119   8.44857   10.46309  1.000 30.83000 ? 155 PHE A CE1 1 
ATOM   322  C CE2 . PHE A 1 46  ? 4.47531   6.11932   10.99612  1.000 27.74000 ? 155 PHE A CE2 1 
ATOM   323  C CZ  . PHE A 1 46  ? 4.73058   7.16099   10.12279  1.000 26.71000 ? 155 PHE A CZ  1 
ATOM   324  N N   . SER A 1 47  ? 2.39581   10.22001  15.92420  1.000 32.41000 ? 156 SER A N   1 
ATOM   325  C CA  . SER A 1 47  ? 1.40691   10.79670  16.81795  1.000 38.13000 ? 156 SER A CA  1 
ATOM   326  C C   . SER A 1 47  ? 0.09102   10.02521  16.72834  1.000 40.33000 ? 156 SER A C   1 
ATOM   327  O O   . SER A 1 47  ? -0.21163  9.37708   15.71988  1.000 37.63000 ? 156 SER A O   1 
ATOM   328  C CB  . SER A 1 47  ? 1.19532   12.26227  16.46223  1.000 38.59000 ? 156 SER A CB  1 
ATOM   329  O OG  . SER A 1 47  ? -0.13655  12.64450  16.70110  1.000 44.67000 ? 156 SER A OG  1 
ATOM   330  N N   . ASP A 1 48  ? -0.69898  10.07882  17.79964  1.000 39.93000 ? 157 ASP A N   1 
ATOM   331  C CA  . ASP A 1 48  ? -1.98033  9.38024   17.74549  1.000 42.95000 ? 157 ASP A CA  1 
ATOM   332  C C   . ASP A 1 48  ? -3.04597  10.18157  17.00975  1.000 39.25000 ? 157 ASP A C   1 
ATOM   333  O O   . ASP A 1 48  ? -4.19754  9.74373   16.93800  1.000 42.87000 ? 157 ASP A O   1 
ATOM   334  C CB  . ASP A 1 48  ? -2.45126  8.98612   19.15759  1.000 47.70000 ? 157 ASP A CB  1 
ATOM   335  C CG  . ASP A 1 48  ? -2.65261  10.17800  20.08718  1.000 50.45000 ? 157 ASP A CG  1 
ATOM   336  O OD1 . ASP A 1 48  ? -2.55155  11.34314  19.63999  1.000 49.38000 ? 157 ASP A OD1 1 
ATOM   337  O OD2 . ASP A 1 48  ? -2.89390  9.93159   21.29275  1.000 55.54000 ? 157 ASP A OD2 1 
ATOM   338  N N   . LYS A 1 49  ? -2.67672  11.33723  16.45911  1.000 39.94000 ? 158 LYS A N   1 
ATOM   339  C CA  . LYS A 1 49  ? -3.50762  12.01997  15.47615  1.000 37.44000 ? 158 LYS A CA  1 
ATOM   340  C C   . LYS A 1 49  ? -3.82943  11.10958  14.29182  1.000 38.89000 ? 158 LYS A C   1 
ATOM   341  O O   . LYS A 1 49  ? -4.88560  11.25171  13.66448  1.000 38.67000 ? 158 LYS A O   1 
ATOM   342  C CB  . LYS A 1 49  ? -2.78027  13.29336  15.02500  1.000 38.76000 ? 158 LYS A CB  1 
ATOM   343  C CG  . LYS A 1 49  ? -3.42813  14.11451  13.93537  1.000 47.03000 ? 158 LYS A CG  1 
ATOM   344  C CD  . LYS A 1 49  ? -2.54985  15.32133  13.55446  1.000 47.11000 ? 158 LYS A CD  1 
ATOM   345  C CE  . LYS A 1 49  ? -3.34924  16.41327  12.81780  1.000 46.81000 ? 158 LYS A CE  1 
ATOM   346  N NZ  . LYS A 1 49  ? -3.21502  16.33500  11.32264  1.000 52.55000 ? 158 LYS A NZ  1 
ATOM   347  N N   . TYR A 1 50  ? -2.95659  10.14800  13.99683  1.000 38.15000 ? 159 TYR A N   1 
ATOM   348  C CA  . TYR A 1 50  ? -3.07800  9.28576   12.82918  1.000 33.82000 ? 159 TYR A CA  1 
ATOM   349  C C   . TYR A 1 50  ? -3.42885  7.85916   13.23055  1.000 34.04000 ? 159 TYR A C   1 
ATOM   350  O O   . TYR A 1 50  ? -3.01484  7.36909   14.28481  1.000 33.41000 ? 159 TYR A O   1 
ATOM   351  C CB  . TYR A 1 50  ? -1.76975  9.26679   12.03045  1.000 32.00000 ? 159 TYR A CB  1 
ATOM   352  C CG  . TYR A 1 50  ? -1.23396  10.63489  11.68973  1.000 33.99000 ? 159 TYR A CG  1 
ATOM   353  C CD1 . TYR A 1 50  ? -1.80094  11.38645  10.66842  1.000 33.95000 ? 159 TYR A CD1 1 
ATOM   354  C CD2 . TYR A 1 50  ? -0.14867  11.17171  12.37704  1.000 35.02000 ? 159 TYR A CD2 1 
ATOM   355  C CE1 . TYR A 1 50  ? -1.31191  12.64377  10.34984  1.000 37.25000 ? 159 TYR A CE1 1 
ATOM   356  C CE2 . TYR A 1 50  ? 0.35379   12.42952  12.06061  1.000 33.52000 ? 159 TYR A CE2 1 
ATOM   357  C CZ  . TYR A 1 50  ? -0.23598  13.15872  11.04940  1.000 37.97000 ? 159 TYR A CZ  1 
ATOM   358  O OH  . TYR A 1 50  ? 0.25347   14.40405  10.72490  1.000 38.19000 ? 159 TYR A OH  1 
ATOM   359  N N   . ALA A 1 51  ? -4.17929  7.18419   12.37008  1.000 29.37000 ? 160 ALA A N   1 
ATOM   360  C CA  . ALA A 1 51  ? -4.30168  5.73533   12.43294  1.000 30.16000 ? 160 ALA A CA  1 
ATOM   361  C C   . ALA A 1 51  ? -3.20064  5.14847   11.56470  1.000 31.12000 ? 160 ALA A C   1 
ATOM   362  O O   . ALA A 1 51  ? -3.04456  5.54563   10.40430  1.000 28.29000 ? 160 ALA A O   1 
ATOM   363  C CB  . ALA A 1 51  ? -5.67431  5.26163   11.94990  1.000 29.16000 ? 160 ALA A CB  1 
ATOM   364  N N   . VAL A 1 52  ? -2.41821  4.24373   12.14100  1.000 29.15000 ? 161 VAL A N   1 
ATOM   365  C CA  . VAL A 1 52  ? -1.21866  3.76096   11.40975  1.000 26.89000 ? 161 VAL A CA  1 
ATOM   366  C C   . VAL A 1 52  ? -1.20671  2.25014   11.21506  1.000 28.45000 ? 161 VAL A C   1 
ATOM   367  O O   . VAL A 1 52  ? -1.54060  1.53367   12.15300  1.000 30.44000 ? 161 VAL A O   1 
ATOM   368  C CB  . VAL A 1 52  ? 0.06439   4.24540   12.11194  1.000 28.46000 ? 161 VAL A CB  1 
ATOM   369  C CG1 . VAL A 1 52  ? 1.32523   3.65202   11.50825  1.000 27.47000 ? 161 VAL A CG1 1 
ATOM   370  C CG2 . VAL A 1 52  ? 0.14892   5.76000   12.15904  1.000 27.92000 ? 161 VAL A CG2 1 
ATOM   371  N N   . TYR A 1 53  ? -0.87139  1.81157   10.00557  1.000 27.55000 ? 162 TYR A N   1 
ATOM   372  C CA  . TYR A 1 53  ? -0.65970  0.37464   9.74498   1.000 26.03000 ? 162 TYR A CA  1 
ATOM   373  C C   . TYR A 1 53  ? 0.85730   0.24347   9.58084   1.000 27.77000 ? 162 TYR A C   1 
ATOM   374  O O   . TYR A 1 53  ? 1.38798   0.62201   8.53898   1.000 25.23000 ? 162 TYR A O   1 
ATOM   375  C CB  . TYR A 1 53  ? -1.41390  -0.03538  8.47846   1.000 25.44000 ? 162 TYR A CB  1 
ATOM   376  C CG  . TYR A 1 53  ? -1.33667  -1.47230  8.02770   1.000 27.28000 ? 162 TYR A CG  1 
ATOM   377  C CD1 . TYR A 1 53  ? -0.42998  -2.36910  8.56529   1.000 27.00000 ? 162 TYR A CD1 1 
ATOM   378  C CD2 . TYR A 1 53  ? -2.18102  -1.93296  7.03294   1.000 26.87000 ? 162 TYR A CD2 1 
ATOM   379  C CE1 . TYR A 1 53  ? -0.36588  -3.68046  8.13008   1.000 28.48000 ? 162 TYR A CE1 1 
ATOM   380  C CE2 . TYR A 1 53  ? -2.13317  -3.24085  6.58807   1.000 27.28000 ? 162 TYR A CE2 1 
ATOM   381  C CZ  . TYR A 1 53  ? -1.22192  -4.11954  7.13879   1.000 29.05000 ? 162 TYR A CZ  1 
ATOM   382  O OH  . TYR A 1 53  ? -1.16605  -5.40928  6.70685   1.000 28.55000 ? 162 TYR A OH  1 
ATOM   383  N N   . PRO A 1 54  ? 1.56380   -0.29044  10.59126  1.000 26.84000 ? 163 PRO A N   1 
ATOM   384  C CA  . PRO A 1 54  ? 2.99356   -0.47273  10.48409  1.000 26.74000 ? 163 PRO A CA  1 
ATOM   385  C C   . PRO A 1 54  ? 3.29279   -1.79130  9.75887   1.000 28.73000 ? 163 PRO A C   1 
ATOM   386  O O   . PRO A 1 54  ? 3.09608   -2.83401  10.32171  1.000 35.20000 ? 163 PRO A O   1 
ATOM   387  C CB  . PRO A 1 54  ? 3.43830   -0.51131  11.95834  1.000 28.24000 ? 163 PRO A CB  1 
ATOM   388  C CG  . PRO A 1 54  ? 2.23307   -0.98513  12.73950  1.000 28.09000 ? 163 PRO A CG  1 
ATOM   389  C CD  . PRO A 1 54  ? 1.02059   -0.67943  11.88784  1.000 26.53000 ? 163 PRO A CD  1 
ATOM   390  N N   . LEU A 1 55  ? 3.76847   -1.70076  8.52510   1.000 25.14000 ? 164 LEU A N   1 
ATOM   391  C CA  . LEU A 1 55  ? 4.15632   -2.92674  7.78656   1.000 25.28000 ? 164 LEU A CA  1 
ATOM   392  C C   . LEU A 1 55  ? 5.67131   -3.04443  7.90439   1.000 27.77000 ? 164 LEU A C   1 
ATOM   393  O O   . LEU A 1 55  ? 6.36124   -2.30540  7.21206   1.000 26.25000 ? 164 LEU A O   1 
ATOM   394  C CB  . LEU A 1 55  ? 3.70115   -2.81243  6.33152   1.000 26.30000 ? 164 LEU A CB  1 
ATOM   395  C CG  . LEU A 1 55  ? 3.72631   -4.10597  5.52637   1.000 27.53000 ? 164 LEU A CG  1 
ATOM   396  C CD1 . LEU A 1 55  ? 2.86200   -5.15959  6.19227   1.000 30.56000 ? 164 LEU A CD1 1 
ATOM   397  C CD2 . LEU A 1 55  ? 3.25384   -3.85416  4.10748   1.000 26.62000 ? 164 LEU A CD2 1 
ATOM   398  N N   . GLU A 1 56  ? 6.13976   -3.95096  8.75561   1.000 26.74000 ? 165 GLU A N   1 
ATOM   399  C CA  . GLU A 1 56  ? 7.58804   -4.05846  9.03902   1.000 27.37000 ? 165 GLU A CA  1 
ATOM   400  C C   . GLU A 1 56  ? 8.25863   -4.93970  7.99604   1.000 28.51000 ? 165 GLU A C   1 
ATOM   401  O O   . GLU A 1 56  ? 8.60713   -6.07257  8.31660   1.000 31.33000 ? 165 GLU A O   1 
ATOM   402  C CB  . GLU A 1 56  ? 7.82453   -4.55502  10.46413  1.000 33.25000 ? 165 GLU A CB  1 
ATOM   403  C CG  . GLU A 1 56  ? 7.37483   -3.58754  11.52813  1.000 36.40000 ? 165 GLU A CG  1 
ATOM   404  C CD  . GLU A 1 56  ? 7.65539   -4.05925  12.94177  1.000 40.65000 ? 165 GLU A CD  1 
ATOM   405  O OE1 . GLU A 1 56  ? 8.75804   -4.58149  13.18216  1.000 42.87000 ? 165 GLU A OE1 1 
ATOM   406  O OE2 . GLU A 1 56  ? 6.76592   -3.90616  13.79444  1.000 43.89000 ? 165 GLU A OE2 1 
ATOM   407  N N   . ILE A 1 57  ? 8.45233   -4.38317  6.80839   1.000 26.36000 ? 166 ILE A N   1 
ATOM   408  C CA  . ILE A 1 57  ? 9.13403   -5.12885  5.72388   1.000 28.42000 ? 166 ILE A CA  1 
ATOM   409  C C   . ILE A 1 57  ? 10.24016  -4.26129  5.12822   1.000 27.62000 ? 166 ILE A C   1 
ATOM   410  O O   . ILE A 1 57  ? 10.11755  -3.04131  5.17699   1.000 27.54000 ? 166 ILE A O   1 
ATOM   411  C CB  . ILE A 1 57  ? 8.13923   -5.59158  4.63967   1.000 28.47000 ? 166 ILE A CB  1 
ATOM   412  C CG1 . ILE A 1 57  ? 7.46557   -4.40916  3.93958   1.000 28.77000 ? 166 ILE A CG1 1 
ATOM   413  C CG2 . ILE A 1 57  ? 7.12629   -6.57922  5.19583   1.000 29.96000 ? 166 ILE A CG2 1 
ATOM   414  C CD1 . ILE A 1 57  ? 6.70427   -4.79060  2.69712   1.000 28.62000 ? 166 ILE A CD1 1 
ATOM   415  N N   . ASP A 1 58  ? 11.29718  -4.89757  4.63699   1.000 30.25000 ? 167 ASP A N   1 
ATOM   416  C CA  . ASP A 1 58  ? 12.37488  -4.20969  3.93522   1.000 28.02000 ? 167 ASP A CA  1 
ATOM   417  C C   . ASP A 1 58  ? 12.05002  -4.11906  2.44761   1.000 29.44000 ? 167 ASP A C   1 
ATOM   418  O O   . ASP A 1 58  ? 11.05492  -4.66576  1.97199   1.000 31.36000 ? 167 ASP A O   1 
ATOM   419  C CB  . ASP A 1 58  ? 13.69543  -4.95059  4.11685   1.000 30.92000 ? 167 ASP A CB  1 
ATOM   420  C CG  . ASP A 1 58  ? 14.30561  -4.75520  5.50454   1.000 37.71000 ? 167 ASP A CG  1 
ATOM   421  O OD1 . ASP A 1 58  ? 14.05442  -3.72227  6.16703   1.000 36.45000 ? 167 ASP A OD1 1 
ATOM   422  O OD2 . ASP A 1 58  ? 15.01278  -5.67594  5.93883   1.000 41.63000 ? 167 ASP A OD2 1 
ATOM   423  N N   . ASP A 1 59  ? 12.90202  -3.43777  1.69343   1.000 28.98000 ? 168 ASP A N   1 
ATOM   424  C CA  . ASP A 1 59  ? 12.80031  -3.49361  0.23466   1.000 30.02000 ? 168 ASP A CA  1 
ATOM   425  C C   . ASP A 1 59  ? 13.91709  -4.37722  -0.31686  1.000 31.46000 ? 168 ASP A C   1 
ATOM   426  O O   . ASP A 1 59  ? 14.79978  -3.89566  -1.03366  1.000 36.65000 ? 168 ASP A O   1 
ATOM   427  C CB  . ASP A 1 59  ? 12.87406  -2.08845  -0.35830  1.000 29.54000 ? 168 ASP A CB  1 
ATOM   428  C CG  . ASP A 1 59  ? 12.65411  -2.05967  -1.85813  1.000 34.73000 ? 168 ASP A CG  1 
ATOM   429  O OD1 . ASP A 1 59  ? 11.91336  -2.91506  -2.39599  1.000 33.10000 ? 168 ASP A OD1 1 
ATOM   430  O OD2 . ASP A 1 59  ? 13.23037  -1.16563  -2.50624  1.000 33.06000 ? 168 ASP A OD2 1 
ATOM   431  N N   . SER A 1 60  ? 13.88043  -5.66631  0.01391   1.000 31.02000 ? 169 SER A N   1 
ATOM   432  C CA  . SER A 1 60  ? 14.94386  -6.62119  -0.26493  1.000 31.69000 ? 169 SER A CA  1 
ATOM   433  C C   . SER A 1 60  ? 14.49607  -7.59892  -1.33732  1.000 33.88000 ? 169 SER A C   1 
ATOM   434  O O   . SER A 1 60  ? 13.30032  -7.78625  -1.57334  1.000 32.80000 ? 169 SER A O   1 
ATOM   435  C CB  . SER A 1 60  ? 15.31706  -7.39828  0.99396   1.000 34.34000 ? 169 SER A CB  1 
ATOM   436  O OG  . SER A 1 60  ? 16.08553  -6.55530  1.82097   1.000 42.30000 ? 169 SER A OG  1 
ATOM   437  N N   . ALA A 1 61  ? 15.47489  -8.23938  -1.97815  1.000 33.33000 ? 170 ALA A N   1 
ATOM   438  C CA  . ALA A 1 61  ? 15.15175  -9.20256  -3.02257  1.000 33.78000 ? 170 ALA A CA  1 
ATOM   439  C C   . ALA A 1 61  ? 14.43505  -10.42766 -2.46700  1.000 33.18000 ? 170 ALA A C   1 
ATOM   440  O O   . ALA A 1 61  ? 13.78785  -11.15099 -3.22765  1.000 36.59000 ? 170 ALA A O   1 
ATOM   441  C CB  . ALA A 1 61  ? 16.42150  -9.61928  -3.76248  1.000 36.77000 ? 170 ALA A CB  1 
ATOM   442  N N   . ASP A 1 62  ? 14.49331  -10.66320 -1.16207  1.000 34.66000 ? 171 ASP A N   1 
ATOM   443  C CA  . ASP A 1 62  ? 13.75983  -11.77817 -0.57854  1.000 36.60000 ? 171 ASP A CA  1 
ATOM   444  C C   . ASP A 1 62  ? 12.59867  -11.32407 0.30530   1.000 34.28000 ? 171 ASP A C   1 
ATOM   445  O O   . ASP A 1 62  ? 12.09032  -12.11642 1.10060   1.000 33.41000 ? 171 ASP A O   1 
ATOM   446  C CB  . ASP A 1 62  ? 14.71259  -12.69510 0.19468   1.000 40.53000 ? 171 ASP A CB  1 
ATOM   447  C CG  . ASP A 1 62  ? 15.45249  -11.97952 1.30774   1.000 46.62000 ? 171 ASP A CG  1 
ATOM   448  O OD1 . ASP A 1 62  ? 15.15326  -10.79206 1.57920   1.000 46.52000 ? 171 ASP A OD1 1 
ATOM   449  O OD2 . ASP A 1 62  ? 16.36518  -12.60264 1.90917   1.000 54.46000 ? 171 ASP A OD2 1 
ATOM   450  N N   . THR A 1 63  ? 12.15686  -10.07167 0.17836   1.000 30.88000 ? 172 THR A N   1 
ATOM   451  C CA  . THR A 1 63  ? 11.01548  -9.60452  0.95996   1.000 30.30000 ? 172 THR A CA  1 
ATOM   452  C C   . THR A 1 63  ? 9.71377   -10.18809 0.41549   1.000 29.95000 ? 172 THR A C   1 
ATOM   453  O O   . THR A 1 63  ? 9.46709   -10.14776 -0.79039  1.000 29.90000 ? 172 THR A O   1 
ATOM   454  C CB  . THR A 1 63  ? 10.94152  -8.08323  0.93056   1.000 31.68000 ? 172 THR A CB  1 
ATOM   455  O OG1 . THR A 1 63  ? 12.07723  -7.53806  1.61187   1.000 30.34000 ? 172 THR A OG1 1 
ATOM   456  C CG2 . THR A 1 63  ? 9.66369   -7.58456  1.59413   1.000 28.30000 ? 172 THR A CG2 1 
ATOM   457  N N   . ASP A 1 64  ? 8.86664   -10.69438 1.31623   1.000 31.54000 ? 173 ASP A N   1 
ATOM   458  C CA  . ASP A 1 64  ? 7.53389   -11.20442 0.97959   1.000 31.22000 ? 173 ASP A CA  1 
ATOM   459  C C   . ASP A 1 64  ? 6.52938   -10.07879 1.23238   1.000 28.64000 ? 173 ASP A C   1 
ATOM   460  O O   . ASP A 1 64  ? 6.10403   -9.85889  2.36979   1.000 27.81000 ? 173 ASP A O   1 
ATOM   461  C CB  . ASP A 1 64  ? 7.22212   -12.44184 1.82555   1.000 31.53000 ? 173 ASP A CB  1 
ATOM   462  C CG  . ASP A 1 64  ? 5.76703   -12.88054 1.73677   1.000 32.72000 ? 173 ASP A CG  1 
ATOM   463  O OD1 . ASP A 1 64  ? 5.09684   -12.55897 0.73797   1.000 28.32000 ? 173 ASP A OD1 1 
ATOM   464  O OD2 . ASP A 1 64  ? 5.30276   -13.60550 2.63931   1.000 29.48000 ? 173 ASP A OD2 1 
ATOM   465  N N   . LEU A 1 65  ? 6.16187   -9.35125  0.17420   1.000 26.04000 ? 174 LEU A N   1 
ATOM   466  C CA  . LEU A 1 65  ? 5.06614   -8.39107  0.25076   1.000 26.82000 ? 174 LEU A CA  1 
ATOM   467  C C   . LEU A 1 65  ? 3.71257   -9.04184  -0.02425  1.000 25.02000 ? 174 LEU A C   1 
ATOM   468  O O   . LEU A 1 65  ? 2.70556   -8.65058  0.58457   1.000 25.41000 ? 174 LEU A O   1 
ATOM   469  C CB  . LEU A 1 65  ? 5.29812   -7.25466  -0.75727  1.000 26.94000 ? 174 LEU A CB  1 
ATOM   470  C CG  . LEU A 1 65  ? 4.23267   -6.17457  -0.96921  1.000 25.75000 ? 174 LEU A CG  1 
ATOM   471  C CD1 . LEU A 1 65  ? 3.83777   -5.50774  0.33785   1.000 26.87000 ? 174 LEU A CD1 1 
ATOM   472  C CD2 . LEU A 1 65  ? 4.73401   -5.15593  -1.97141  1.000 29.17000 ? 174 LEU A CD2 1 
ATOM   473  N N   . LEU A 1 66  ? 3.69144   -10.04208 -0.91077  1.000 25.35000 ? 175 LEU A N   1 
ATOM   474  C CA  . LEU A 1 66  ? 2.45877   -10.69954 -1.35335  1.000 23.94000 ? 175 LEU A CA  1 
ATOM   475  C C   . LEU A 1 66  ? 1.55388   -11.10401 -0.19062  1.000 26.47000 ? 175 LEU A C   1 
ATOM   476  O O   . LEU A 1 66  ? 0.34777   -10.83772 -0.22167  1.000 25.09000 ? 175 LEU A O   1 
ATOM   477  C CB  . LEU A 1 66  ? 2.81228   -11.92716 -2.19379  1.000 25.00000 ? 175 LEU A CB  1 
ATOM   478  C CG  . LEU A 1 66  ? 1.64132   -12.79391 -2.65397  1.000 26.24000 ? 175 LEU A CG  1 
ATOM   479  C CD1 . LEU A 1 66  ? 0.64899   -11.92968 -3.45442  1.000 25.98000 ? 175 LEU A CD1 1 
ATOM   480  C CD2 . LEU A 1 66  ? 2.14941   -13.98514 -3.46300  1.000 26.25000 ? 175 LEU A CD2 1 
ATOM   481  N N   . SER A 1 67  ? 2.11876   -11.75277 0.85089   1.000 25.94000 ? 176 SER A N   1 
ATOM   482  C CA  . SER A 1 67  ? 1.29599   -12.22003 1.96794   1.000 26.68000 ? 176 SER A CA  1 
ATOM   483  C C   . SER A 1 67  ? 0.51913   -11.08866 2.61850   1.000 27.94000 ? 176 SER A C   1 
ATOM   484  O O   . SER A 1 67  ? -0.53731  -11.32676 3.21805   1.000 29.43000 ? 176 SER A O   1 
ATOM   485  C CB  . SER A 1 67  ? 2.15336   -12.90513 3.04567   1.000 26.78000 ? 176 SER A CB  1 
ATOM   486  O OG  . SER A 1 67  ? 2.87936   -14.00395 2.52125   1.000 28.17000 ? 176 SER A OG  1 
ATOM   487  N N   . HIS A 1 68  ? 1.02939   -9.86204  2.53346   1.000 26.11000 ? 177 HIS A N   1 
ATOM   488  C CA  . HIS A 1 68  ? 0.40661   -8.72197  3.18989   1.000 25.17000 ? 177 HIS A CA  1 
ATOM   489  C C   . HIS A 1 68  ? -0.53970  -7.94494  2.29442   1.000 23.69000 ? 177 HIS A C   1 
ATOM   490  O O   . HIS A 1 68  ? -1.24385  -7.06404  2.79993   1.000 25.10000 ? 177 HIS A O   1 
ATOM   491  C CB  . HIS A 1 68  ? 1.47490   -7.75603  3.70981   1.000 25.82000 ? 177 HIS A CB  1 
ATOM   492  C CG  . HIS A 1 68  ? 2.44539   -8.38732  4.65043   1.000 26.76000 ? 177 HIS A CG  1 
ATOM   493  N ND1 . HIS A 1 68  ? 2.14418   -8.61756  5.97160   1.000 30.80000 ? 177 HIS A ND1 1 
ATOM   494  C CD2 . HIS A 1 68  ? 3.69583   -8.86616  4.45735   1.000 29.46000 ? 177 HIS A CD2 1 
ATOM   495  C CE1 . HIS A 1 68  ? 3.18051   -9.18928  6.56430   1.000 30.43000 ? 177 HIS A CE1 1 
ATOM   496  N NE2 . HIS A 1 68  ? 4.13335   -9.35440  5.66505   1.000 28.49000 ? 177 HIS A NE2 1 
ATOM   497  N N   . LEU A 1 69  ? -0.55527  -8.22007  0.99367   1.000 25.76000 ? 178 LEU A N   1 
ATOM   498  C CA  . LEU A 1 69  ? -1.32124  -7.36996  0.08547   1.000 24.14000 ? 178 LEU A CA  1 
ATOM   499  C C   . LEU A 1 69  ? -2.82227  -7.40636  0.33974   1.000 26.58000 ? 178 LEU A C   1 
ATOM   500  O O   . LEU A 1 69  ? -3.44242  -6.33109  0.30107   1.000 27.24000 ? 178 LEU A O   1 
ATOM   501  C CB  . LEU A 1 69  ? -0.98612  -7.74238  -1.36440  1.000 25.18000 ? 178 LEU A CB  1 
ATOM   502  C CG  . LEU A 1 69  ? 0.40680   -7.22983  -1.77934  1.000 24.95000 ? 178 LEU A CG  1 
ATOM   503  C CD1 . LEU A 1 69  ? 0.67979   -7.59584  -3.24140  1.000 25.04000 ? 178 LEU A CD1 1 
ATOM   504  C CD2 . LEU A 1 69  ? 0.57721   -5.73554  -1.52760  1.000 23.61000 ? 178 LEU A CD2 1 
ATOM   505  N N   . PRO A 1 70  ? -3.46522  -8.55628  0.58724   1.000 27.18000 ? 179 PRO A N   1 
ATOM   506  C CA  . PRO A 1 70  ? -4.90685  -8.51962  0.90607   1.000 26.81000 ? 179 PRO A CA  1 
ATOM   507  C C   . PRO A 1 70  ? -5.23730  -7.65511  2.11131   1.000 28.82000 ? 179 PRO A C   1 
ATOM   508  O O   . PRO A 1 70  ? -6.23163  -6.91855  2.09462   1.000 28.81000 ? 179 PRO A O   1 
ATOM   509  C CB  . PRO A 1 70  ? -5.23915  -10.00043 1.14744   1.000 32.03000 ? 179 PRO A CB  1 
ATOM   510  C CG  . PRO A 1 70  ? -4.31332  -10.72209 0.20649   1.000 31.01000 ? 179 PRO A CG  1 
ATOM   511  C CD  . PRO A 1 70  ? -2.99645  -9.94822  0.41090   1.000 28.65000 ? 179 PRO A CD  1 
ATOM   512  N N   . SER A 1 71  ? -4.40475  -7.70041  3.14860   1.000 26.61000 ? 180 SER A N   1 
ATOM   513  C CA  . SER A 1 71  ? -4.61542  -6.85797  4.31968   1.000 26.31000 ? 180 SER A CA  1 
ATOM   514  C C   . SER A 1 71  ? -4.44651  -5.38429  3.97403   1.000 27.01000 ? 180 SER A C   1 
ATOM   515  O O   . SER A 1 71  ? -5.24553  -4.54451  4.40036   1.000 26.60000 ? 180 SER A O   1 
ATOM   516  C CB  . SER A 1 71  ? -3.65021  -7.27710  5.43071   1.000 27.11000 ? 180 SER A CB  1 
ATOM   517  O OG  . SER A 1 71  ? -3.69711  -6.37723  6.51997   1.000 29.15000 ? 180 SER A OG  1 
ATOM   518  N N   . CYS A 1 72  ? -3.39438  -5.04484  3.22014   1.000 25.42000 ? 181 CYS A N   1 
ATOM   519  C CA  . CYS A 1 72  ? -3.18542  -3.65247  2.80716   1.000 25.01000 ? 181 CYS A CA  1 
ATOM   520  C C   . CYS A 1 72  ? -4.36193  -3.13054  1.99334   1.000 24.57000 ? 181 CYS A C   1 
ATOM   521  O O   . CYS A 1 72  ? -4.84511  -2.01375  2.21734   1.000 25.98000 ? 181 CYS A O   1 
ATOM   522  C CB  . CYS A 1 72  ? -1.91080  -3.53499  1.97349   1.000 21.64000 ? 181 CYS A CB  1 
ATOM   523  S SG  . CYS A 1 72  ? -0.42977  -3.68176  2.95644   1.000 25.60000 ? 181 CYS A SG  1 
ATOM   524  N N   . VAL A 1 73  ? -4.79377  -3.90646  0.99759   1.000 26.42000 ? 182 VAL A N   1 
ATOM   525  C CA  . VAL A 1 73  ? -5.88352  -3.46864  0.13260   1.000 26.03000 ? 182 VAL A CA  1 
ATOM   526  C C   . VAL A 1 73  ? -7.15731  -3.27325  0.95308   1.000 27.58000 ? 182 VAL A C   1 
ATOM   527  O O   . VAL A 1 73  ? -7.85661  -2.26333  0.81128   1.000 27.14000 ? 182 VAL A O   1 
ATOM   528  C CB  . VAL A 1 73  ? -6.07920  -4.47757  -1.01774  1.000 26.70000 ? 182 VAL A CB  1 
ATOM   529  C CG1 . VAL A 1 73  ? -7.40185  -4.23129  -1.75230  1.000 28.53000 ? 182 VAL A CG1 1 
ATOM   530  C CG2 . VAL A 1 73  ? -4.88812  -4.42188  -1.99839  1.000 25.26000 ? 182 VAL A CG2 1 
ATOM   531  N N   . ALA A 1 74  ? -7.45981  -4.21856  1.84471   1.000 26.90000 ? 183 ALA A N   1 
ATOM   532  C CA  . ALA A 1 74  ? -8.66445  -4.10754  2.66839   1.000 27.91000 ? 183 ALA A CA  1 
ATOM   533  C C   . ALA A 1 74  ? -8.60527  -2.90427  3.60474   1.000 27.12000 ? 183 ALA A C   1 
ATOM   534  O O   . ALA A 1 74  ? -9.62569  -2.24789  3.83996   1.000 28.21000 ? 183 ALA A O   1 
ATOM   535  C CB  . ALA A 1 74  ? -8.87282  -5.39355  3.47027   1.000 32.12000 ? 183 ALA A CB  1 
ATOM   536  N N   . TRP A 1 75  ? -7.41710  -2.58901  4.14610   1.000 26.18000 ? 184 TRP A N   1 
ATOM   537  C CA  . TRP A 1 75  ? -7.30944  -1.42853  5.03061   1.000 26.33000 ? 184 TRP A CA  1 
ATOM   538  C C   . TRP A 1 75  ? -7.55447  -0.12700  4.27333   1.000 26.40000 ? 184 TRP A C   1 
ATOM   539  O O   . TRP A 1 75  ? -8.23588  0.77774   4.77806   1.000 25.23000 ? 184 TRP A O   1 
ATOM   540  C CB  . TRP A 1 75  ? -5.93599  -1.39588  5.70797   1.000 26.22000 ? 184 TRP A CB  1 
ATOM   541  C CG  . TRP A 1 75  ? -5.86939  -0.47505  6.90247   1.000 26.91000 ? 184 TRP A CG  1 
ATOM   542  C CD1 . TRP A 1 75  ? -6.57743  -0.58733  8.06506   1.000 29.08000 ? 184 TRP A CD1 1 
ATOM   543  C CD2 . TRP A 1 75  ? -5.03362  0.68411   7.05169   1.000 27.66000 ? 184 TRP A CD2 1 
ATOM   544  N NE1 . TRP A 1 75  ? -6.23521  0.43336   8.92867   1.000 28.33000 ? 184 TRP A NE1 1 
ATOM   545  C CE2 . TRP A 1 75  ? -5.28600  1.22386   8.33008   1.000 27.89000 ? 184 TRP A CE2 1 
ATOM   546  C CE3 . TRP A 1 75  ? -4.08689  1.30987   6.23226   1.000 26.93000 ? 184 TRP A CE3 1 
ATOM   547  C CZ2 . TRP A 1 75  ? -4.62906  2.36873   8.80608   1.000 28.53000 ? 184 TRP A CZ2 1 
ATOM   548  C CZ3 . TRP A 1 75  ? -3.44057  2.44550   6.70259   1.000 25.87000 ? 184 TRP A CZ3 1 
ATOM   549  C CH2 . TRP A 1 75  ? -3.71355  2.96394   7.97912   1.000 27.88000 ? 184 TRP A CH2 1 
ATOM   550  N N   . ILE A 1 76  ? -6.98028  0.00847   3.07359   1.000 25.47000 ? 185 ILE A N   1 
ATOM   551  C CA  . ILE A 1 76  ? -7.22405  1.21266   2.28333   1.000 23.12000 ? 185 ILE A CA  1 
ATOM   552  C C   . ILE A 1 76  ? -8.71628  1.32611   1.96256   1.000 24.80000 ? 185 ILE A C   1 
ATOM   553  O O   . ILE A 1 76  ? -9.30064  2.41408   2.02360   1.000 25.82000 ? 185 ILE A O   1 
ATOM   554  C CB  . ILE A 1 76  ? -6.36991  1.20667   0.99848   1.000 24.22000 ? 185 ILE A CB  1 
ATOM   555  C CG1 . ILE A 1 76  ? -4.87115  1.30369   1.30761   1.000 25.03000 ? 185 ILE A CG1 1 
ATOM   556  C CG2 . ILE A 1 76  ? -6.77136  2.35782   0.06170   1.000 25.08000 ? 185 ILE A CG2 1 
ATOM   557  C CD1 . ILE A 1 76  ? -3.99983  0.79444   0.15485   1.000 24.72000 ? 185 ILE A CD1 1 
ATOM   558  N N   . LYS A 1 77  ? -9.35159  0.20482   1.63298   1.000 25.72000 ? 186 LYS A N   1 
ATOM   559  C CA  . LYS A 1 77  ? -10.78868 0.24024   1.36391   1.000 29.10000 ? 186 LYS A CA  1 
ATOM   560  C C   . LYS A 1 77  ? -11.56798 0.66717   2.60393   1.000 29.43000 ? 186 LYS A C   1 
ATOM   561  O O   . LYS A 1 77  ? -12.51225 1.46194   2.50963   1.000 32.25000 ? 186 LYS A O   1 
ATOM   562  C CB  . LYS A 1 77  ? -11.26873 -1.11818  0.86054   1.000 28.60000 ? 186 LYS A CB  1 
ATOM   563  C CG  . LYS A 1 77  ? -10.76012 -1.47018  -0.54572  1.000 37.54000 ? 186 LYS A CG  1 
ATOM   564  C CD  . LYS A 1 77  ? -11.25760 -2.83612  -1.02308  1.000 38.89000 ? 186 LYS A CD  1 
ATOM   565  C CE  . LYS A 1 77  ? -10.78587 -3.15079  -2.43689  1.000 37.69000 ? 186 LYS A CE  1 
ATOM   566  N NZ  . LYS A 1 77  ? -11.22832 -4.50908  -2.84251  1.000 41.30000 ? 186 LYS A NZ  1 
ATOM   567  N N   . GLU A 1 78  ? -11.17184 0.17464   3.77591   1.000 29.21000 ? 187 GLU A N   1 
ATOM   568  C CA  . GLU A 1 78  ? -11.85216 0.57516   5.00060   1.000 30.28000 ? 187 GLU A CA  1 
ATOM   569  C C   . GLU A 1 78  ? -11.77043 2.08249   5.19397   1.000 31.09000 ? 187 GLU A C   1 
ATOM   570  O O   . GLU A 1 78  ? -12.76972 2.72577   5.53842   1.000 33.25000 ? 187 GLU A O   1 
ATOM   571  C CB  . GLU A 1 78  ? -11.25634 -0.16242  6.19995   1.000 30.77000 ? 187 GLU A CB  1 
ATOM   572  C CG  . GLU A 1 78  ? -11.63871 0.40639   7.55674   1.000 33.35000 ? 187 GLU A CG  1 
ATOM   573  C CD  . GLU A 1 78  ? -10.97171 -0.33974  8.71532   1.000 36.34000 ? 187 GLU A CD  1 
ATOM   574  O OE1 . GLU A 1 78  ? -11.19676 -1.56406  8.85056   1.000 39.25000 ? 187 GLU A OE1 1 
ATOM   575  O OE2 . GLU A 1 78  ? -10.21653 0.28962   9.48778   1.000 38.76000 ? 187 GLU A OE2 1 
ATOM   576  N N   . ILE A 1 79  ? -10.59876 2.66858   4.92993   1.000 26.82000 ? 188 ILE A N   1 
ATOM   577  C CA  . ILE A 1 79  ? -10.41061 4.10150   5.12361   1.000 27.20000 ? 188 ILE A CA  1 
ATOM   578  C C   . ILE A 1 79  ? -11.21930 4.89615   4.10488   1.000 29.00000 ? 188 ILE A C   1 
ATOM   579  O O   . ILE A 1 79  ? -11.93477 5.84270   4.45538   1.000 28.73000 ? 188 ILE A O   1 
ATOM   580  C CB  . ILE A 1 79  ? -8.91739  4.45943   5.04440   1.000 26.85000 ? 188 ILE A CB  1 
ATOM   581  C CG1 . ILE A 1 79  ? -8.17443  3.91237   6.26685   1.000 27.35000 ? 188 ILE A CG1 1 
ATOM   582  C CG2 . ILE A 1 79  ? -8.74210  5.95976   4.91103   1.000 29.62000 ? 188 ILE A CG2 1 
ATOM   583  C CD1 . ILE A 1 79  ? -6.71145  3.64099   5.99448   1.000 28.81000 ? 188 ILE A CD1 1 
ATOM   584  N N   . LEU A 1 80  ? -11.09716 4.54322   2.82392   1.000 27.33000 ? 189 LEU A N   1 
ATOM   585  C CA  . LEU A 1 80  ? -11.71947 5.37524   1.80709   1.000 27.33000 ? 189 LEU A CA  1 
ATOM   586  C C   . LEU A 1 80  ? -13.23659 5.27048   1.86007   1.000 32.21000 ? 189 LEU A C   1 
ATOM   587  O O   . LEU A 1 80  ? -13.92311 6.25637   1.57630   1.000 31.78000 ? 189 LEU A O   1 
ATOM   588  C CB  . LEU A 1 80  ? -11.17956 5.01015   0.42798   1.000 28.76000 ? 189 LEU A CB  1 
ATOM   589  C CG  . LEU A 1 80  ? -9.67913  5.33314   0.25638   1.000 27.34000 ? 189 LEU A CG  1 
ATOM   590  C CD1 . LEU A 1 80  ? -9.22135  4.96826   -1.15196  1.000 28.83000 ? 189 LEU A CD1 1 
ATOM   591  C CD2 . LEU A 1 80  ? -9.38200  6.79155   0.55831   1.000 25.26000 ? 189 LEU A CD2 1 
ATOM   592  N N   . ASP A 1 81  ? -13.77247 4.10991   2.25238   1.000 31.02000 ? 190 ASP A N   1 
ATOM   593  C CA  . ASP A 1 81  ? -15.21588 3.99865   2.47393   1.000 35.05000 ? 190 ASP A CA  1 
ATOM   594  C C   . ASP A 1 81  ? -15.66068 4.90203   3.61419   1.000 37.73000 ? 190 ASP A C   1 
ATOM   595  O O   . ASP A 1 81  ? -16.68762 5.59010   3.52252   1.000 37.28000 ? 190 ASP A O   1 
ATOM   596  C CB  . ASP A 1 81  ? -15.60019 2.55245   2.79345   1.000 35.27000 ? 190 ASP A CB  1 
ATOM   597  C CG  . ASP A 1 81  ? -15.65758 1.64975   1.55391   1.000 40.25000 ? 190 ASP A CG  1 
ATOM   598  O OD1 . ASP A 1 81  ? -15.59696 2.15521   0.41117   1.000 43.19000 ? 190 ASP A OD1 1 
ATOM   599  O OD2 . ASP A 1 81  ? -15.79823 0.41500   1.73452   1.000 42.71000 ? 190 ASP A OD2 1 
ATOM   600  N N   . LEU A 1 82  ? -14.89111 4.91472   4.69653   1.000 33.99000 ? 191 LEU A N   1 
ATOM   601  C CA  . LEU A 1 82  ? -15.24487 5.70925   5.86150   1.000 35.75000 ? 191 LEU A CA  1 
ATOM   602  C C   . LEU A 1 82  ? -15.12650 7.19687   5.55490   1.000 39.39000 ? 191 LEU A C   1 
ATOM   603  O O   . LEU A 1 82  ? -15.98986 7.99251   5.94811   1.000 40.19000 ? 191 LEU A O   1 
ATOM   604  C CB  . LEU A 1 82  ? -14.35012 5.29557   7.03430   1.000 34.77000 ? 191 LEU A CB  1 
ATOM   605  C CG  . LEU A 1 82  ? -14.37850 6.10023   8.32422   1.000 39.44000 ? 191 LEU A CG  1 
ATOM   606  C CD1 . LEU A 1 82  ? -15.70529 5.87945   9.04173   1.000 42.50000 ? 191 LEU A CD1 1 
ATOM   607  C CD2 . LEU A 1 82  ? -13.21264 5.67929   9.20893   1.000 39.75000 ? 191 LEU A CD2 1 
ATOM   608  N N   . ARG A 1 83  ? -14.08183 7.58090   4.81340   1.000 35.89000 ? 192 ARG A N   1 
ATOM   609  C CA  . ARG A 1 83  ? -13.91416 8.96940   4.39577   1.000 35.98000 ? 192 ARG A CA  1 
ATOM   610  C C   . ARG A 1 83  ? -15.10422 9.45466   3.56830   1.000 40.14000 ? 192 ARG A C   1 
ATOM   611  O O   . ARG A 1 83  ? -15.52612 10.61196  3.70438   1.000 41.39000 ? 192 ARG A O   1 
ATOM   612  C CB  . ARG A 1 83  ? -12.61546 9.10403   3.60200   1.000 35.46000 ? 192 ARG A CB  1 
ATOM   613  C CG  . ARG A 1 83  ? -12.34456 10.46794  3.00658   1.000 33.18000 ? 192 ARG A CG  1 
ATOM   614  C CD  . ARG A 1 83  ? -10.99271 10.45003  2.29958   1.000 33.26000 ? 192 ARG A CD  1 
ATOM   615  N NE  . ARG A 1 83  ? -10.66365 11.71161  1.65412   1.000 36.38000 ? 192 ARG A NE  1 
ATOM   616  C CZ  . ARG A 1 83  ? -10.99499 12.02063  0.40612   1.000 34.07000 ? 192 ARG A CZ  1 
ATOM   617  N NH1 . ARG A 1 83  ? -11.68837 11.18380  -0.35266  1.000 33.94000 ? 192 ARG A NH1 1 
ATOM   618  N NH2 . ARG A 1 83  ? -10.62113 13.19492  -0.09121  1.000 35.57000 ? 192 ARG A NH2 1 
ATOM   619  N N   . GLN A 1 84  ? -15.67648 8.59127   2.72830   1.000 38.30000 ? 193 GLN A N   1 
ATOM   620  C CA  . GLN A 1 84  ? -16.81926 9.00763   1.87086   1.000 42.04000 ? 193 GLN A CA  1 
ATOM   621  C C   . GLN A 1 84  ? -18.07446 9.20016   2.72120   1.000 45.73000 ? 193 GLN A C   1 
ATOM   622  O O   . GLN A 1 84  ? -18.76849 10.19417  2.52754   1.000 48.23000 ? 193 GLN A O   1 
ATOM   623  C CB  . GLN A 1 84  ? -17.14425 7.99102   0.78149   1.000 40.93000 ? 193 GLN A CB  1 
ATOM   624  C CG  . GLN A 1 84  ? -18.27305 8.43828   -0.13470  1.000 42.16000 ? 193 GLN A CG  1 
ATOM   625  C CD  . GLN A 1 84  ? -18.42905 7.56320   -1.35254  1.000 43.86000 ? 193 GLN A CD  1 
ATOM   626  O OE1 . GLN A 1 84  ? -17.59968 6.70282   -1.63288  1.000 45.29000 ? 193 GLN A OE1 1 
ATOM   627  N NE2 . GLN A 1 84  ? -19.49910 7.78873   -2.09534  1.000 41.85000 ? 193 GLN A NE2 1 
ATOM   628  N N   . LYS A 1 85  ? -18.34802 8.26256   3.61508   1.000 46.94000 ? 194 LYS A N   1 
ATOM   629  C CA  . LYS A 1 85  ? -19.54953 8.34129   4.48343   1.000 50.30000 ? 194 LYS A CA  1 
ATOM   630  C C   . LYS A 1 85  ? -19.45901 9.60589   5.33964   1.000 55.39000 ? 194 LYS A C   1 
ATOM   631  O O   . LYS A 1 85  ? -20.50238 10.22724  5.58848   1.000 58.15000 ? 194 LYS A O   1 
ATOM   632  C CB  . LYS A 1 85  ? -19.62304 7.06484   5.31852   1.000 51.90000 ? 194 LYS A CB  1 
ATOM   633  C CG  . LYS A 1 85  ? -20.90273 6.87263   6.11588   1.000 61.05000 ? 194 LYS A CG  1 
ATOM   634  C CD  . LYS A 1 85  ? -20.80786 5.73608   7.10506   1.000 64.57000 ? 194 LYS A CD  1 
ATOM   635  C CE  . LYS A 1 85  ? -22.09408 5.50293   7.86952   1.000 66.64000 ? 194 LYS A CE  1 
ATOM   636  N NZ  . LYS A 1 85  ? -21.93667 4.43892   8.88825   1.000 64.55000 ? 194 LYS A NZ  1 
ATOM   637  N N   . ALA A 1 86  ? -18.25357 9.97189   5.76544   1.000 49.86000 ? 195 ALA A N   1 
ATOM   638  C CA  . ALA A 1 86  ? -18.04349 11.18531  6.58612   1.000 52.20000 ? 195 ALA A CA  1 
ATOM   639  C C   . ALA A 1 86  ? -18.40937 12.44401  5.79897   1.000 55.58000 ? 195 ALA A C   1 
ATOM   640  O O   . ALA A 1 86  ? -18.86929 13.41213  6.41681   1.000 56.56000 ? 195 ALA A O   1 
ATOM   641  C CB  . ALA A 1 86  ? -16.62480 11.24780  7.06790   1.000 46.51000 ? 195 ALA A CB  1 
ATOM   642  N N   . ALA A 1 87  ? -18.11603 12.45526  4.50356   1.000 56.57000 ? 196 ALA A N   1 
ATOM   643  C CA  . ALA A 1 87  ? -18.50409 13.60758  3.66617   1.000 56.77000 ? 196 ALA A CA  1 
ATOM   644  C C   . ALA A 1 87  ? -20.03136 13.69859  3.60759   1.000 60.84000 ? 196 ALA A C   1 
ATOM   645  O O   . ALA A 1 87  ? -20.51998 14.21779  2.59981   1.000 66.67000 ? 196 ALA A O   1 
ATOM   646  C CB  . ALA A 1 87  ? -17.90033 13.45800  2.29705   1.000 55.80000 ? 196 ALA A CB  1 
ATOM   647  N N   . ARG A 1 104 ? -15.03068 -5.48192  11.21672  1.000 57.36000 ? 213 ARG A N   1 
ATOM   648  C CA  . ARG A 1 104 ? -13.84503 -5.17787  10.39361  1.000 48.32000 ? 213 ARG A CA  1 
ATOM   649  C C   . ARG A 1 104 ? -13.62349 -6.29639  9.38427   1.000 48.93000 ? 213 ARG A C   1 
ATOM   650  O O   . ARG A 1 104 ? -13.93616 -7.45051  9.69891   1.000 49.37000 ? 213 ARG A O   1 
ATOM   651  C CB  . ARG A 1 104 ? -12.62564 -5.06463  11.30312  1.000 49.92000 ? 213 ARG A CB  1 
ATOM   652  C CG  . ARG A 1 104 ? -11.43160 -4.35012  10.69733  1.000 45.11000 ? 213 ARG A CG  1 
ATOM   653  C CD  . ARG A 1 104 ? -10.75238 -3.56060  11.79109  1.000 43.12000 ? 213 ARG A CD  1 
ATOM   654  N NE  . ARG A 1 104 ? -9.92428  -2.51133  11.23549  1.000 40.44000 ? 213 ARG A NE  1 
ATOM   655  C CZ  . ARG A 1 104 ? -8.61819  -2.43245  11.41200  1.000 39.36000 ? 213 ARG A CZ  1 
ATOM   656  N NH1 . ARG A 1 104 ? -7.99296  -3.34346  12.13552  1.000 37.73000 ? 213 ARG A NH1 1 
ATOM   657  N NH2 . ARG A 1 104 ? -7.94522  -1.44037  10.86910  1.000 36.40000 ? 213 ARG A NH2 1 
ATOM   658  N N   . SER A 1 105 ? -13.09578 -5.94719  8.21632   1.000 47.26000 ? 214 SER A N   1 
ATOM   659  C CA  . SER A 1 105 ? -12.75434 -6.98201  7.22141   1.000 44.05000 ? 214 SER A CA  1 
ATOM   660  C C   . SER A 1 105 ? -11.87459 -8.04504  7.88670   1.000 44.47000 ? 214 SER A C   1 
ATOM   661  O O   . SER A 1 105 ? -10.90000 -7.65300  8.53308   1.000 42.78000 ? 214 SER A O   1 
ATOM   662  C CB  . SER A 1 105 ? -12.07713 -6.45125  5.99697   1.000 43.22000 ? 214 SER A CB  1 
ATOM   663  O OG  . SER A 1 105 ? -11.41155 -7.49317  5.30687   1.000 41.40000 ? 214 SER A OG  1 
ATOM   664  N N   . PRO A 1 106 ? -12.14658 -9.36494  7.76150   1.000 44.45000 ? 215 PRO A N   1 
ATOM   665  C CA  . PRO A 1 106 ? -11.22467 -10.35373 8.33713   1.000 45.80000 ? 215 PRO A CA  1 
ATOM   666  C C   . PRO A 1 106 ? -9.85535  -10.37874 7.66935   1.000 42.40000 ? 215 PRO A C   1 
ATOM   667  O O   . PRO A 1 106 ? -8.92923  -10.95591 8.24569   1.000 41.95000 ? 215 PRO A O   1 
ATOM   668  C CB  . PRO A 1 106 ? -11.97466 -11.67739 8.13904   1.000 43.47000 ? 215 PRO A CB  1 
ATOM   669  C CG  . PRO A 1 106 ? -12.81766 -11.43348 6.92737   1.000 44.73000 ? 215 PRO A CG  1 
ATOM   670  C CD  . PRO A 1 106 ? -13.25261 -9.99849  7.02155   1.000 47.34000 ? 215 PRO A CD  1 
ATOM   671  N N   . ASP A 1 107 ? -9.69657  -9.77577  6.48033   1.000 43.59000 ? 216 ASP A N   1 
ATOM   672  C CA  . ASP A 1 107 ? -8.39203  -9.74332  5.81753   1.000 42.80000 ? 216 ASP A CA  1 
ATOM   673  C C   . ASP A 1 107 ? -7.38215  -8.83307  6.50897   1.000 36.93000 ? 216 ASP A C   1 
ATOM   674  O O   . ASP A 1 107 ? -6.18169  -8.97607  6.25133   1.000 40.53000 ? 216 ASP A O   1 
ATOM   675  C CB  . ASP A 1 107 ? -8.51136  -9.28055  4.36001   1.000 40.58000 ? 216 ASP A CB  1 
ATOM   676  C CG  . ASP A 1 107 ? -9.39451  -10.16729 3.52906   1.000 46.21000 ? 216 ASP A CG  1 
ATOM   677  O OD1 . ASP A 1 107 ? -9.91886  -11.16455 4.06993   1.000 53.06000 ? 216 ASP A OD1 1 
ATOM   678  O OD2 . ASP A 1 107 ? -9.56531  -9.85391  2.32641   1.000 48.87000 ? 216 ASP A OD2 1 
ATOM   679  N N   . ILE A 1 108 ? -7.82085  -7.90597  7.35760   1.000 34.73000 ? 217 ILE A N   1 
ATOM   680  C CA  . ILE A 1 108 ? -6.93486  -6.85892  7.86716   1.000 31.87000 ? 217 ILE A CA  1 
ATOM   681  C C   . ILE A 1 108 ? -6.14900  -7.36596  9.07219   1.000 37.06000 ? 217 ILE A C   1 
ATOM   682  O O   . ILE A 1 108 ? -6.73042  -7.78719  10.07658  1.000 38.74000 ? 217 ILE A O   1 
ATOM   683  C CB  . ILE A 1 108 ? -7.72073  -5.59217  8.22440   1.000 34.49000 ? 217 ILE A CB  1 
ATOM   684  C CG1 . ILE A 1 108 ? -8.39288  -5.01352  6.97496   1.000 32.56000 ? 217 ILE A CG1 1 
ATOM   685  C CG2 . ILE A 1 108 ? -6.80502  -4.56492  8.89872   1.000 33.06000 ? 217 ILE A CG2 1 
ATOM   686  C CD1 . ILE A 1 108 ? -9.36105  -3.91296  7.26853   1.000 33.92000 ? 217 ILE A CD1 1 
ATOM   687  N N   . ASP A 1 109 ? -4.82014  -7.29683  8.97633   1.000 33.01000 ? 218 ASP A N   1 
ATOM   688  C CA  . ASP A 1 109 ? -3.93186  -7.59793  10.09786  1.000 33.88000 ? 218 ASP A CA  1 
ATOM   689  C C   . ASP A 1 109 ? -4.31610  -6.78685  11.32873  1.000 33.61000 ? 218 ASP A C   1 
ATOM   690  O O   . ASP A 1 109 ? -4.61010  -5.59425  11.24055  1.000 33.52000 ? 218 ASP A O   1 
ATOM   691  C CB  . ASP A 1 109 ? -2.49417  -7.27721  9.68669   1.000 35.52000 ? 218 ASP A CB  1 
ATOM   692  C CG  . ASP A 1 109 ? -1.45534  -7.88896  10.60449  1.000 39.77000 ? 218 ASP A CG  1 
ATOM   693  O OD1 . ASP A 1 109 ? -1.55952  -7.74193  11.84292  1.000 39.62000 ? 218 ASP A OD1 1 
ATOM   694  O OD2 . ASP A 1 109 ? -0.50655  -8.49954  10.06994  1.000 44.78000 ? 218 ASP A OD2 1 
ATOM   695  N N   . THR A 1 110 ? -4.26523  -7.42426  12.50352  1.000 37.92000 ? 219 THR A N   1 
ATOM   696  C CA  . THR A 1 110 ? -4.67096  -6.70815  13.70853  1.000 38.25000 ? 219 THR A CA  1 
ATOM   697  C C   . THR A 1 110 ? -3.71922  -5.56504  14.07356  1.000 37.45000 ? 219 THR A C   1 
ATOM   698  O O   . THR A 1 110 ? -4.10963  -4.67058  14.83050  1.000 37.81000 ? 219 THR A O   1 
ATOM   699  C CB  . THR A 1 110 ? -4.80820  -7.68474  14.88264  1.000 42.21000 ? 219 THR A CB  1 
ATOM   700  O OG1 . THR A 1 110 ? -3.56011  -8.34169  15.10256  1.000 43.06000 ? 219 THR A OG1 1 
ATOM   701  C CG2 . THR A 1 110 ? -5.86882  -8.73457  14.56860  1.000 43.24000 ? 219 THR A CG2 1 
ATOM   702  N N   . VAL A 1 111 ? -2.49444  -5.53198  13.53894  1.000 36.37000 ? 220 VAL A N   1 
ATOM   703  C CA  . VAL A 1 111 ? -1.64430  -4.37265  13.81380  1.000 35.50000 ? 220 VAL A CA  1 
ATOM   704  C C   . VAL A 1 111 ? -2.10950  -3.10609  13.10956  1.000 34.71000 ? 220 VAL A C   1 
ATOM   705  O O   . VAL A 1 111 ? -1.62809  -2.01528  13.44040  1.000 35.25000 ? 220 VAL A O   1 
ATOM   706  C CB  . VAL A 1 111 ? -0.16781  -4.65332  13.46440  1.000 38.08000 ? 220 VAL A CB  1 
ATOM   707  C CG1 . VAL A 1 111 ? 0.26248   -5.99180  14.03909  1.000 41.46000 ? 220 VAL A CG1 1 
ATOM   708  C CG2 . VAL A 1 111 ? 0.01922   -4.65381  11.95304  1.000 35.36000 ? 220 VAL A CG2 1 
ATOM   709  N N   . ALA A 1 112 ? -3.03303  -3.20436  12.15018  1.000 33.68000 ? 221 ALA A N   1 
ATOM   710  C CA  . ALA A 1 112 ? -3.53469  -2.01379  11.47504  1.000 33.78000 ? 221 ALA A CA  1 
ATOM   711  C C   . ALA A 1 112 ? -4.55180  -1.31774  12.37236  1.000 34.52000 ? 221 ALA A C   1 
ATOM   712  O O   . ALA A 1 112 ? -5.60137  -1.89086  12.68952  1.000 37.71000 ? 221 ALA A O   1 
ATOM   713  C CB  . ALA A 1 112 ? -4.16175  -2.38065  10.12975  1.000 31.42000 ? 221 ALA A CB  1 
ATOM   714  N N   . GLN A 1 113 ? -4.25989  -0.08263  12.76334  1.000 31.33000 ? 222 GLN A N   1 
ATOM   715  C CA  . GLN A 1 113 ? -5.18335  0.64588   13.61916  1.000 32.25000 ? 222 GLN A CA  1 
ATOM   716  C C   . GLN A 1 113 ? -6.49954  0.91675   12.88286  1.000 36.12000 ? 222 GLN A C   1 
ATOM   717  O O   . GLN A 1 113 ? -6.52982  0.98929   11.64734  1.000 33.27000 ? 222 GLN A O   1 
ATOM   718  C CB  . GLN A 1 113 ? -4.54845  1.95126   14.08663  1.000 32.07000 ? 222 GLN A CB  1 
ATOM   719  C CG  . GLN A 1 113 ? -3.40956  1.71143   15.07981  1.000 32.15000 ? 222 GLN A CG  1 
ATOM   720  C CD  . GLN A 1 113 ? -2.82273  2.98213   15.62533  1.000 34.79000 ? 222 GLN A CD  1 
ATOM   721  O OE1 . GLN A 1 113 ? -2.59761  3.94099   14.89546  1.000 32.04000 ? 222 GLN A OE1 1 
ATOM   722  N NE2 . GLN A 1 113 ? -2.54648  2.99546   16.93401  1.000 37.24000 ? 222 GLN A NE2 1 
ATOM   723  N N   . PRO A 1 114 ? -7.60484  1.03713   13.61830  1.000 32.62000 ? 223 PRO A N   1 
ATOM   724  C CA  . PRO A 1 114 ? -8.89131  1.36131   12.98722  1.000 35.62000 ? 223 PRO A CA  1 
ATOM   725  C C   . PRO A 1 114 ? -8.81506  2.62368   12.13625  1.000 33.75000 ? 223 PRO A C   1 
ATOM   726  O O   . PRO A 1 114 ? -8.36282  3.67964   12.59067  1.000 32.72000 ? 223 PRO A O   1 
ATOM   727  C CB  . PRO A 1 114 ? -9.83235  1.54080   14.18716  1.000 34.71000 ? 223 PRO A CB  1 
ATOM   728  C CG  . PRO A 1 114 ? -9.21172  0.72027   15.26656  1.000 35.27000 ? 223 PRO A CG  1 
ATOM   729  C CD  . PRO A 1 114 ? -7.73376  0.86379   15.07988  1.000 36.12000 ? 223 PRO A CD  1 
ATOM   730  N N   . GLY A 1 115 ? -9.27061  2.50994   10.88996  1.000 34.58000 ? 224 GLY A N   1 
ATOM   731  C CA  . GLY A 1 115 ? -9.21519  3.65032   9.98802   1.000 32.91000 ? 224 GLY A CA  1 
ATOM   732  C C   . GLY A 1 115 ? -9.96930  4.84691   10.54135  1.000 34.35000 ? 224 GLY A C   1 
ATOM   733  O O   . GLY A 1 115 ? -11.00938 4.70631   11.18813  1.000 36.27000 ? 224 GLY A O   1 
ATOM   734  N N   . LYS A 1 116 ? -9.43461  6.03774   10.27345  1.000 32.23000 ? 225 LYS A N   1 
ATOM   735  C CA  . LYS A 1 116 ? -9.99898  7.33283   10.62745  1.000 34.73000 ? 225 LYS A CA  1 
ATOM   736  C C   . LYS A 1 116 ? -10.58494 8.01325   9.38478   1.000 37.50000 ? 225 LYS A C   1 
ATOM   737  O O   . LYS A 1 116 ? -10.13724 7.74990   8.26193   1.000 36.11000 ? 225 LYS A O   1 
ATOM   738  C CB  . LYS A 1 116 ? -8.92580  8.23676   11.24338  1.000 32.68000 ? 225 LYS A CB  1 
ATOM   739  C CG  . LYS A 1 116 ? -8.60647  7.90853   12.69392  1.000 33.92000 ? 225 LYS A CG  1 
ATOM   740  C CD  . LYS A 1 116 ? -7.59170  8.89069   13.23234  1.000 33.92000 ? 225 LYS A CD  1 
ATOM   741  C CE  . LYS A 1 116 ? -6.89893  8.35056   14.47832  1.000 37.31000 ? 225 LYS A CE  1 
ATOM   742  N NZ  . LYS A 1 116 ? -7.89658  7.78778   15.43084  1.000 39.28000 ? 225 LYS A NZ  1 
ATOM   743  N N   . PRO A 1 117 ? -11.60532 8.89905   9.54251   1.000 38.29000 ? 226 PRO A N   1 
ATOM   744  C CA  . PRO A 1 117 ? -12.22811 9.55601   8.36521   1.000 40.33000 ? 226 PRO A CA  1 
ATOM   745  C C   . PRO A 1 117 ? -11.37817 10.63619  7.69789   1.000 41.24000 ? 226 PRO A C   1 
ATOM   746  O O   . PRO A 1 117 ? -11.52172 11.84927  7.90899   1.000 45.70000 ? 226 PRO A O   1 
ATOM   747  C CB  . PRO A 1 117 ? -13.52493 10.13983  8.94490   1.000 40.68000 ? 226 PRO A CB  1 
ATOM   748  C CG  . PRO A 1 117 ? -13.61423 9.65264   10.36990  1.000 41.04000 ? 226 PRO A CG  1 
ATOM   749  C CD  . PRO A 1 117 ? -12.22812 9.32961   10.79867  1.000 39.58000 ? 226 PRO A CD  1 
ATOM   750  N N   . GLY A 1 118 ? -10.47065 10.19221  6.84104   1.000 35.25000 ? 227 GLY A N   1 
ATOM   751  C CA  . GLY A 1 118 ? -9.67203  11.10646  6.05575   1.000 32.60000 ? 227 GLY A CA  1 
ATOM   752  C C   . GLY A 1 118 ? -8.84133  10.32427  5.06545   1.000 30.89000 ? 227 GLY A C   1 
ATOM   753  O O   . GLY A 1 118 ? -9.00527  9.11281   4.91730   1.000 31.96000 ? 227 GLY A O   1 
ATOM   754  N N   . GLY A 1 119 ? -7.94091  11.03442  4.39397   1.000 29.06000 ? 228 GLY A N   1 
ATOM   755  C CA  . GLY A 1 119 ? -7.07482  10.41272  3.41722   1.000 30.50000 ? 228 GLY A CA  1 
ATOM   756  C C   . GLY A 1 119 ? -6.05465  9.47839   4.05436   1.000 28.30000 ? 228 GLY A C   1 
ATOM   757  O O   . GLY A 1 119 ? -5.87965  9.41752   5.27526   1.000 27.91000 ? 228 GLY A O   1 
ATOM   758  N N   . VAL A 1 120 ? -5.38496  8.70590   3.19980   1.000 27.73000 ? 229 VAL A N   1 
ATOM   759  C CA  . VAL A 1 120 ? -4.34812  7.77558   3.63104   1.000 25.59000 ? 229 VAL A CA  1 
ATOM   760  C C   . VAL A 1 120 ? -3.10295  8.00644   2.78815   1.000 27.21000 ? 229 VAL A C   1 
ATOM   761  O O   . VAL A 1 120 ? -3.18942  8.16699   1.56406   1.000 24.54000 ? 229 VAL A O   1 
ATOM   762  C CB  . VAL A 1 120 ? -4.80352  6.30095   3.55347   1.000 28.25000 ? 229 VAL A CB  1 
ATOM   763  C CG1 . VAL A 1 120 ? -5.42049  5.95560   2.20824   1.000 26.74000 ? 229 VAL A CG1 1 
ATOM   764  C CG2 . VAL A 1 120 ? -3.63788  5.35893   3.85148   1.000 26.44000 ? 229 VAL A CG2 1 
ATOM   765  N N   . LEU A 1 121 ? -1.94793  8.05795   3.44449   1.000 25.52000 ? 230 LEU A N   1 
ATOM   766  C CA  . LEU A 1 121 ? -0.66590  8.08464   2.76156   1.000 24.09000 ? 230 LEU A CA  1 
ATOM   767  C C   . LEU A 1 121 ? -0.04682  6.70523   2.88995   1.000 23.13000 ? 230 LEU A C   1 
ATOM   768  O O   . LEU A 1 121 ? 0.06790   6.16900   4.00665   1.000 23.62000 ? 230 LEU A O   1 
ATOM   769  C CB  . LEU A 1 121 ? 0.26299   9.14816   3.35524   1.000 24.55000 ? 230 LEU A CB  1 
ATOM   770  C CG  . LEU A 1 121 ? 1.73904   8.94777   3.01891   1.000 24.05000 ? 230 LEU A CG  1 
ATOM   771  C CD1 . LEU A 1 121 ? 1.96183   9.36790   1.57462   1.000 24.93000 ? 230 LEU A CD1 1 
ATOM   772  C CD2 . LEU A 1 121 ? 2.62160   9.75170   3.98489   1.000 26.61000 ? 230 LEU A CD2 1 
ATOM   773  N N   . VAL A 1 122 ? 0.32952   6.12224   1.76005   1.000 21.94000 ? 231 VAL A N   1 
ATOM   774  C CA  . VAL A 1 122 ? 1.10999   4.88865   1.73047   1.000 22.89000 ? 231 VAL A CA  1 
ATOM   775  C C   . VAL A 1 122 ? 2.54776   5.28278   1.43716   1.000 23.77000 ? 231 VAL A C   1 
ATOM   776  O O   . VAL A 1 122 ? 2.81684   5.89290   0.40323   1.000 22.66000 ? 231 VAL A O   1 
ATOM   777  C CB  . VAL A 1 122 ? 0.59350   3.90881   0.66943   1.000 22.43000 ? 231 VAL A CB  1 
ATOM   778  C CG1 . VAL A 1 122 ? 1.39783   2.60879   0.73279   1.000 22.98000 ? 231 VAL A CG1 1 
ATOM   779  C CG2 . VAL A 1 122 ? -0.90973  3.66277   0.84260   1.000 23.42000 ? 231 VAL A CG2 1 
ATOM   780  N N   . HIS A 1 123 ? 3.45034   4.94792   2.35193   1.000 23.93000 ? 232 HIS A N   1 
ATOM   781  C CA  . HIS A 1 123 ? 4.83913   5.41902   2.17919   1.000 23.76000 ? 232 HIS A CA  1 
ATOM   782  C C   . HIS A 1 123 ? 5.89868   4.39070   2.53924   1.000 25.01000 ? 232 HIS A C   1 
ATOM   783  O O   . HIS A 1 123 ? 5.58696   3.44129   3.24480   1.000 22.99000 ? 232 HIS A O   1 
ATOM   784  C CB  . HIS A 1 123 ? 5.09163   6.68874   2.99810   1.000 24.35000 ? 232 HIS A CB  1 
ATOM   785  C CG  . HIS A 1 123 ? 5.59813   6.42777   4.37386   1.000 24.25000 ? 232 HIS A CG  1 
ATOM   786  N ND1 . HIS A 1 123 ? 6.93988   6.41076   4.67877   1.000 23.10000 ? 232 HIS A ND1 1 
ATOM   787  C CD2 . HIS A 1 123 ? 4.95059   6.16351   5.52279   1.000 24.68000 ? 232 HIS A CD2 1 
ATOM   788  C CE1 . HIS A 1 123 ? 7.09966   6.13317   5.94854   1.000 25.02000 ? 232 HIS A CE1 1 
ATOM   789  N NE2 . HIS A 1 123 ? 5.89697   5.99940   6.48850   1.000 26.06000 ? 232 HIS A NE2 1 
ATOM   790  N N   . CYS A 1 124 ? 7.08974   4.58931   1.98555   1.000 23.76000 ? 233 CYS A N   1 
ATOM   791  C CA  . CYS A 1 124 ? 8.26264   3.80079   2.39662   1.000 23.68000 ? 233 CYS A CA  1 
ATOM   792  C C   . CYS A 1 124 ? 9.38042   4.84383   2.53128   1.000 25.12000 ? 233 CYS A C   1 
ATOM   793  O O   . CYS A 1 124 ? 9.06261   5.98998   2.79120   1.000 25.96000 ? 233 CYS A O   1 
ATOM   794  C CB  . CYS A 1 124 ? 8.58291   2.64326   1.46228   1.000 26.09000 ? 233 CYS A CB  1 
ATOM   795  S SG  . CYS A 1 124 ? 8.83611   3.08241   -0.27460  1.000 25.98000 ? 233 CYS A SG  1 
ATOM   796  N N   . GLN A 1 125 ? 10.63163  4.46715   2.36764   1.000 24.44000 ? 234 GLN A N   1 
ATOM   797  C CA  . GLN A 1 125 ? 11.69035  5.48167   2.55259   1.000 27.60000 ? 234 GLN A CA  1 
ATOM   798  C C   . GLN A 1 125 ? 11.77663  6.35894   1.30335   1.000 28.89000 ? 234 GLN A C   1 
ATOM   799  O O   . GLN A 1 125 ? 11.90196  7.56635   1.46278   1.000 25.97000 ? 234 GLN A O   1 
ATOM   800  C CB  . GLN A 1 125 ? 13.01681  4.78792   2.84620   1.000 29.06000 ? 234 GLN A CB  1 
ATOM   801  C CG  . GLN A 1 125 ? 14.19133  5.72989   3.02413   1.000 31.40000 ? 234 GLN A CG  1 
ATOM   802  C CD  . GLN A 1 125 ? 15.43229  5.08309   2.47168   1.000 38.99000 ? 234 GLN A CD  1 
ATOM   803  O OE1 . GLN A 1 125 ? 16.06316  5.59547   1.55412   1.000 43.02000 ? 234 GLN A OE1 1 
ATOM   804  N NE2 . GLN A 1 125 ? 15.77660  3.93099   3.01952   1.000 39.19000 ? 234 GLN A NE2 1 
ATOM   805  N N   . ALA A 1 126 ? 11.67871  5.75299   0.11943   1.000 26.83000 ? 235 ALA A N   1 
ATOM   806  C CA  . ALA A 1 126 ? 11.83281  6.49802   -1.12200  1.000 27.05000 ? 235 ALA A CA  1 
ATOM   807  C C   . ALA A 1 126 ? 10.53597  6.68098   -1.90591  1.000 26.45000 ? 235 ALA A C   1 
ATOM   808  O O   . ALA A 1 126 ? 10.50502  7.49264   -2.83639  1.000 26.85000 ? 235 ALA A O   1 
ATOM   809  C CB  . ALA A 1 126 ? 12.86477  5.80459   -2.02192  1.000 30.34000 ? 235 ALA A CB  1 
ATOM   810  N N   . GLY A 1 127 ? 9.46289   5.98454   -1.54839  1.000 25.52000 ? 236 GLY A N   1 
ATOM   811  C CA  . GLY A 1 127 ? 8.22551   6.15707   -2.29779  1.000 24.12000 ? 236 GLY A CA  1 
ATOM   812  C C   . GLY A 1 127 ? 8.25817   5.59865   -3.70639  1.000 26.08000 ? 236 GLY A C   1 
ATOM   813  O O   . GLY A 1 127 ? 7.60901   6.15883   -4.60155  1.000 26.60000 ? 236 GLY A O   1 
ATOM   814  N N   . MET A 1 128 ? 8.97401   4.48988   -3.92615  1.000 25.72000 ? 237 MET A N   1 
ATOM   815  C CA  . MET A 1 128 ? 9.12803   3.94551   -5.27441  1.000 26.60000 ? 237 MET A CA  1 
ATOM   816  C C   . MET A 1 128 ? 8.75630   2.47747   -5.41237  1.000 27.52000 ? 237 MET A C   1 
ATOM   817  O O   . MET A 1 128 ? 8.26959   2.06553   -6.46990  1.000 27.52000 ? 237 MET A O   1 
ATOM   818  C CB  . MET A 1 128 ? 10.57155  4.14496   -5.74510  1.000 26.27000 ? 237 MET A CB  1 
ATOM   819  C CG  . MET A 1 128 ? 10.94231  5.59901   -5.83237  1.000 30.37000 ? 237 MET A CG  1 
ATOM   820  S SD  . MET A 1 128 ? 12.68131  5.85835   -6.25039  1.000 36.54000 ? 237 MET A SD  1 
ATOM   821  C CE  . MET A 1 128 ? 13.04912  4.56334   -7.45258  1.000 33.24000 ? 237 MET A CE  1 
ATOM   822  N N   . SER A 1 129 ? 8.96356   1.68217   -4.36217  1.000 25.96000 ? 238 SER A N   1 
ATOM   823  C CA  . SER A 1 129 ? 8.93701   0.22970   -4.48886  1.000 26.19000 ? 238 SER A CA  1 
ATOM   824  C C   . SER A 1 129 ? 7.90361   -0.40796  -3.56334  1.000 26.14000 ? 238 SER A C   1 
ATOM   825  O O   . SER A 1 129 ? 6.86248   -0.85564  -4.04844  1.000 24.29000 ? 238 SER A O   1 
ATOM   826  C CB  . SER A 1 129 ? 10.33444  -0.33638  -4.24368  1.000 28.44000 ? 238 SER A CB  1 
ATOM   827  O OG  . SER A 1 129 ? 10.34808  -1.71400  -4.55159  1.000 27.08000 ? 238 SER A OG  1 
ATOM   828  N N   . ARG A 1 130 ? 8.16911   -0.49173  -2.25586  1.000 23.96000 ? 239 ARG A N   1 
ATOM   829  C CA  . ARG A 1 130 ? 7.17151   -0.99812  -1.31738  1.000 21.58000 ? 239 ARG A CA  1 
ATOM   830  C C   . ARG A 1 130 ? 5.85349   -0.24124  -1.45216  1.000 24.23000 ? 239 ARG A C   1 
ATOM   831  O O   . ARG A 1 130 ? 4.79054   -0.83439  -1.67868  1.000 24.37000 ? 239 ARG A O   1 
ATOM   832  C CB  . ARG A 1 130 ? 7.71143   -0.87492  0.11569   1.000 22.99000 ? 239 ARG A CB  1 
ATOM   833  C CG  . ARG A 1 130 ? 8.63740   -1.99923  0.50043   1.000 23.73000 ? 239 ARG A CG  1 
ATOM   834  C CD  . ARG A 1 130 ? 9.30104   -1.70695  1.87799   1.000 22.51000 ? 239 ARG A CD  1 
ATOM   835  N NE  . ARG A 1 130 ? 10.24856  -0.60631  1.74055   1.000 24.91000 ? 239 ARG A NE  1 
ATOM   836  C CZ  . ARG A 1 130 ? 11.11735  -0.25326  2.68079   1.000 27.52000 ? 239 ARG A CZ  1 
ATOM   837  N NH1 . ARG A 1 130 ? 11.16502  -0.87341  3.84509   1.000 25.90000 ? 239 ARG A NH1 1 
ATOM   838  N NH2 . ARG A 1 130 ? 11.93874  0.76959   2.45451   1.000 27.71000 ? 239 ARG A NH2 1 
ATOM   839  N N   . SER A 1 131 ? 5.91061   1.08487   -1.32029  1.000 22.83000 ? 240 SER A N   1 
ATOM   840  C CA  . SER A 1 131 ? 4.69225   1.86929   -1.24962  1.000 22.88000 ? 240 SER A CA  1 
ATOM   841  C C   . SER A 1 131 ? 3.96438   1.85842   -2.59469  1.000 24.51000 ? 240 SER A C   1 
ATOM   842  O O   . SER A 1 131 ? 2.74349   1.67342   -2.63908  1.000 23.61000 ? 240 SER A O   1 
ATOM   843  C CB  . SER A 1 131 ? 5.02237   3.29398   -0.80957  1.000 24.49000 ? 240 SER A CB  1 
ATOM   844  O OG  . SER A 1 131 ? 6.03485   3.85656   -1.64852  1.000 27.88000 ? 240 SER A OG  1 
ATOM   845  N N   . ALA A 1 132 ? 4.70050   2.02861   -3.69799  1.000 22.42000 ? 241 ALA A N   1 
ATOM   846  C CA  . ALA A 1 132 ? 4.05695   2.01230   -5.00729  1.000 22.03000 ? 241 ALA A CA  1 
ATOM   847  C C   . ALA A 1 132 ? 3.43729   0.64986   -5.29061  1.000 24.45000 ? 241 ALA A C   1 
ATOM   848  O O   . ALA A 1 132 ? 2.36644   0.56712   -5.91082  1.000 23.41000 ? 241 ALA A O   1 
ATOM   849  C CB  . ALA A 1 132 ? 5.06371   2.39444   -6.09648  1.000 23.53000 ? 241 ALA A CB  1 
ATOM   850  N N   . SER A 1 133 ? 4.07539   -0.43132  -4.82315  1.000 22.44000 ? 242 SER A N   1 
ATOM   851  C CA  . SER A 1 133 ? 3.52807   -1.76451  -5.08842  1.000 25.81000 ? 242 SER A CA  1 
ATOM   852  C C   . SER A 1 133 ? 2.23132   -1.98575  -4.32280  1.000 23.07000 ? 242 SER A C   1 
ATOM   853  O O   . SER A 1 133 ? 1.28308   -2.58035  -4.84967  1.000 22.13000 ? 242 SER A O   1 
ATOM   854  C CB  . SER A 1 133 ? 4.54334   -2.85159  -4.72933  1.000 24.42000 ? 242 SER A CB  1 
ATOM   855  O OG  . SER A 1 133 ? 5.71254   -2.77095  -5.53589  1.000 26.01000 ? 242 SER A OG  1 
ATOM   856  N N   . ILE A 1 134 ? 2.17694   -1.51334  -3.07846  1.000 21.50000 ? 243 ILE A N   1 
ATOM   857  C CA  . ILE A 1 134 ? 0.95745   -1.61090  -2.28535  1.000 23.20000 ? 243 ILE A CA  1 
ATOM   858  C C   . ILE A 1 134 ? -0.17444  -0.82307  -2.94211  1.000 24.96000 ? 243 ILE A C   1 
ATOM   859  O O   . ILE A 1 134 ? -1.31115  -1.30584  -3.04784  1.000 22.53000 ? 243 ILE A O   1 
ATOM   860  C CB  . ILE A 1 134 ? 1.22622   -1.11764  -0.85317  1.000 22.60000 ? 243 ILE A CB  1 
ATOM   861  C CG1 . ILE A 1 134 ? 2.13653   -2.09557  -0.11896  1.000 22.88000 ? 243 ILE A CG1 1 
ATOM   862  C CG2 . ILE A 1 134 ? -0.10372  -0.90170  -0.11633  1.000 21.53000 ? 243 ILE A CG2 1 
ATOM   863  C CD1 . ILE A 1 134 ? 2.76613   -1.46458  1.12197   1.000 22.72000 ? 243 ILE A CD1 1 
ATOM   864  N N   . VAL A 1 135 ? 0.10942   0.41270   -3.37073  1.000 22.07000 ? 244 VAL A N   1 
ATOM   865  C CA  . VAL A 1 135 ? -0.91952  1.20257   -4.03682  1.000 21.30000 ? 244 VAL A CA  1 
ATOM   866  C C   . VAL A 1 135 ? -1.34929  0.52745   -5.33330  1.000 24.51000 ? 244 VAL A C   1 
ATOM   867  O O   . VAL A 1 135 ? -2.54000  0.50528   -5.66648  1.000 22.33000 ? 244 VAL A O   1 
ATOM   868  C CB  . VAL A 1 135 ? -0.42692  2.64561   -4.26713  1.000 22.52000 ? 244 VAL A CB  1 
ATOM   869  C CG1 . VAL A 1 135 ? -1.42252  3.45498   -5.12712  1.000 21.77000 ? 244 VAL A CG1 1 
ATOM   870  C CG2 . VAL A 1 135 ? -0.20278  3.34007   -2.92169  1.000 22.56000 ? 244 VAL A CG2 1 
ATOM   871  N N   . ALA A 1 136 ? -0.40178  -0.06337  -6.06991  1.000 22.48000 ? 245 ALA A N   1 
ATOM   872  C CA  . ALA A 1 136 ? -0.77736  -0.75433  -7.30508  1.000 25.29000 ? 245 ALA A CA  1 
ATOM   873  C C   . ALA A 1 136 ? -1.70879  -1.92227  -7.02061  1.000 26.26000 ? 245 ALA A C   1 
ATOM   874  O O   . ALA A 1 136 ? -2.68080  -2.12467  -7.75088  1.000 23.99000 ? 245 ALA A O   1 
ATOM   875  C CB  . ALA A 1 136 ? 0.45112   -1.26173  -8.04256  1.000 23.12000 ? 245 ALA A CB  1 
ATOM   876  N N   . ALA A 1 137 ? -1.42975  -2.70140  -5.96540  1.000 20.80000 ? 246 ALA A N   1 
ATOM   877  C CA  . ALA A 1 137 ? -2.33045  -3.79570  -5.60213  1.000 22.00000 ? 246 ALA A CA  1 
ATOM   878  C C   . ALA A 1 137 ? -3.74176  -3.28399  -5.33357  1.000 22.53000 ? 246 ALA A C   1 
ATOM   879  O O   . ALA A 1 137 ? -4.72498  -3.91620  -5.73774  1.000 25.75000 ? 246 ALA A O   1 
ATOM   880  C CB  . ALA A 1 137 ? -1.79113  -4.54100  -4.37233  1.000 23.20000 ? 246 ALA A CB  1 
ATOM   881  N N   . TYR A 1 138 ? -3.86506  -2.14640  -4.64329  1.000 22.46000 ? 247 TYR A N   1 
ATOM   882  C CA  . TYR A 1 138 ? -5.18474  -1.57612  -4.40440  1.000 22.91000 ? 247 TYR A CA  1 
ATOM   883  C C   . TYR A 1 138 ? -5.86419  -1.21637  -5.72567  1.000 25.04000 ? 247 TYR A C   1 
ATOM   884  O O   . TYR A 1 138 ? -7.04460  -1.53180  -5.94054  1.000 23.60000 ? 247 TYR A O   1 
ATOM   885  C CB  . TYR A 1 138 ? -5.09482  -0.34114  -3.49753  1.000 23.53000 ? 247 TYR A CB  1 
ATOM   886  C CG  . TYR A 1 138 ? -6.44142  0.38288   -3.44936  1.000 24.18000 ? 247 TYR A CG  1 
ATOM   887  C CD1 . TYR A 1 138 ? -7.45497  -0.06348  -2.60855  1.000 25.25000 ? 247 TYR A CD1 1 
ATOM   888  C CD2 . TYR A 1 138 ? -6.70583  1.47424   -4.27519  1.000 24.47000 ? 247 TYR A CD2 1 
ATOM   889  C CE1 . TYR A 1 138 ? -8.70186  0.56626   -2.58078  1.000 27.91000 ? 247 TYR A CE1 1 
ATOM   890  C CE2 . TYR A 1 138 ? -7.95297  2.10321   -4.26157  1.000 26.45000 ? 247 TYR A CE2 1 
ATOM   891  C CZ  . TYR A 1 138 ? -8.94241  1.64367   -3.41757  1.000 28.50000 ? 247 TYR A CZ  1 
ATOM   892  O OH  . TYR A 1 138 ? -10.17503 2.27466   -3.40248  1.000 28.62000 ? 247 TYR A OH  1 
ATOM   893  N N   . LEU A 1 139 ? -5.12145  -0.57156  -6.63477  1.000 24.19000 ? 248 LEU A N   1 
ATOM   894  C CA  . LEU A 1 139 ? -5.71281  -0.15523  -7.90932  1.000 23.91000 ? 248 LEU A CA  1 
ATOM   895  C C   . LEU A 1 139 ? -6.09808  -1.35265  -8.77351  1.000 26.68000 ? 248 LEU A C   1 
ATOM   896  O O   . LEU A 1 139 ? -7.10633  -1.30224  -9.49417  1.000 27.10000 ? 248 LEU A O   1 
ATOM   897  C CB  . LEU A 1 139 ? -4.75960  0.75687   -8.68292  1.000 27.12000 ? 248 LEU A CB  1 
ATOM   898  C CG  . LEU A 1 139 ? -4.33926  2.08686   -8.05232  1.000 24.51000 ? 248 LEU A CG  1 
ATOM   899  C CD1 . LEU A 1 139 ? -3.30914  2.74124   -8.95080  1.000 24.65000 ? 248 LEU A CD1 1 
ATOM   900  C CD2 . LEU A 1 139 ? -5.52772  3.01224   -7.78254  1.000 25.60000 ? 248 LEU A CD2 1 
ATOM   901  N N   . MET A 1 140 ? -5.32445  -2.42061  -8.70020  1.000 24.66000 ? 249 MET A N   1 
ATOM   902  C CA  . MET A 1 140 ? -5.67676  -3.63443  -9.46136  1.000 26.08000 ? 249 MET A CA  1 
ATOM   903  C C   . MET A 1 140 ? -6.99944  -4.18927  -8.93582  1.000 27.47000 ? 249 MET A C   1 
ATOM   904  O O   . MET A 1 140 ? -7.84674  -4.54461  -9.73840  1.000 28.30000 ? 249 MET A O   1 
ATOM   905  C CB  . MET A 1 140 ? -4.56987  -4.67785  -9.32182  1.000 24.08000 ? 249 MET A CB  1 
ATOM   906  C CG  . MET A 1 140 ? -3.29484  -4.28660  -10.01977 1.000 27.18000 ? 249 MET A CG  1 
ATOM   907  S SD  . MET A 1 140 ? -1.87940  -5.19209  -9.38160  1.000 36.62000 ? 249 MET A SD  1 
ATOM   908  C CE  . MET A 1 140 ? -2.38827  -6.84728  -9.80280  1.000 26.86000 ? 249 MET A CE  1 
ATOM   909  N N   . SER A 1 141 ? -7.15304  -4.23424  -7.62377  1.000 25.32000 ? 250 SER A N   1 
ATOM   910  C CA  . SER A 1 141 ? -8.34104  -4.80943  -7.01731  1.000 28.28000 ? 250 SER A CA  1 
ATOM   911  C C   . SER A 1 141 ? -9.55537  -3.90819  -7.24928  1.000 31.74000 ? 250 SER A C   1 
ATOM   912  O O   . SER A 1 141 ? -10.65238 -4.39826  -7.54620  1.000 31.74000 ? 250 SER A O   1 
ATOM   913  C CB  . SER A 1 141 ? -8.06808  -5.04064  -5.53354  1.000 32.35000 ? 250 SER A CB  1 
ATOM   914  O OG  . SER A 1 141 ? -9.25448  -5.07486  -4.77118  1.000 37.38000 ? 250 SER A OG  1 
ATOM   915  N N   . GLN A 1 142 ? -9.36280  -2.58415  -7.18473  1.000 26.81000 ? 251 GLN A N   1 
ATOM   916  C CA  . GLN A 1 142 ? -10.48030 -1.63480  -7.23451  1.000 30.55000 ? 251 GLN A CA  1 
ATOM   917  C C   . GLN A 1 142 ? -10.94627 -1.33504  -8.65832  1.000 29.38000 ? 251 GLN A C   1 
ATOM   918  O O   . GLN A 1 142 ? -12.14262 -1.10622  -8.87613  1.000 29.62000 ? 251 GLN A O   1 
ATOM   919  C CB  . GLN A 1 142 ? -10.08452 -0.32371  -6.53490  1.000 29.57000 ? 251 GLN A CB  1 
ATOM   920  C CG  . GLN A 1 142 ? -11.21439 0.68992   -6.33760  1.000 30.42000 ? 251 GLN A CG  1 
ATOM   921  C CD  . GLN A 1 142 ? -12.32501 0.16962   -5.44547  1.000 33.80000 ? 251 GLN A CD  1 
ATOM   922  O OE1 . GLN A 1 142 ? -12.10998 -0.72932  -4.63256  1.000 33.98000 ? 251 GLN A OE1 1 
ATOM   923  N NE2 . GLN A 1 142 ? -13.53352 0.72077   -5.61020  1.000 31.24000 ? 251 GLN A NE2 1 
ATOM   924  N N   . TYR A 1 143 ? -10.03648 -1.32132  -9.63323  1.000 27.67000 ? 252 TYR A N   1 
ATOM   925  C CA  . TYR A 1 143 ? -10.36447 -0.92024  -10.99648 1.000 32.07000 ? 252 TYR A CA  1 
ATOM   926  C C   . TYR A 1 143 ? -10.11718 -2.02691  -12.01724 1.000 31.47000 ? 252 TYR A C   1 
ATOM   927  O O   . TYR A 1 143 ? -10.12937 -1.74590  -13.22612 1.000 30.82000 ? 252 TYR A O   1 
ATOM   928  C CB  . TYR A 1 143 ? -9.56171  0.32686   -11.37262 1.000 29.29000 ? 252 TYR A CB  1 
ATOM   929  C CG  . TYR A 1 143 ? -9.82242  1.55101   -10.52888 1.000 29.78000 ? 252 TYR A CG  1 
ATOM   930  C CD1 . TYR A 1 143 ? -11.04796 2.20449   -10.56425 1.000 30.43000 ? 252 TYR A CD1 1 
ATOM   931  C CD2 . TYR A 1 143 ? -8.83001  2.08104   -9.72194  1.000 31.72000 ? 252 TYR A CD2 1 
ATOM   932  C CE1 . TYR A 1 143 ? -11.27513 3.34215   -9.80143  1.000 30.87000 ? 252 TYR A CE1 1 
ATOM   933  C CE2 . TYR A 1 143 ? -9.05383  3.21692   -8.95174  1.000 31.91000 ? 252 TYR A CE2 1 
ATOM   934  C CZ  . TYR A 1 143 ? -10.27639 3.85028   -9.01050  1.000 32.28000 ? 252 TYR A CZ  1 
ATOM   935  O OH  . TYR A 1 143 ? -10.48656 4.96889   -8.24863  1.000 30.86000 ? 252 TYR A OH  1 
ATOM   936  N N   . ASP A 1 144 ? -9.88949  -3.26970  -11.55742 1.000 28.87000 ? 253 ASP A N   1 
ATOM   937  C CA  . ASP A 1 144 ? -9.61765  -4.44521  -12.40585 1.000 30.57000 ? 253 ASP A CA  1 
ATOM   938  C C   . ASP A 1 144 ? -8.48060  -4.21222  -13.39391 1.000 33.95000 ? 253 ASP A C   1 
ATOM   939  O O   . ASP A 1 144 ? -8.56512  -4.55375  -14.57700 1.000 34.06000 ? 253 ASP A O   1 
ATOM   940  C CB  . ASP A 1 144 ? -10.87717 -4.92627  -13.13958 1.000 33.94000 ? 253 ASP A CB  1 
ATOM   941  C CG  . ASP A 1 144 ? -11.98874 -5.32311  -12.19287 1.000 39.68000 ? 253 ASP A CG  1 
ATOM   942  O OD1 . ASP A 1 144 ? -11.77430 -6.24476  -11.37623 1.000 39.68000 ? 253 ASP A OD1 1 
ATOM   943  O OD2 . ASP A 1 144 ? -13.08931 -4.74328  -12.28560 1.000 44.52000 ? 253 ASP A OD2 1 
ATOM   944  N N   . LEU A 1 145 ? -7.38907  -3.64524  -12.89643 1.000 27.65000 ? 254 LEU A N   1 
ATOM   945  C CA  . LEU A 1 145 ? -6.21506  -3.39482  -13.71513 1.000 29.93000 ? 254 LEU A CA  1 
ATOM   946  C C   . LEU A 1 145 ? -5.22100  -4.53190  -13.54150 1.000 30.05000 ? 254 LEU A C   1 
ATOM   947  O O   . LEU A 1 145 ? -5.21761  -5.21619  -12.51619 1.000 29.39000 ? 254 LEU A O   1 
ATOM   948  C CB  . LEU A 1 145 ? -5.55030  -2.07281  -13.32519 1.000 28.77000 ? 254 LEU A CB  1 
ATOM   949  C CG  . LEU A 1 145 ? -6.49357  -0.86711  -13.32691 1.000 28.65000 ? 254 LEU A CG  1 
ATOM   950  C CD1 . LEU A 1 145 ? -5.75965  0.39315   -12.83991 1.000 29.57000 ? 254 LEU A CD1 1 
ATOM   951  C CD2 . LEU A 1 145 ? -7.13438  -0.66319  -14.70942 1.000 30.04000 ? 254 LEU A CD2 1 
ATOM   952  N N   . ASP A 1 146 ? -4.32152  -4.65008  -14.51904 1.000 28.72000 ? 255 ASP A N   1 
ATOM   953  C CA  . ASP A 1 146 ? -3.18301  -5.59083  -14.41514 1.000 29.36000 ? 255 ASP A CA  1 
ATOM   954  C C   . ASP A 1 146 ? -2.02084  -4.80809  -13.77329 1.000 31.33000 ? 255 ASP A C   1 
ATOM   955  O O   . ASP A 1 146 ? -2.13919  -3.58591  -13.66162 1.000 28.97000 ? 255 ASP A O   1 
ATOM   956  C CB  . ASP A 1 146 ? -2.90150  -6.26517  -15.76346 1.000 31.91000 ? 255 ASP A CB  1 
ATOM   957  C CG  . ASP A 1 146 ? -2.24776  -5.44800  -16.87120 1.000 38.00000 ? 255 ASP A CG  1 
ATOM   958  O OD1 . ASP A 1 146 ? -1.56022  -4.46590  -16.58429 1.000 32.38000 ? 255 ASP A OD1 1 
ATOM   959  O OD2 . ASP A 1 146 ? -2.41554  -5.83563  -18.03610 1.000 42.08000 ? 255 ASP A OD2 1 
ATOM   960  N N   . PRO A 1 147 ? -0.89254  -5.42316  -13.34805 1.000 28.62000 ? 256 PRO A N   1 
ATOM   961  C CA  . PRO A 1 147 ? 0.16457   -4.66022  -12.67827 1.000 29.97000 ? 256 PRO A CA  1 
ATOM   962  C C   . PRO A 1 147 ? 0.70507   -3.45374  -13.46924 1.000 30.73000 ? 256 PRO A C   1 
ATOM   963  O O   . PRO A 1 147 ? 0.92230   -2.43686  -12.89079 1.000 27.87000 ? 256 PRO A O   1 
ATOM   964  C CB  . PRO A 1 147 ? 1.26302   -5.70641  -12.45718 1.000 29.30000 ? 256 PRO A CB  1 
ATOM   965  C CG  . PRO A 1 147 ? 0.52532   -7.00515  -12.35348 1.000 28.03000 ? 256 PRO A CG  1 
ATOM   966  C CD  . PRO A 1 147 ? -0.55109  -6.86202  -13.40068 1.000 29.03000 ? 256 PRO A CD  1 
ATOM   967  N N   . MET A 1 148 ? 0.94219   -3.63685  -14.76745 1.000 31.88000 ? 257 MET A N   1 
ATOM   968  C CA  . MET A 1 148 ? 1.50281   -2.54219  -15.60875 1.000 33.85000 ? 257 MET A CA  1 
ATOM   969  C C   . MET A 1 148 ? 0.51329   -1.37740  -15.70831 1.000 28.47000 ? 257 MET A C   1 
ATOM   970  O O   . MET A 1 148 ? 0.94112   -0.24452  -15.57800 1.000 31.38000 ? 257 MET A O   1 
ATOM   971  C CB  . MET A 1 148 ? 1.85527   -3.03990  -17.01278 1.000 36.31000 ? 257 MET A CB  1 
ATOM   972  C CG  . MET A 1 148 ? 3.04109   -3.97853  -17.05698 1.000 40.26000 ? 257 MET A CG  1 
ATOM   973  S SD  . MET A 1 148 ? 4.61503   -3.15488  -16.71842 1.000 60.15000 ? 257 MET A SD  1 
ATOM   974  C CE  . MET A 1 148 ? 4.38894   -1.59924  -17.57924 1.000 49.07000 ? 257 MET A CE  1 
ATOM   975  N N   . GLU A 1 149 ? -0.76115  -1.68234  -15.90634 1.000 29.01000 ? 258 GLU A N   1 
ATOM   976  C CA  . GLU A 1 149 ? -1.79631  -0.63369  -16.01521 1.000 30.73000 ? 258 GLU A CA  1 
ATOM   977  C C   . GLU A 1 149 ? -1.86986  0.11083   -14.68298 1.000 30.65000 ? 258 GLU A C   1 
ATOM   978  O O   . GLU A 1 149 ? -1.93801  1.33650   -14.69956 1.000 27.85000 ? 258 GLU A O   1 
ATOM   979  C CB  . GLU A 1 149 ? -3.14105  -1.25853  -16.36880 1.000 31.48000 ? 258 GLU A CB  1 
ATOM   980  C CG  . GLU A 1 149 ? -3.21464  -1.81528  -17.77394 1.000 32.94000 ? 258 GLU A CG  1 
ATOM   981  C CD  . GLU A 1 149 ? -4.48245  -2.60022  -18.06113 1.000 37.52000 ? 258 GLU A CD  1 
ATOM   982  O OE1 . GLU A 1 149 ? -5.06929  -3.14285  -17.11103 1.000 34.23000 ? 258 GLU A OE1 1 
ATOM   983  O OE2 . GLU A 1 149 ? -4.88121  -2.65951  -19.23304 1.000 42.18000 ? 258 GLU A OE2 1 
ATOM   984  N N   . ALA A 1 150 ? -1.87733  -0.63936  -13.58443 1.000 26.56000 ? 259 ALA A N   1 
ATOM   985  C CA  . ALA A 1 150 ? -1.86387  0.00522   -12.27348 1.000 26.13000 ? 259 ALA A CA  1 
ATOM   986  C C   . ALA A 1 150 ? -0.62205  0.87958   -12.08979 1.000 25.94000 ? 259 ALA A C   1 
ATOM   987  O O   . ALA A 1 150 ? -0.71808  2.02220   -11.62161 1.000 27.09000 ? 259 ALA A O   1 
ATOM   988  C CB  . ALA A 1 150 ? -1.94523  -1.06408  -11.17595 1.000 25.88000 ? 259 ALA A CB  1 
ATOM   989  N N   . MET A 1 151 ? 0.55570   0.36348   -12.44551 1.000 26.93000 ? 260 MET A N   1 
ATOM   990  C CA  . MET A 1 151 ? 1.77953   1.09166   -12.12428 1.000 27.77000 ? 260 MET A CA  1 
ATOM   991  C C   . MET A 1 151 ? 1.87189   2.34062   -13.00964 1.000 29.36000 ? 260 MET A C   1 
ATOM   992  O O   . MET A 1 151 ? 2.28989   3.41249   -12.56276 1.000 30.51000 ? 260 MET A O   1 
ATOM   993  C CB  . MET A 1 151 ? 2.99316   0.17875   -12.32723 1.000 27.21000 ? 260 MET A CB  1 
ATOM   994  C CG  . MET A 1 151 ? 4.33633   0.66099   -11.71421 1.000 31.72000 ? 260 MET A CG  1 
ATOM   995  S SD  . MET A 1 151 ? 4.14650   0.90761   -9.92342  1.000 34.27000 ? 260 MET A SD  1 
ATOM   996  C CE  . MET A 1 151 ? 3.51046   -0.70122  -9.50073  1.000 27.28000 ? 260 MET A CE  1 
ATOM   997  N N   . THR A 1 152 ? 1.41872   2.22811   -14.26415 1.000 28.62000 ? 261 THR A N   1 
ATOM   998  C CA  . THR A 1 152 ? 1.36011   3.38931   -15.15231 1.000 29.03000 ? 261 THR A CA  1 
ATOM   999  C C   . THR A 1 152 ? 0.44502   4.47166   -14.59224 1.000 28.50000 ? 261 THR A C   1 
ATOM   1000 O O   . THR A 1 152 ? 0.77010   5.66287   -14.64878 1.000 29.24000 ? 261 THR A O   1 
ATOM   1001 C CB  . THR A 1 152 ? 0.90369   2.94159   -16.54767 1.000 29.42000 ? 261 THR A CB  1 
ATOM   1002 O OG1 . THR A 1 152 ? 1.90787   2.07333   -17.10159 1.000 31.36000 ? 261 THR A OG1 1 
ATOM   1003 C CG2 . THR A 1 152 ? 0.68861   4.13080   -17.46302 1.000 33.26000 ? 261 THR A CG2 1 
ATOM   1004 N N   . MET A 1 153 ? -0.69949  4.07425   -14.03591 1.000 28.87000 ? 262 MET A N   1 
ATOM   1005 C CA  . MET A 1 153 ? -1.59289  5.02091   -13.36896 1.000 29.46000 ? 262 MET A CA  1 
ATOM   1006 C C   . MET A 1 153 ? -0.88926  5.77029   -12.23465 1.000 30.64000 ? 262 MET A C   1 
ATOM   1007 O O   . MET A 1 153 ? -1.05828  6.98813   -12.08123 1.000 29.13000 ? 262 MET A O   1 
ATOM   1008 C CB  . MET A 1 153 ? -2.79997  4.25617   -12.84004 1.000 29.88000 ? 262 MET A CB  1 
ATOM   1009 C CG  . MET A 1 153 ? -3.86432  5.05711   -12.14722 1.000 31.48000 ? 262 MET A CG  1 
ATOM   1010 S SD  . MET A 1 153 ? -5.38954  4.09936   -12.09757 1.000 36.48000 ? 262 MET A SD  1 
ATOM   1011 C CE  . MET A 1 153 ? -6.51231  5.32438   -11.43308 1.000 37.02000 ? 262 MET A CE  1 
ATOM   1012 N N   . ILE A 1 154 ? -0.10146  5.06613   -11.42829 1.000 27.25000 ? 263 ILE A N   1 
ATOM   1013 C CA  . ILE A 1 154 ? 0.67834   5.74281   -10.38417 1.000 27.55000 ? 263 ILE A CA  1 
ATOM   1014 C C   . ILE A 1 154 ? 1.77410   6.60401   -10.99046 1.000 30.47000 ? 263 ILE A C   1 
ATOM   1015 O O   . ILE A 1 154 ? 1.98265   7.75193   -10.57411 1.000 27.77000 ? 263 ILE A O   1 
ATOM   1016 C CB  . ILE A 1 154 ? 1.28327   4.72546   -9.40549  1.000 24.83000 ? 263 ILE A CB  1 
ATOM   1017 C CG1 . ILE A 1 154 ? 0.18450   3.86656   -8.78090  1.000 25.48000 ? 263 ILE A CG1 1 
ATOM   1018 C CG2 . ILE A 1 154 ? 2.19734   5.44897   -8.38713  1.000 25.71000 ? 263 ILE A CG2 1 
ATOM   1019 C CD1 . ILE A 1 154 ? 0.72698   2.63135   -8.07266  1.000 26.12000 ? 263 ILE A CD1 1 
ATOM   1020 N N   . ARG A 1 155 ? 2.51551   6.04774   -11.94621 1.000 31.48000 ? 264 ARG A N   1 
ATOM   1021 C CA  . ARG A 1 155 ? 3.69468   6.73829   -12.53559 1.000 32.33000 ? 264 ARG A CA  1 
ATOM   1022 C C   . ARG A 1 155 ? 3.29417   8.05641   -13.18910 1.000 33.57000 ? 264 ARG A C   1 
ATOM   1023 O O   . ARG A 1 155 ? 4.11440   8.96744   -13.21926 1.000 34.33000 ? 264 ARG A O   1 
ATOM   1024 C CB  . ARG A 1 155 ? 4.42373   5.79525   -13.49616 1.000 32.53000 ? 264 ARG A CB  1 
ATOM   1025 C CG  . ARG A 1 155 ? 5.85448   6.18544   -13.83096 1.000 37.75000 ? 264 ARG A CG  1 
ATOM   1026 C CD  . ARG A 1 155 ? 6.76230   4.98978   -14.03476 1.000 40.18000 ? 264 ARG A CD  1 
ATOM   1027 N NE  . ARG A 1 155 ? 6.10651   3.89755   -14.73212 1.000 45.49000 ? 264 ARG A NE  1 
ATOM   1028 C CZ  . ARG A 1 155 ? 6.33734   2.61169   -14.50371 1.000 44.95000 ? 264 ARG A CZ  1 
ATOM   1029 N NH1 . ARG A 1 155 ? 7.21848   2.24576   -13.58764 1.000 37.18000 ? 264 ARG A NH1 1 
ATOM   1030 N NH2 . ARG A 1 155 ? 5.68567   1.69704   -15.19341 1.000 36.75000 ? 264 ARG A NH2 1 
ATOM   1031 N N   . GLU A 1 156 ? 2.06532   8.14570   -13.67883 1.000 33.22000 ? 265 GLU A N   1 
ATOM   1032 C CA  . GLU A 1 156 ? 1.63162   9.40893   -14.25238 1.000 35.52000 ? 265 GLU A CA  1 
ATOM   1033 C C   . GLU A 1 156 ? 1.48015   10.50284  -13.20879 1.000 36.76000 ? 265 GLU A C   1 
ATOM   1034 O O   . GLU A 1 156 ? 1.44930   11.68575  -13.57375 1.000 36.19000 ? 265 GLU A O   1 
ATOM   1035 C CB  . GLU A 1 156 ? 0.31312   9.22511   -15.00743 1.000 36.47000 ? 265 GLU A CB  1 
ATOM   1036 C CG  . GLU A 1 156 ? 0.53045   8.55855   -16.35315 1.000 38.34000 ? 265 GLU A CG  1 
ATOM   1037 C CD  . GLU A 1 156 ? -0.76737  8.13950   -17.03407 1.000 47.06000 ? 265 GLU A CD  1 
ATOM   1038 O OE1 . GLU A 1 156 ? -1.84995  8.22045   -16.39387 1.000 48.06000 ? 265 GLU A OE1 1 
ATOM   1039 O OE2 . GLU A 1 156 ? -0.69623  7.76020   -18.22566 1.000 47.56000 ? 265 GLU A OE2 1 
ATOM   1040 N N   . LYS A 1 157 ? 1.36122   10.14131  -11.92969 1.000 33.43000 ? 266 LYS A N   1 
ATOM   1041 C CA  . LYS A 1 157 ? 1.38147   11.11862  -10.84888 1.000 32.80000 ? 266 LYS A CA  1 
ATOM   1042 C C   . LYS A 1 157 ? 2.75459   11.24650  -10.20173 1.000 31.68000 ? 266 LYS A C   1 
ATOM   1043 O O   . LYS A 1 157 ? 3.17764   12.35748  -9.88419  1.000 31.99000 ? 266 LYS A O   1 
ATOM   1044 C CB  . LYS A 1 157 ? 0.36070   10.74774  -9.76875  1.000 30.86000 ? 266 LYS A CB  1 
ATOM   1045 C CG  . LYS A 1 157 ? -1.00186  10.37694  -10.31914 1.000 35.79000 ? 266 LYS A CG  1 
ATOM   1046 C CD  . LYS A 1 157 ? -1.77161  11.60343  -10.71622 1.000 36.71000 ? 266 LYS A CD  1 
ATOM   1047 C CE  . LYS A 1 157 ? -3.20162  11.23627  -11.02753 1.000 34.51000 ? 266 LYS A CE  1 
ATOM   1048 N NZ  . LYS A 1 157 ? -3.78881  12.23069  -11.93708 1.000 39.53000 ? 266 LYS A NZ  1 
ATOM   1049 N N   . ARG A 1 158 ? 3.45988   10.13067  -10.01510 1.000 30.43000 ? 267 ARG A N   1 
ATOM   1050 C CA  . ARG A 1 158 ? 4.74452   10.08429  -9.31455  1.000 31.40000 ? 267 ARG A CA  1 
ATOM   1051 C C   . ARG A 1 158 ? 5.71441   9.33299   -10.21254 1.000 31.49000 ? 267 ARG A C   1 
ATOM   1052 O O   . ARG A 1 158 ? 5.77949   8.09737   -10.18194 1.000 28.21000 ? 267 ARG A O   1 
ATOM   1053 C CB  . ARG A 1 158 ? 4.60576   9.41841   -7.94998  1.000 24.84000 ? 267 ARG A CB  1 
ATOM   1054 C CG  . ARG A 1 158 ? 5.91546   9.34822   -7.16435  1.000 28.93000 ? 267 ARG A CG  1 
ATOM   1055 C CD  . ARG A 1 158 ? 5.67410   8.93084   -5.72016  1.000 24.21000 ? 267 ARG A CD  1 
ATOM   1056 N NE  . ARG A 1 158 ? 6.93923   8.79780   -4.99023  1.000 26.46000 ? 267 ARG A NE  1 
ATOM   1057 C CZ  . ARG A 1 158 ? 7.62461   9.81306   -4.48707  1.000 27.00000 ? 267 ARG A CZ  1 
ATOM   1058 N NH1 . ARG A 1 158 ? 7.18706   11.05464  -4.58403  1.000 27.37000 ? 267 ARG A NH1 1 
ATOM   1059 N NH2 . ARG A 1 158 ? 8.76873   9.57287   -3.84523  1.000 27.83000 ? 267 ARG A NH2 1 
ATOM   1060 N N   . PRO A 1 159 ? 6.48641   10.04598  -11.03983 1.000 36.31000 ? 268 PRO A N   1 
ATOM   1061 C CA  . PRO A 1 159 ? 7.15962   9.38805   -12.16714 1.000 36.08000 ? 268 PRO A CA  1 
ATOM   1062 C C   . PRO A 1 159 ? 8.29600   8.47204   -11.77051 1.000 35.01000 ? 268 PRO A C   1 
ATOM   1063 O O   . PRO A 1 159 ? 8.67158   7.61081   -12.57415 1.000 36.14000 ? 268 PRO A O   1 
ATOM   1064 C CB  . PRO A 1 159 ? 7.67240   10.57156  -13.00237 1.000 42.47000 ? 268 PRO A CB  1 
ATOM   1065 C CG  . PRO A 1 159 ? 6.75902   11.70653  -12.61491 1.000 44.62000 ? 268 PRO A CG  1 
ATOM   1066 C CD  . PRO A 1 159 ? 6.61049   11.50948  -11.12916 1.000 40.32000 ? 268 PRO A CD  1 
ATOM   1067 N N   . VAL A 1 160 ? 8.84019   8.59637   -10.55829 1.000 31.71000 ? 269 VAL A N   1 
ATOM   1068 C CA  . VAL A 1 160 ? 9.99272   7.77912   -10.19567 1.000 33.75000 ? 269 VAL A CA  1 
ATOM   1069 C C   . VAL A 1 160 ? 9.62375   6.38724   -9.72028  1.000 31.37000 ? 269 VAL A C   1 
ATOM   1070 O O   . VAL A 1 160 ? 10.53408  5.59782   -9.43584  1.000 32.40000 ? 269 VAL A O   1 
ATOM   1071 C CB  . VAL A 1 160 ? 10.86378  8.43524   -9.10023  1.000 34.09000 ? 269 VAL A CB  1 
ATOM   1072 C CG1 . VAL A 1 160 ? 11.40621  9.77875   -9.57932  1.000 36.15000 ? 269 VAL A CG1 1 
ATOM   1073 C CG2 . VAL A 1 160 ? 10.08259  8.60205   -7.80242  1.000 34.96000 ? 269 VAL A CG2 1 
ATOM   1074 N N   . VAL A 1 161 ? 8.33394   6.04894   -9.61017  1.000 27.89000 ? 270 VAL A N   1 
ATOM   1075 C CA  . VAL A 1 161 ? 7.99529   4.75370   -9.02777  1.000 27.12000 ? 270 VAL A CA  1 
ATOM   1076 C C   . VAL A 1 161 ? 8.55680   3.63543   -9.89302  1.000 28.28000 ? 270 VAL A C   1 
ATOM   1077 O O   . VAL A 1 161 ? 8.57957   3.71832   -11.12863 1.000 31.40000 ? 270 VAL A O   1 
ATOM   1078 C CB  . VAL A 1 161 ? 6.47698   4.59648   -8.81293  1.000 23.94000 ? 270 VAL A CB  1 
ATOM   1079 C CG1 . VAL A 1 161 ? 5.97100   5.64885   -7.83758  1.000 24.30000 ? 270 VAL A CG1 1 
ATOM   1080 C CG2 . VAL A 1 161 ? 5.68120   4.65874   -10.14308 1.000 28.57000 ? 270 VAL A CG2 1 
ATOM   1081 N N   . GLU A 1 162 ? 9.01321   2.58477   -9.24291  1.000 28.29000 ? 271 GLU A N   1 
ATOM   1082 C CA  . GLU A 1 162 ? 9.65538   1.44409   -9.87498  1.000 33.39000 ? 271 GLU A CA  1 
ATOM   1083 C C   . GLU A 1 162 ? 9.74517   0.31341   -8.86272  1.000 32.38000 ? 271 GLU A C   1 
ATOM   1084 O O   . GLU A 1 162 ? 10.66913  0.29298   -8.04360  1.000 31.07000 ? 271 GLU A O   1 
ATOM   1085 C CB  . GLU A 1 162 ? 11.05953  1.79776   -10.38507 1.000 35.86000 ? 271 GLU A CB  1 
ATOM   1086 C CG  . GLU A 1 162 ? 11.73957  0.67616   -11.22254 1.000 39.36000 ? 271 GLU A CG  1 
ATOM   1087 C CD  . GLU A 1 162 ? 10.83503  0.10856   -12.34301 1.000 45.33000 ? 271 GLU A CD  1 
ATOM   1088 O OE1 . GLU A 1 162 ? 10.16944  0.90253   -13.04529 1.000 47.14000 ? 271 GLU A OE1 1 
ATOM   1089 O OE2 . GLU A 1 162 ? 10.78819  -1.13720  -12.52489 1.000 44.84000 ? 271 GLU A OE2 1 
ATOM   1090 N N   . PRO A 1 163 ? 8.80974   -0.62771  -8.88075  1.000 33.05000 ? 272 PRO A N   1 
ATOM   1091 C CA  . PRO A 1 163 ? 8.92132   -1.78799  -7.99654  1.000 29.79000 ? 272 PRO A CA  1 
ATOM   1092 C C   . PRO A 1 163 ? 10.18451  -2.56643  -8.28529  1.000 30.03000 ? 272 PRO A C   1 
ATOM   1093 O O   . PRO A 1 163 ? 10.66014  -2.62471  -9.42105  1.000 27.35000 ? 272 PRO A O   1 
ATOM   1094 C CB  . PRO A 1 163 ? 7.67972   -2.62622  -8.33327  1.000 31.06000 ? 272 PRO A CB  1 
ATOM   1095 C CG  . PRO A 1 163 ? 6.77867   -1.73919  -9.05164  1.000 30.49000 ? 272 PRO A CG  1 
ATOM   1096 C CD  . PRO A 1 163 ? 7.59124   -0.66049  -9.70572  1.000 30.78000 ? 272 PRO A CD  1 
ATOM   1097 N N   . SER A 1 164 ? 10.72607  -3.16873  -7.23511  1.000 29.47000 ? 273 SER A N   1 
ATOM   1098 C CA  . SER A 1 164 ? 11.76757  -4.16395  -7.40609  1.000 29.19000 ? 273 SER A CA  1 
ATOM   1099 C C   . SER A 1 164 ? 11.28199  -5.30902  -8.29033  1.000 29.99000 ? 273 SER A C   1 
ATOM   1100 O O   . SER A 1 164 ? 10.08062  -5.53062  -8.47358  1.000 27.65000 ? 273 SER A O   1 
ATOM   1101 C CB  . SER A 1 164 ? 12.19327  -4.70417  -6.04987  1.000 28.43000 ? 273 SER A CB  1 
ATOM   1102 O OG  . SER A 1 164 ? 11.16758  -5.54159  -5.54360  1.000 28.43000 ? 273 SER A OG  1 
ATOM   1103 N N   . ALA A 1 165 ? 12.24293  -6.06700  -8.82331  1.000 30.57000 ? 274 ALA A N   1 
ATOM   1104 C CA  . ALA A 1 165 ? 11.89580  -7.22626  -9.63919  1.000 31.91000 ? 274 ALA A CA  1 
ATOM   1105 C C   . ALA A 1 165 ? 11.02895  -8.20987  -8.86155  1.000 29.29000 ? 274 ALA A C   1 
ATOM   1106 O O   . ALA A 1 165 ? 10.02380  -8.70717  -9.38676  1.000 29.10000 ? 274 ALA A O   1 
ATOM   1107 C CB  . ALA A 1 165 ? 13.15933  -7.91706  -10.15401 1.000 31.31000 ? 274 ALA A CB  1 
ATOM   1108 N N   . THR A 1 166 ? 11.37451  -8.48933  -7.60016  1.000 28.46000 ? 275 THR A N   1 
ATOM   1109 C CA  . THR A 1 166 ? 10.55335  -9.45950  -6.88744  1.000 26.99000 ? 275 THR A CA  1 
ATOM   1110 C C   . THR A 1 166 ? 9.15409   -8.90546  -6.60968  1.000 27.35000 ? 275 THR A C   1 
ATOM   1111 O O   . THR A 1 166 ? 8.18716   -9.67325  -6.60732  1.000 28.09000 ? 275 THR A O   1 
ATOM   1112 C CB  . THR A 1 166 ? 11.23599  -9.93563  -5.60083  1.000 28.38000 ? 275 THR A CB  1 
ATOM   1113 O OG1 . THR A 1 166 ? 10.47967  -11.02731 -5.05505  1.000 29.00000 ? 275 THR A OG1 1 
ATOM   1114 C CG2 . THR A 1 166 ? 11.33606  -8.83446  -4.55674  1.000 28.04000 ? 275 THR A CG2 1 
ATOM   1115 N N   . PHE A 1 167 ? 9.00454   -7.59198  -6.43513  1.000 25.91000 ? 276 PHE A N   1 
ATOM   1116 C CA  . PHE A 1 167 ? 7.66265   -7.00683  -6.18650  1.000 24.93000 ? 276 PHE A CA  1 
ATOM   1117 C C   . PHE A 1 167 ? 6.81493   -7.08026  -7.46147  1.000 26.83000 ? 276 PHE A C   1 
ATOM   1118 O O   . PHE A 1 167 ? 5.62897   -7.33805  -7.36450  1.000 25.57000 ? 276 PHE A O   1 
ATOM   1119 C CB  . PHE A 1 167 ? 7.75750   -5.61241  -5.57563  1.000 26.55000 ? 276 PHE A CB  1 
ATOM   1120 C CG  . PHE A 1 167 ? 8.19713   -5.56643  -4.13700  1.000 25.37000 ? 276 PHE A CG  1 
ATOM   1121 C CD1 . PHE A 1 167 ? 8.26793   -6.71859  -3.37270  1.000 24.90000 ? 276 PHE A CD1 1 
ATOM   1122 C CD2 . PHE A 1 167 ? 8.53265   -4.36351  -3.54508  1.000 26.26000 ? 276 PHE A CD2 1 
ATOM   1123 C CE1 . PHE A 1 167 ? 8.68196   -6.66818  -2.05256  1.000 26.84000 ? 276 PHE A CE1 1 
ATOM   1124 C CE2 . PHE A 1 167 ? 8.93819   -4.31499  -2.22222  1.000 27.03000 ? 276 PHE A CE2 1 
ATOM   1125 C CZ  . PHE A 1 167 ? 9.00955   -5.46568  -1.47758  1.000 26.24000 ? 276 PHE A CZ  1 
ATOM   1126 N N   . TRP A 1 168 ? 7.43155   -6.84725  -8.61310  1.000 26.95000 ? 277 TRP A N   1 
ATOM   1127 C CA  . TRP A 1 168 ? 6.70712   -6.98074  -9.90199  1.000 27.79000 ? 277 TRP A CA  1 
ATOM   1128 C C   . TRP A 1 168 ? 6.20480   -8.42169  -10.02092 1.000 26.43000 ? 277 TRP A C   1 
ATOM   1129 O O   . TRP A 1 168 ? 5.06844   -8.60182  -10.42447 1.000 26.14000 ? 277 TRP A O   1 
ATOM   1130 C CB  . TRP A 1 168 ? 7.63649   -6.67024  -11.07591 1.000 29.68000 ? 277 TRP A CB  1 
ATOM   1131 C CG  . TRP A 1 168 ? 7.71057   -5.24877  -11.53214 1.000 30.23000 ? 277 TRP A CG  1 
ATOM   1132 C CD1 . TRP A 1 168 ? 8.80900   -4.44212  -11.51123 1.000 32.39000 ? 277 TRP A CD1 1 
ATOM   1133 C CD2 . TRP A 1 168 ? 6.66501   -4.48630  -12.15370 1.000 31.61000 ? 277 TRP A CD2 1 
ATOM   1134 N NE1 . TRP A 1 168 ? 8.51177   -3.22071  -12.04722 1.000 32.67000 ? 277 TRP A NE1 1 
ATOM   1135 C CE2 . TRP A 1 168 ? 7.20543   -3.21883  -12.45161 1.000 32.38000 ? 277 TRP A CE2 1 
ATOM   1136 C CE3 . TRP A 1 168 ? 5.32891   -4.74383  -12.47244 1.000 29.83000 ? 277 TRP A CE3 1 
ATOM   1137 C CZ2 . TRP A 1 168 ? 6.45198   -2.21274  -13.04994 1.000 33.36000 ? 277 TRP A CZ2 1 
ATOM   1138 C CZ3 . TRP A 1 168 ? 4.58531   -3.74946  -13.06358 1.000 34.17000 ? 277 TRP A CZ3 1 
ATOM   1139 C CH2 . TRP A 1 168 ? 5.14303   -2.50585  -13.34912 1.000 32.32000 ? 277 TRP A CH2 1 
ATOM   1140 N N   . HIS A 1 169 ? 7.07196   -9.38899  -9.70995  1.000 26.60000 ? 278 HIS A N   1 
ATOM   1141 C CA  . HIS A 1 169 ? 6.64599   -10.78335 -9.75851  1.000 26.28000 ? 278 HIS A CA  1 
ATOM   1142 C C   . HIS A 1 169 ? 5.47159   -11.03021 -8.81856  1.000 26.62000 ? 278 HIS A C   1 
ATOM   1143 O O   . HIS A 1 169 ? 4.48031   -11.67360 -9.19576  1.000 27.08000 ? 278 HIS A O   1 
ATOM   1144 C CB  . HIS A 1 169 ? 7.81083   -11.70290 -9.38026  1.000 29.84000 ? 278 HIS A CB  1 
ATOM   1145 C CG  . HIS A 1 169 ? 7.46075   -13.15564 -9.44165  1.000 32.08000 ? 278 HIS A CG  1 
ATOM   1146 N ND1 . HIS A 1 169 ? 7.06434   -13.77375 -10.60944 1.000 36.11000 ? 278 HIS A ND1 1 
ATOM   1147 C CD2 . HIS A 1 169 ? 7.40668   -14.10156 -8.47690  1.000 35.06000 ? 278 HIS A CD2 1 
ATOM   1148 C CE1 . HIS A 1 169 ? 6.80554   -15.04682 -10.36313 1.000 35.43000 ? 278 HIS A CE1 1 
ATOM   1149 N NE2 . HIS A 1 169 ? 7.00303   -15.27007 -9.07735  1.000 32.61000 ? 278 HIS A NE2 1 
ATOM   1150 N N   . GLN A 1 170 ? 5.57693   -10.52875 -7.57521  1.000 23.96000 ? 279 GLN A N   1 
ATOM   1151 C CA  . GLN A 1 170 ? 4.51551   -10.72857 -6.59064  1.000 24.27000 ? 279 GLN A CA  1 
ATOM   1152 C C   . GLN A 1 170 ? 3.21533   -10.03651 -6.99773  1.000 23.63000 ? 279 GLN A C   1 
ATOM   1153 O O   . GLN A 1 170 ? 2.12828   -10.56187 -6.72500  1.000 25.02000 ? 279 GLN A O   1 
ATOM   1154 C CB  . GLN A 1 170 ? 4.97855   -10.25450 -5.21372  1.000 25.12000 ? 279 GLN A CB  1 
ATOM   1155 C CG  . GLN A 1 170 ? 6.04624   -11.16873 -4.63815  1.000 26.40000 ? 279 GLN A CG  1 
ATOM   1156 C CD  . GLN A 1 170 ? 6.69928   -10.60099 -3.40837  1.000 26.46000 ? 279 GLN A CD  1 
ATOM   1157 O OE1 . GLN A 1 170 ? 6.02329   -10.23115 -2.45056  1.000 26.96000 ? 279 GLN A OE1 1 
ATOM   1158 N NE2 . GLN A 1 170 ? 8.02822   -10.50801 -3.42838  1.000 26.92000 ? 279 GLN A NE2 1 
ATOM   1159 N N   . LEU A 1 171 ? 3.29151   -8.85479  -7.63608  1.000 24.99000 ? 280 LEU A N   1 
ATOM   1160 C CA  . LEU A 1 171 ? 2.06886   -8.23662  -8.13982  1.000 24.74000 ? 280 LEU A CA  1 
ATOM   1161 C C   . LEU A 1 171 ? 1.42693   -9.10650  -9.21047  1.000 24.89000 ? 280 LEU A C   1 
ATOM   1162 O O   . LEU A 1 171 ? 0.19122   -9.17976  -9.30077  1.000 24.91000 ? 280 LEU A O   1 
ATOM   1163 C CB  . LEU A 1 171 ? 2.33975   -6.83347  -8.69599  1.000 25.00000 ? 280 LEU A CB  1 
ATOM   1164 C CG  . LEU A 1 171 ? 2.70148   -5.72495  -7.68549  1.000 28.00000 ? 280 LEU A CG  1 
ATOM   1165 C CD1 . LEU A 1 171 ? 3.15082   -4.46726  -8.43026  1.000 28.71000 ? 280 LEU A CD1 1 
ATOM   1166 C CD2 . LEU A 1 171 ? 1.54476   -5.39448  -6.71923  1.000 24.80000 ? 280 LEU A CD2 1 
ATOM   1167 N N   . GLY A 1 172 ? 2.24615   -9.78306  -10.01588 1.000 25.65000 ? 281 GLY A N   1 
ATOM   1168 C CA  . GLY A 1 172 ? 1.70192   -10.71980 -10.98744 1.000 26.54000 ? 281 GLY A CA  1 
ATOM   1169 C C   . GLY A 1 172 ? 0.99326   -11.88970 -10.33082 1.000 28.54000 ? 281 GLY A C   1 
ATOM   1170 O O   . GLY A 1 172 ? -0.05038  -12.34105 -10.81053 1.000 28.16000 ? 281 GLY A O   1 
ATOM   1171 N N   . LEU A 1 173 ? 1.55244   -12.40303 -9.22400  1.000 24.49000 ? 282 LEU A N   1 
ATOM   1172 C CA  . LEU A 1 173 ? 0.87016   -13.45725 -8.48296  1.000 26.22000 ? 282 LEU A CA  1 
ATOM   1173 C C   . LEU A 1 173 ? -0.44346  -12.96717 -7.88873  1.000 28.12000 ? 282 LEU A C   1 
ATOM   1174 O O   . LEU A 1 173 ? -1.45208  -13.67786 -7.93123  1.000 30.79000 ? 282 LEU A O   1 
ATOM   1175 C CB  . LEU A 1 173 ? 1.78005   -14.00258 -7.38130  1.000 25.19000 ? 282 LEU A CB  1 
ATOM   1176 C CG  . LEU A 1 173 ? 3.07753   -14.63768 -7.86522  1.000 27.66000 ? 282 LEU A CG  1 
ATOM   1177 C CD1 . LEU A 1 173 ? 3.97528   -14.96824 -6.67916  1.000 24.73000 ? 282 LEU A CD1 1 
ATOM   1178 C CD2 . LEU A 1 173 ? 2.77532   -15.89060 -8.67902  1.000 29.53000 ? 282 LEU A CD2 1 
ATOM   1179 N N   . PHE A 1 174 ? -0.44610  -11.75926 -7.32120  1.000 25.60000 ? 283 PHE A N   1 
ATOM   1180 C CA  . PHE A 1 174 ? -1.66986  -11.16709 -6.78528  1.000 24.93000 ? 283 PHE A CA  1 
ATOM   1181 C C   . PHE A 1 174 ? -2.73270  -11.01552 -7.87465  1.000 28.03000 ? 283 PHE A C   1 
ATOM   1182 O O   . PHE A 1 174 ? -3.91999  -11.26822 -7.64250  1.000 29.73000 ? 283 PHE A O   1 
ATOM   1183 C CB  . PHE A 1 174 ? -1.31529  -9.81308  -6.16530  1.000 22.69000 ? 283 PHE A CB  1 
ATOM   1184 C CG  . PHE A 1 174 ? -2.44319  -9.12713  -5.45158  1.000 25.05000 ? 283 PHE A CG  1 
ATOM   1185 C CD1 . PHE A 1 174 ? -2.83268  -9.52305  -4.18861  1.000 28.62000 ? 283 PHE A CD1 1 
ATOM   1186 C CD2 . PHE A 1 174 ? -3.07639  -8.03474  -6.02889  1.000 26.76000 ? 283 PHE A CD2 1 
ATOM   1187 C CE1 . PHE A 1 174 ? -3.84045  -8.84274  -3.51865  1.000 29.48000 ? 283 PHE A CE1 1 
ATOM   1188 C CE2 . PHE A 1 174 ? -4.09062  -7.36321  -5.36272  1.000 28.35000 ? 283 PHE A CE2 1 
ATOM   1189 C CZ  . PHE A 1 174 ? -4.47064  -7.76715  -4.11763  1.000 28.22000 ? 283 PHE A CZ  1 
ATOM   1190 N N   . TYR A 1 175 ? -2.32025  -10.60601 -9.06882  1.000 24.94000 ? 284 TYR A N   1 
ATOM   1191 C CA  . TYR A 1 175 ? -3.25652  -10.47264 -10.18435 1.000 24.17000 ? 284 TYR A CA  1 
ATOM   1192 C C   . TYR A 1 175 ? -3.88282  -11.81306 -10.54464 1.000 31.14000 ? 284 TYR A C   1 
ATOM   1193 O O   . TYR A 1 175 ? -5.10246  -11.91406 -10.73219 1.000 31.13000 ? 284 TYR A O   1 
ATOM   1194 C CB  . TYR A 1 175 ? -2.51363  -9.89474  -11.38151 1.000 27.07000 ? 284 TYR A CB  1 
ATOM   1195 C CG  . TYR A 1 175 ? -3.37561  -9.69046  -12.60156 1.000 26.39000 ? 284 TYR A CG  1 
ATOM   1196 C CD1 . TYR A 1 175 ? -4.43245  -8.79713  -12.57897 1.000 29.45000 ? 284 TYR A CD1 1 
ATOM   1197 C CD2 . TYR A 1 175 ? -3.12140  -10.38626 -13.77154 1.000 30.91000 ? 284 TYR A CD2 1 
ATOM   1198 C CE1 . TYR A 1 175 ? -5.22950  -8.60461  -13.70180 1.000 30.38000 ? 284 TYR A CE1 1 
ATOM   1199 C CE2 . TYR A 1 175 ? -3.90726  -10.19413 -14.90090 1.000 30.54000 ? 284 TYR A CE2 1 
ATOM   1200 C CZ  . TYR A 1 175 ? -4.95380  -9.30878  -14.85283 1.000 30.00000 ? 284 TYR A CZ  1 
ATOM   1201 O OH  . TYR A 1 175 ? -5.73641  -9.11337  -15.97530 1.000 34.64000 ? 284 TYR A OH  1 
ATOM   1202 N N   . THR A 1 176 ? -3.05294  -12.85255 -10.66696 1.000 32.21000 ? 285 THR A N   1 
ATOM   1203 C CA  . THR A 1 176 ? -3.52321  -14.16193 -11.11949 1.000 34.14000 ? 285 THR A CA  1 
ATOM   1204 C C   . THR A 1 176 ? -4.61476  -14.68964 -10.21020 1.000 34.67000 ? 285 THR A C   1 
ATOM   1205 O O   . THR A 1 176 ? -5.61954  -15.24160 -10.67483 1.000 37.61000 ? 285 THR A O   1 
ATOM   1206 C CB  . THR A 1 176 ? -2.36316  -15.16750 -11.14715 1.000 35.50000 ? 285 THR A CB  1 
ATOM   1207 O OG1 . THR A 1 176 ? -1.33657  -14.70454 -12.02724 1.000 39.53000 ? 285 THR A OG1 1 
ATOM   1208 C CG2 . THR A 1 176 ? -2.84931  -16.52106 -11.66431 1.000 40.82000 ? 285 THR A CG2 1 
ATOM   1209 N N   . THR A 1 177 ? -4.43308  -14.52810 -8.90741  1.000 33.27000 ? 286 THR A N   1 
ATOM   1210 C CA  . THR A 1 177 ? -5.30227  -15.13915 -7.92729  1.000 34.87000 ? 286 THR A CA  1 
ATOM   1211 C C   . THR A 1 177 ? -6.44012  -14.21979 -7.50771  1.000 37.32000 ? 286 THR A C   1 
ATOM   1212 O O   . THR A 1 177 ? -7.07673  -14.47200 -6.48376  1.000 39.22000 ? 286 THR A O   1 
ATOM   1213 C CB  . THR A 1 177 ? -4.46728  -15.59828 -6.72030  1.000 38.94000 ? 286 THR A CB  1 
ATOM   1214 O OG1 . THR A 1 177 ? -3.89491  -14.45937 -6.05230  1.000 36.01000 ? 286 THR A OG1 1 
ATOM   1215 C CG2 . THR A 1 177 ? -3.34233  -16.54620 -7.16974  1.000 39.37000 ? 286 THR A CG2 1 
ATOM   1216 N N   . ASP A 1 178 ? -6.73344  -13.18240 -8.29836  1.000 37.96000 ? 287 ASP A N   1 
ATOM   1217 C CA  . ASP A 1 178 ? -7.79145  -12.21427 -7.98318  1.000 38.54000 ? 287 ASP A CA  1 
ATOM   1218 C C   . ASP A 1 178 ? -7.70451  -11.69270 -6.54724  1.000 38.44000 ? 287 ASP A C   1 
ATOM   1219 O O   . ASP A 1 178 ? -8.71189  -11.57622 -5.84897  1.000 38.49000 ? 287 ASP A O   1 
ATOM   1220 C CB  . ASP A 1 178 ? -9.18198  -12.80411 -8.24159  1.000 44.00000 ? 287 ASP A CB  1 
ATOM   1221 C CG  . ASP A 1 178 ? -9.41915  -13.17329 -9.71412  1.000 52.72000 ? 287 ASP A CG  1 
ATOM   1222 O OD1 . ASP A 1 178 ? -8.46804  -13.12356 -10.53869 1.000 48.27000 ? 287 ASP A OD1 1 
ATOM   1223 O OD2 . ASP A 1 178 ? -10.59166 -13.48119 -10.05734 1.000 59.65000 ? 287 ASP A OD2 1 
ATOM   1224 N N   . GLY A 1 179 ? -6.48869  -11.38173 -6.08717  1.000 38.11000 ? 288 GLY A N   1 
ATOM   1225 C CA  . GLY A 1 179 ? -6.33527  -10.72864 -4.79390  1.000 35.26000 ? 288 GLY A CA  1 
ATOM   1226 C C   . GLY A 1 179 ? -6.55602  -11.59641 -3.56642  1.000 39.16000 ? 288 GLY A C   1 
ATOM   1227 O O   . GLY A 1 179 ? -6.48741  -11.07989 -2.44138  1.000 38.91000 ? 288 GLY A O   1 
ATOM   1228 N N   . LYS A 1 180 ? -6.84491  -12.88230 -3.73395  1.000 40.68000 ? 289 LYS A N   1 
ATOM   1229 C CA  . LYS A 1 180 ? -6.87876  -13.84060 -2.63584  1.000 42.33000 ? 289 LYS A CA  1 
ATOM   1230 C C   . LYS A 1 180 ? -5.65768  -14.72090 -2.84148  1.000 43.41000 ? 289 LYS A C   1 
ATOM   1231 O O   . LYS A 1 180 ? -5.55137  -15.39821 -3.86695  1.000 48.57000 ? 289 LYS A O   1 
ATOM   1232 C CB  . LYS A 1 180 ? -8.16166  -14.67884 -2.65420  1.000 46.80000 ? 289 LYS A CB  1 
ATOM   1233 C CG  . LYS A 1 180 ? -8.47596  -15.32647 -4.01575  1.000 49.91000 ? 289 LYS A CG  1 
ATOM   1234 C CD  . LYS A 1 180 ? -9.94694  -15.62661 -4.31800  1.000 53.31000 ? 289 LYS A CD  1 
ATOM   1235 C CE  . LYS A 1 180 ? -10.07149 -16.27519 -5.71821  1.000 55.18000 ? 289 LYS A CE  1 
ATOM   1236 N NZ  . LYS A 1 180 ? -11.24186 -15.82569 -6.54470  1.000 57.02000 ? 289 LYS A NZ  1 
ATOM   1237 N N   . VAL A 1 181 ? -4.71173  -14.68899 -1.91101  1.000 42.25000 ? 290 VAL A N   1 
ATOM   1238 C CA  . VAL A 1 181 ? -3.45296  -15.38597 -2.17552  1.000 40.83000 ? 290 VAL A CA  1 
ATOM   1239 C C   . VAL A 1 181 ? -3.72385  -16.88240 -2.03406  1.000 40.93000 ? 290 VAL A C   1 
ATOM   1240 O O   . VAL A 1 181 ? -3.90309  -17.38845 -0.93124  1.000 44.17000 ? 290 VAL A O   1 
ATOM   1241 C CB  . VAL A 1 181 ? -2.32888  -14.90986 -1.25892  1.000 37.13000 ? 290 VAL A CB  1 
ATOM   1242 C CG1 . VAL A 1 181 ? -0.99528  -15.45855 -1.74559  1.000 35.36000 ? 290 VAL A CG1 1 
ATOM   1243 C CG2 . VAL A 1 181 ? -2.29297  -13.40095 -1.26258  1.000 38.07000 ? 290 VAL A CG2 1 
ATOM   1244 N N   . SER A 1 182 ? -3.81440  -17.58584 -3.15752  1.000 40.57000 ? 291 SER A N   1 
ATOM   1245 C CA  . SER A 1 182 ? -4.16927  -18.99900 -3.16278  1.000 40.41000 ? 291 SER A CA  1 
ATOM   1246 C C   . SER A 1 182 ? -3.02159  -19.83344 -3.69739  1.000 38.07000 ? 291 SER A C   1 
ATOM   1247 O O   . SER A 1 182 ? -2.56059  -19.62132 -4.82558  1.000 35.55000 ? 291 SER A O   1 
ATOM   1248 C CB  . SER A 1 182 ? -5.40230  -19.28453 -4.01450  1.000 41.37000 ? 291 SER A CB  1 
ATOM   1249 O OG  . SER A 1 182 ? -5.66573  -20.68004 -3.98516  1.000 44.28000 ? 291 SER A OG  1 
ATOM   1250 N N   . LEU A 1 183 ? -2.60685  -20.81690 -2.91330  1.000 38.38000 ? 292 LEU A N   1 
ATOM   1251 C CA  . LEU A 1 183 ? -1.54936  -21.70788 -3.35436  1.000 35.83000 ? 292 LEU A CA  1 
ATOM   1252 C C   . LEU A 1 183 ? -2.06560  -22.85249 -4.21887  1.000 36.92000 ? 292 LEU A C   1 
ATOM   1253 O O   . LEU A 1 183 ? -1.28433  -23.74595 -4.55817  1.000 36.07000 ? 292 LEU A O   1 
ATOM   1254 C CB  . LEU A 1 183 ? -0.78375  -22.22470 -2.14208  1.000 32.66000 ? 292 LEU A CB  1 
ATOM   1255 C CG  . LEU A 1 183 ? 0.28901   -21.22797 -1.67578  1.000 33.66000 ? 292 LEU A CG  1 
ATOM   1256 C CD1 . LEU A 1 183 ? -0.31831  -20.00618 -1.00085  1.000 34.92000 ? 292 LEU A CD1 1 
ATOM   1257 C CD2 . LEU A 1 183 ? 1.27628   -21.91772 -0.74024  1.000 34.76000 ? 292 LEU A CD2 1 
ATOM   1258 N N   . LYS A 1 184 ? -3.35352  -22.83308 -4.60074  1.000 37.46000 ? 293 LYS A N   1 
ATOM   1259 C CA  . LYS A 1 184 ? -3.81389  -23.68167 -5.69636  1.000 39.10000 ? 293 LYS A CA  1 
ATOM   1260 C C   . LYS A 1 184 ? -3.20289  -23.24498 -7.01779  1.000 36.95000 ? 293 LYS A C   1 
ATOM   1261 O O   . LYS A 1 184 ? -3.09632  -24.04768 -7.95382  1.000 40.02000 ? 293 LYS A O   1 
ATOM   1262 C CB  . LYS A 1 184 ? -5.34522  -23.64435 -5.79814  1.000 42.37000 ? 293 LYS A CB  1 
ATOM   1263 C CG  . LYS A 1 184 ? -6.07339  -24.22898 -4.59832  1.000 45.81000 ? 293 LYS A CG  1 
ATOM   1264 C CD  . LYS A 1 184 ? -7.57532  -24.39086 -4.87008  1.000 50.83000 ? 293 LYS A CD  1 
ATOM   1265 C CE  . LYS A 1 184 ? -8.39321  -23.34540 -4.10396  1.000 54.38000 ? 293 LYS A CE  1 
ATOM   1266 N NZ  . LYS A 1 184 ? -8.32609  -23.56635 -2.61637  1.000 59.39000 ? 293 LYS A NZ  1 
ATOM   1267 N N   . ASP A 1 185 ? -2.82961  -21.97189 -7.11859  1.000 34.41000 ? 294 ASP A N   1 
ATOM   1268 C CA  . ASP A 1 185 ? -2.06748  -21.47835 -8.25657  1.000 36.56000 ? 294 ASP A CA  1 
ATOM   1269 C C   . ASP A 1 185 ? -0.63147  -21.98780 -8.15633  1.000 34.47000 ? 294 ASP A C   1 
ATOM   1270 O O   . ASP A 1 185 ? 0.04395   -21.73273 -7.15619  1.000 33.55000 ? 294 ASP A O   1 
ATOM   1271 C CB  . ASP A 1 185 ? -2.10713  -19.95041 -8.27139  1.000 34.20000 ? 294 ASP A CB  1 
ATOM   1272 C CG  . ASP A 1 185 ? -1.26315  -19.35994 -9.36998  1.000 37.38000 ? 294 ASP A CG  1 
ATOM   1273 O OD1 . ASP A 1 185 ? -1.57996  -19.59051 -10.54977 1.000 35.61000 ? 294 ASP A OD1 1 
ATOM   1274 O OD2 . ASP A 1 185 ? -0.26126  -18.66936 -9.05553  1.000 34.73000 ? 294 ASP A OD2 1 
ATOM   1275 N N   . ARG A 1 186 ? -0.16959  -22.68661 -9.19978  1.000 33.27000 ? 295 ARG A N   1 
ATOM   1276 C CA  . ARG A 1 186 ? 1.16611   -23.28900 -9.19591  1.000 35.23000 ? 295 ARG A CA  1 
ATOM   1277 C C   . ARG A 1 186 ? 2.26304   -22.26134 -8.90927  1.000 34.73000 ? 295 ARG A C   1 
ATOM   1278 O O   . ARG A 1 186 ? 3.16527   -22.50227 -8.09352  1.000 32.21000 ? 295 ARG A O   1 
ATOM   1279 C CB  . ARG A 1 186 ? 1.42143   -23.95830 -10.54561 1.000 36.73000 ? 295 ARG A CB  1 
ATOM   1280 C CG  . ARG A 1 186 ? 2.79112   -24.60548 -10.71164 1.000 40.42000 ? 295 ARG A CG  1 
ATOM   1281 C CD  . ARG A 1 186 ? 3.00900   -24.90528 -12.19861 1.000 39.17000 ? 295 ARG A CD  1 
ATOM   1282 N NE  . ARG A 1 186 ? 4.18797   -25.72962 -12.44635 1.000 50.24000 ? 295 ARG A NE  1 
ATOM   1283 C CZ  . ARG A 1 186 ? 4.32615   -26.56393 -13.47205 1.000 48.42000 ? 295 ARG A CZ  1 
ATOM   1284 N NH1 . ARG A 1 186 ? 3.34468   -26.76439 -14.34202 1.000 46.07000 ? 295 ARG A NH1 1 
ATOM   1285 N NH2 . ARG A 1 186 ? 5.48146   -27.20605 -13.63326 1.000 50.25000 ? 295 ARG A NH2 1 
ATOM   1286 N N   . SER A 1 187 ? 2.21330   -21.11659 -9.59327  1.000 31.29000 ? 296 SER A N   1 
ATOM   1287 C CA  . SER A 1 187 ? 3.28568   -20.13445 -9.46931  1.000 32.83000 ? 296 SER A CA  1 
ATOM   1288 C C   . SER A 1 187 ? 3.31034   -19.50279 -8.07992  1.000 30.10000 ? 296 SER A C   1 
ATOM   1289 O O   . SER A 1 187 ? 4.38875   -19.21127 -7.54234  1.000 30.76000 ? 296 SER A O   1 
ATOM   1290 C CB  . SER A 1 187 ? 3.13045   -19.06385 -10.54715 1.000 31.40000 ? 296 SER A CB  1 
ATOM   1291 O OG  . SER A 1 187 ? 3.34902   -19.62110 -11.83431 1.000 37.68000 ? 296 SER A OG  1 
ATOM   1292 N N   . THR A 1 188 ? 2.14068   -19.28105 -7.47734  1.000 27.27000 ? 297 THR A N   1 
ATOM   1293 C CA  . THR A 1 188 ? 2.11842   -18.77623 -6.11198  1.000 26.26000 ? 297 THR A CA  1 
ATOM   1294 C C   . THR A 1 188 ? 2.69525   -19.79914 -5.15017  1.000 29.82000 ? 297 THR A C   1 
ATOM   1295 O O   . THR A 1 188 ? 3.48939   -19.45330 -4.27090  1.000 28.71000 ? 297 THR A O   1 
ATOM   1296 C CB  . THR A 1 188 ? 0.69973   -18.42008 -5.69510  1.000 28.70000 ? 297 THR A CB  1 
ATOM   1297 O OG1 . THR A 1 188 ? 0.17198   -17.46903 -6.62790  1.000 30.78000 ? 297 THR A OG1 1 
ATOM   1298 C CG2 . THR A 1 188 ? 0.67840   -17.85070 -4.28765  1.000 28.40000 ? 297 THR A CG2 1 
ATOM   1299 N N   . ARG A 1 189 ? 2.29559   -21.06371 -5.29744  1.000 29.98000 ? 298 ARG A N   1 
ATOM   1300 C CA  . ARG A 1 189 ? 2.84519   -22.10382 -4.42867  1.000 29.86000 ? 298 ARG A CA  1 
ATOM   1301 C C   . ARG A 1 189 ? 4.35918   -22.19545 -4.58475  1.000 32.16000 ? 298 ARG A C   1 
ATOM   1302 O O   . ARG A 1 189 ? 5.09011   -22.37125 -3.59761  1.000 31.52000 ? 298 ARG A O   1 
ATOM   1303 C CB  . ARG A 1 189 ? 2.18081   -23.44474 -4.73874  1.000 29.20000 ? 298 ARG A CB  1 
ATOM   1304 C CG  . ARG A 1 189 ? 2.52558   -24.56601 -3.74530  1.000 34.86000 ? 298 ARG A CG  1 
ATOM   1305 C CD  . ARG A 1 189 ? 1.67174   -25.80195 -4.04359  1.000 33.73000 ? 298 ARG A CD  1 
ATOM   1306 N NE  . ARG A 1 189 ? 1.87812   -26.32466 -5.39106  1.000 32.43000 ? 298 ARG A NE  1 
ATOM   1307 C CZ  . ARG A 1 189 ? 0.96570   -26.31912 -6.35115  1.000 32.89000 ? 298 ARG A CZ  1 
ATOM   1308 N NH1 . ARG A 1 189 ? -0.21493  -25.74981 -6.17718  1.000 37.40000 ? 298 ARG A NH1 1 
ATOM   1309 N NH2 . ARG A 1 189 ? 1.24674   -26.88368 -7.52292  1.000 35.63000 ? 298 ARG A NH2 1 
ATOM   1310 N N   . GLN A 1 190 ? 4.84707   -22.02990 -5.81776  1.000 31.67000 ? 299 GLN A N   1 
ATOM   1311 C CA  . GLN A 1 190 ? 6.27610   -22.12898 -6.08215  1.000 34.95000 ? 299 GLN A CA  1 
ATOM   1312 C C   . GLN A 1 190 ? 7.01992   -20.99029 -5.40033  1.000 36.46000 ? 299 GLN A C   1 
ATOM   1313 O O   . GLN A 1 190 ? 8.08025   -21.19534 -4.79696  1.000 34.73000 ? 299 GLN A O   1 
ATOM   1314 C CB  . GLN A 1 190 ? 6.53049   -22.08631 -7.58759  1.000 34.92000 ? 299 GLN A CB  1 
ATOM   1315 C CG  . GLN A 1 190 ? 7.79449   -22.75426 -7.97134  1.000 42.97000 ? 299 GLN A CG  1 
ATOM   1316 C CD  . GLN A 1 190 ? 7.74404   -24.21258 -7.51620  1.000 46.15000 ? 299 GLN A CD  1 
ATOM   1317 O OE1 . GLN A 1 190 ? 6.74529   -24.90383 -7.71932  1.000 49.39000 ? 299 GLN A OE1 1 
ATOM   1318 N NE2 . GLN A 1 190 ? 8.77785   -24.65781 -6.85555  1.000 49.38000 ? 299 GLN A NE2 1 
ATOM   1319 N N   . TYR A 1 191 ? 6.46321   -19.78253 -5.47675  1.000 30.47000 ? 300 TYR A N   1 
ATOM   1320 C CA  . TYR A 1 191 ? 7.03890   -18.63500 -4.78949  1.000 30.51000 ? 300 TYR A CA  1 
ATOM   1321 C C   . TYR A 1 191 ? 7.23612   -18.92324 -3.30035  1.000 35.79000 ? 300 TYR A C   1 
ATOM   1322 O O   . TYR A 1 191 ? 8.31638   -18.68784 -2.73599  1.000 35.22000 ? 300 TYR A O   1 
ATOM   1323 C CB  . TYR A 1 191 ? 6.12815   -17.42506 -5.01251  1.000 29.98000 ? 300 TYR A CB  1 
ATOM   1324 C CG  . TYR A 1 191 ? 6.42287   -16.27157 -4.11614  1.000 31.20000 ? 300 TYR A CG  1 
ATOM   1325 C CD1 . TYR A 1 191 ? 7.45833   -15.38593 -4.40592  1.000 32.90000 ? 300 TYR A CD1 1 
ATOM   1326 C CD2 . TYR A 1 191 ? 5.67563   -16.06195 -2.96666  1.000 32.45000 ? 300 TYR A CD2 1 
ATOM   1327 C CE1 . TYR A 1 191 ? 7.73675   -14.32111 -3.56332  1.000 32.73000 ? 300 TYR A CE1 1 
ATOM   1328 C CE2 . TYR A 1 191 ? 5.95284   -15.01081 -2.11857  1.000 30.90000 ? 300 TYR A CE2 1 
ATOM   1329 C CZ  . TYR A 1 191 ? 6.97088   -14.13609 -2.43203  1.000 31.83000 ? 300 TYR A CZ  1 
ATOM   1330 O OH  . TYR A 1 191 ? 7.23615   -13.08689 -1.58100  1.000 37.03000 ? 300 TYR A OH  1 
ATOM   1331 N N   . TYR A 1 192 ? 6.20254   -19.44928 -2.64241  1.000 33.22000 ? 301 TYR A N   1 
ATOM   1332 C CA  . TYR A 1 192 ? 6.33180   -19.73169 -1.21521  1.000 32.66000 ? 301 TYR A CA  1 
ATOM   1333 C C   . TYR A 1 192 ? 7.25610   -20.91257 -0.95114  1.000 37.18000 ? 301 TYR A C   1 
ATOM   1334 O O   . TYR A 1 192 ? 7.90020   -20.96344 0.10600   1.000 40.39000 ? 301 TYR A O   1 
ATOM   1335 C CB  . TYR A 1 192 ? 4.96031   -19.98119 -0.58599  1.000 32.19000 ? 301 TYR A CB  1 
ATOM   1336 C CG  . TYR A 1 192 ? 4.22326   -18.69044 -0.37498  1.000 31.46000 ? 301 TYR A CG  1 
ATOM   1337 C CD1 . TYR A 1 192 ? 4.60133   -17.81776 0.62631   1.000 31.13000 ? 301 TYR A CD1 1 
ATOM   1338 C CD2 . TYR A 1 192 ? 3.18033   -18.32256 -1.21923  1.000 31.43000 ? 301 TYR A CD2 1 
ATOM   1339 C CE1 . TYR A 1 192 ? 3.94549   -16.62001 0.80750   1.000 30.75000 ? 301 TYR A CE1 1 
ATOM   1340 C CE2 . TYR A 1 192 ? 2.52294   -17.13559 -1.04738  1.000 29.89000 ? 301 TYR A CE2 1 
ATOM   1341 C CZ  . TYR A 1 192 ? 2.89901   -16.29056 -0.03804  1.000 29.42000 ? 301 TYR A CZ  1 
ATOM   1342 O OH  . TYR A 1 192 ? 2.23254   -15.10265 0.12706   1.000 33.18000 ? 301 TYR A OH  1 
ATOM   1343 N N   . MET A 1 193 ? 7.31648   -21.88115 -1.85000  1.000 34.20000 ? 302 MET A N   1 
ATOM   1344 C CA  . MET A 1 193 ? 8.18664   -23.05940 -1.62066  1.000 38.74000 ? 302 MET A CA  1 
ATOM   1345 C C   . MET A 1 193 ? 9.65057   -22.60436 -1.67140  1.000 43.95000 ? 302 MET A C   1 
ATOM   1346 O O   . MET A 1 193 ? 10.43472  -23.08284 -0.84942  1.000 46.68000 ? 302 MET A O   1 
ATOM   1347 C CB  . MET A 1 193 ? 7.94988   -24.15066 -2.66523  1.000 36.13000 ? 302 MET A CB  1 
ATOM   1348 C CG  . MET A 1 193 ? 6.70798   -24.98875 -2.43061  1.000 39.43000 ? 302 MET A CG  1 
ATOM   1349 S SD  . MET A 1 193 ? 6.97072   -26.31768 -1.23446  1.000 51.04000 ? 302 MET A SD  1 
ATOM   1350 C CE  . MET A 1 193 ? 8.42319   -27.09897 -1.93211  1.000 46.58000 ? 302 MET A CE  1 
ATOM   1351 N N   . GLU A 1 194 ? 9.97874   -21.68557 -2.57594  1.000 43.11000 ? 303 GLU A N   1 
ATOM   1352 C CA  . GLU A 1 194 ? 11.38686  -21.25553 -2.78443  1.000 46.93000 ? 303 GLU A CA  1 
ATOM   1353 C C   . GLU A 1 194 ? 11.87944  -20.43328 -1.60082  1.000 47.71000 ? 303 GLU A C   1 
ATOM   1354 O O   . GLU A 1 194 ? 13.09357  -20.37983 -1.38188  1.000 54.84000 ? 303 GLU A O   1 
ATOM   1355 C CB  . GLU A 1 194 ? 11.50457  -20.52107 -4.11572  1.000 51.88000 ? 303 GLU A CB  1 
ATOM   1356 C CG  . GLU A 1 194 ? 11.43264  -21.45745 -5.30681  1.000 56.37000 ? 303 GLU A CG  1 
ATOM   1357 C CD  . GLU A 1 194 ? 11.26460  -20.80807 -6.66983  1.000 71.68000 ? 303 GLU A CD  1 
ATOM   1358 O OE1 . GLU A 1 194 ? 10.75779  -19.66860 -6.73166  1.000 75.85000 ? 303 GLU A OE1 1 
ATOM   1359 O OE2 . GLU A 1 194 ? 11.63388  -21.45089 -7.67043  1.000 74.39000 ? 303 GLU A OE2 1 
ATOM   1360 N N   . ARG A 1 195 ? 10.96056  -19.83955 -0.85851  1.000 47.28000 ? 304 ARG A N   1 
ATOM   1361 C CA  . ARG A 1 195 ? 11.32284  -19.01565 0.31310   1.000 49.01000 ? 304 ARG A CA  1 
ATOM   1362 C C   . ARG A 1 195 ? 11.78399  -19.93886 1.43722   1.000 52.46000 ? 304 ARG A C   1 
ATOM   1363 O O   . ARG A 1 195 ? 12.45164  -19.44894 2.35660   1.000 57.74000 ? 304 ARG A O   1 
ATOM   1364 C CB  . ARG A 1 195 ? 10.08893  -18.24083 0.77314   1.000 45.29000 ? 304 ARG A CB  1 
ATOM   1365 C CG  . ARG A 1 195 ? 9.59798   -17.19044 -0.20644  1.000 41.96000 ? 304 ARG A CG  1 
ATOM   1366 C CD  . ARG A 1 195 ? 8.56565   -16.27260 0.41230   1.000 41.50000 ? 304 ARG A CD  1 
ATOM   1367 N NE  . ARG A 1 195 ? 8.94025   -15.80815 1.73908   1.000 43.51000 ? 304 ARG A NE  1 
ATOM   1368 C CZ  . ARG A 1 195 ? 9.80297   -14.83093 1.98433   1.000 42.34000 ? 304 ARG A CZ  1 
ATOM   1369 N NH1 . ARG A 1 195 ? 10.38542  -14.19791 0.98330   1.000 41.54000 ? 304 ARG A NH1 1 
ATOM   1370 N NH2 . ARG A 1 195 ? 10.06970  -14.48075 3.22819   1.000 37.95000 ? 304 ARG A NH2 1 
HETATM 1371 V V   . VO4 B 2 .   ? 10.91449  2.14230   -0.98277  1.000 27.06000 ? 401 VO4 A V   1 
HETATM 1372 O O1  . VO4 B 2 .   ? 10.80871  3.12350   -2.57700  1.000 27.62000 ? 401 VO4 A O1  1 
HETATM 1373 O O2  . VO4 B 2 .   ? 10.50234  0.33328   -0.91372  1.000 25.42000 ? 401 VO4 A O2  1 
HETATM 1374 O O3  . VO4 B 2 .   ? 11.84634  2.85615   0.50931   1.000 28.54000 ? 401 VO4 A O3  1 
HETATM 1375 O O4  . VO4 B 2 .   ? 12.64201  1.51000   -1.54934  1.000 35.50000 ? 401 VO4 A O4  1 
HETATM 1376 C C1  . EDO C 3 .   ? 13.22009  0.47442   6.13317   1.000 31.82000 ? 402 EDO A C1  1 
HETATM 1377 O O1  . EDO C 3 .   ? 13.33772  -0.89183  5.72836   1.000 36.14000 ? 402 EDO A O1  1 
HETATM 1378 C C2  . EDO C 3 .   ? 14.41185  1.26863   5.61696   1.000 35.85000 ? 402 EDO A C2  1 
HETATM 1379 O O2  . EDO C 3 .   ? 14.20146  1.54123   4.21397   1.000 31.95000 ? 402 EDO A O2  1 
HETATM 1380 O O   . HOH D 4 .   ? 6.95856   -26.76877 -6.10864  1.000 30.00000 ? 501 HOH A O   1 
HETATM 1381 O O   . HOH D 4 .   ? -7.81884  -7.73385  -15.79964 1.000 39.74000 ? 502 HOH A O   1 
HETATM 1382 O O   . HOH D 4 .   ? -12.05409 1.44171   -1.93077  1.000 33.35000 ? 503 HOH A O   1 
HETATM 1383 O O   . HOH D 4 .   ? -7.54660  -14.42619 -12.54286 0.50  43.82000 ? 504 HOH A O   1 
HETATM 1384 O O   . HOH D 4 .   ? -6.92071  13.55797  1.60795   1.000 30.00000 ? 505 HOH A O   1 
HETATM 1385 O O   . HOH D 4 .   ? 12.22085  -3.19402  -11.41169 1.000 41.86000 ? 506 HOH A O   1 
HETATM 1386 O O   . HOH D 4 .   ? -7.96599  4.51591   15.02324  1.000 30.00000 ? 507 HOH A O   1 
HETATM 1387 O O   . HOH D 4 .   ? -4.17973  6.58987   16.48037  1.000 43.75000 ? 508 HOH A O   1 
HETATM 1388 O O   . HOH D 4 .   ? -0.36178  -0.89577  15.43911  1.000 34.92000 ? 509 HOH A O   1 
HETATM 1389 O O   . HOH D 4 .   ? 4.20539   12.58905  11.12195  1.000 38.81000 ? 510 HOH A O   1 
HETATM 1390 O O   . HOH D 4 .   ? -6.46718  9.57892   -10.78323 1.000 27.82000 ? 511 HOH A O   1 
HETATM 1391 O O   . HOH D 4 .   ? 10.16639  11.96689  -3.11207  1.000 31.70000 ? 512 HOH A O   1 
HETATM 1392 O O   . HOH D 4 .   ? 0.33903   -20.65750 -12.02870 1.000 36.20000 ? 513 HOH A O   1 
HETATM 1393 O O   . HOH D 4 .   ? 12.25279  -5.50399  -2.96272  1.000 29.52000 ? 514 HOH A O   1 
HETATM 1394 O O   . HOH D 4 .   ? -2.76004  -10.01199 3.91906   1.000 29.10000 ? 515 HOH A O   1 
HETATM 1395 O O   . HOH D 4 .   ? -11.85855 8.10589   -2.08068  1.000 30.81000 ? 516 HOH A O   1 
HETATM 1396 O O   . HOH D 4 .   ? 4.74999   3.04796   12.78826  1.000 28.82000 ? 517 HOH A O   1 
HETATM 1397 O O   . HOH D 4 .   ? 6.73672   -10.40027 4.93594   1.000 33.80000 ? 518 HOH A O   1 
HETATM 1398 O O   . HOH D 4 .   ? -15.12024 1.68604   6.37992   1.000 35.86000 ? 519 HOH A O   1 
HETATM 1399 O O   . HOH D 4 .   ? 6.34765   2.66316   10.63852  1.000 28.34000 ? 520 HOH A O   1 
HETATM 1400 O O   . HOH D 4 .   ? -2.58106  14.18335  -8.18353  1.000 40.95000 ? 521 HOH A O   1 
HETATM 1401 O O   . HOH D 4 .   ? -6.69703  17.00127  -3.23911  1.000 42.74000 ? 522 HOH A O   1 
HETATM 1402 O O   . HOH D 4 .   ? 10.11278  -9.42290  -12.03402 1.000 34.76000 ? 523 HOH A O   1 
HETATM 1403 O O   . HOH D 4 .   ? 16.34828  -3.57966  7.67587   1.000 40.21000 ? 524 HOH A O   1 
HETATM 1404 O O   . HOH D 4 .   ? -7.12262  -6.84765  -11.36488 1.000 31.51000 ? 525 HOH A O   1 
HETATM 1405 O O   . HOH D 4 .   ? 14.00315  -1.48814  -5.13895  1.000 37.97000 ? 526 HOH A O   1 
HETATM 1406 O O   . HOH D 4 .   ? -13.64724 9.37182   -4.00716  1.000 31.70000 ? 527 HOH A O   1 
HETATM 1407 O O   . HOH D 4 .   ? 10.43113  -17.08523 -3.51749  1.000 39.70000 ? 528 HOH A O   1 
HETATM 1408 O O   . HOH D 4 .   ? 6.52006   -0.02259  9.78546   1.000 30.84000 ? 529 HOH A O   1 
HETATM 1409 O O   . HOH D 4 .   ? 10.32261  -13.16079 -6.82778  1.000 37.98000 ? 530 HOH A O   1 
HETATM 1410 O O   . HOH D 4 .   ? -2.77907  2.67167   -16.98659 1.000 36.10000 ? 531 HOH A O   1 
HETATM 1411 O O   . HOH D 4 .   ? -8.34360  -7.70194  0.46514   1.000 32.24000 ? 532 HOH A O   1 
HETATM 1412 O O   . HOH D 4 .   ? -5.14737  -11.15377 4.81604   1.000 39.50000 ? 533 HOH A O   1 
HETATM 1413 O O   . HOH D 4 .   ? 15.20690  -2.08813  2.55427   1.000 36.99000 ? 534 HOH A O   1 
HETATM 1414 O O   . HOH D 4 .   ? 13.07518  1.02014   -6.78604  1.000 41.86000 ? 535 HOH A O   1 
HETATM 1415 O O   . HOH D 4 .   ? -12.94182 -3.25870  7.40152   1.000 42.78000 ? 536 HOH A O   1 
HETATM 1416 O O   . HOH D 4 .   ? 18.13985  -7.42030  -1.59979  1.000 39.32000 ? 537 HOH A O   1 
HETATM 1417 O O   . HOH D 4 .   ? -12.13666 -3.50306  4.05569   1.000 35.73000 ? 538 HOH A O   1 
HETATM 1418 O O   . HOH D 4 .   ? 4.36413   -5.77761  9.99058   1.000 39.35000 ? 539 HOH A O   1 
HETATM 1419 O O   . HOH D 4 .   ? 6.73590   -18.18864 -8.75779  1.000 35.86000 ? 540 HOH A O   1 
HETATM 1420 O O   . HOH D 4 .   ? 14.66870  2.34428   0.25492   1.000 36.57000 ? 541 HOH A O   1 
HETATM 1421 O O   . HOH D 4 .   ? 3.23683   4.90332   15.71573  1.000 39.81000 ? 542 HOH A O   1 
HETATM 1422 O O   . HOH D 4 .   ? 10.80836  -12.07348 -2.42825  1.000 32.20000 ? 543 HOH A O   1 
HETATM 1423 O O   . HOH D 4 .   ? -8.76968  -7.73782  -3.87860  1.000 40.12000 ? 544 HOH A O   1 
HETATM 1424 O O   . HOH D 4 .   ? -13.12257 8.56122   0.09490   1.000 33.89000 ? 545 HOH A O   1 
HETATM 1425 O O   . HOH D 4 .   ? 6.19127   -24.79855 -10.52390 1.000 42.53000 ? 546 HOH A O   1 
HETATM 1426 O O   . HOH D 4 .   ? -2.85735  8.57598   -13.64144 1.000 34.87000 ? 547 HOH A O   1 
HETATM 1427 O O   . HOH D 4 .   ? 9.67258   -10.52802 4.05886   1.000 34.69000 ? 548 HOH A O   1 
HETATM 1428 O O   . HOH D 4 .   ? 5.99643   2.18343   16.34694  1.000 38.34000 ? 549 HOH A O   1 
HETATM 1429 O O   . HOH D 4 .   ? 13.99603  -8.05485  -6.50055  1.000 33.36000 ? 550 HOH A O   1 
HETATM 1430 O O   . HOH D 4 .   ? 9.23207   16.05397  6.77428   1.000 40.19000 ? 551 HOH A O   1 
HETATM 1431 O O   . HOH D 4 .   ? -7.32577  -8.36515  -1.89661  1.000 35.91000 ? 552 HOH A O   1 
HETATM 1432 O O   . HOH D 4 .   ? 3.29470   15.02734  3.49531   1.000 36.46000 ? 553 HOH A O   1 
HETATM 1433 O O   . HOH D 4 .   ? 11.42671  -7.82328  4.54212   1.000 35.50000 ? 554 HOH A O   1 
HETATM 1434 O O   . HOH D 4 .   ? -3.31873  16.28914  -5.19496  1.000 41.09000 ? 555 HOH A O   1 
HETATM 1435 O O   . HOH D 4 .   ? 15.08198  -5.41074  -8.43825  1.000 35.84000 ? 556 HOH A O   1 
HETATM 1436 O O   . HOH D 4 .   ? -6.62942  -12.46409 -13.18721 1.000 30.00000 ? 557 HOH A O   1 
HETATM 1437 O O   . HOH D 4 .   ? 11.13794  -14.68979 -1.82023  1.000 30.00000 ? 558 HOH A O   1 
HETATM 1438 O O   . HOH D 4 .   ? 12.71870  4.90251   -11.29605 1.000 30.00000 ? 559 HOH A O   1 
HETATM 1439 O O   . HOH D 4 .   ? 3.61498   11.84376  13.72831  1.000 37.16000 ? 560 HOH A O   1 
HETATM 1440 O O   . HOH D 4 .   ? -2.12567  -13.86558 3.03713   1.000 30.00000 ? 561 HOH A O   1 
HETATM 1441 O O   . HOH D 4 .   ? 0.63718   -16.89790 -11.48202 1.000 39.46000 ? 562 HOH A O   1 
HETATM 1442 O O   . HOH D 4 .   ? -14.56777 -2.25026  -7.50465  1.000 40.27000 ? 563 HOH A O   1 
HETATM 1443 O O   . HOH D 4 .   ? 1.16800   14.59444  -9.45138  1.000 44.28000 ? 564 HOH A O   1 
HETATM 1444 O O   . HOH D 4 .   ? -0.88717  15.31937  -5.86594  1.000 35.79000 ? 565 HOH A O   1 
HETATM 1445 O O   . HOH D 4 .   ? -9.80035  14.08175  3.36989   1.000 30.00000 ? 566 HOH A O   1 
HETATM 1446 O O   . HOH D 4 .   ? 0.46435   11.31017  20.34448  1.000 46.08000 ? 567 HOH A O   1 
HETATM 1447 O O   . HOH D 4 .   ? -0.64465  6.30843   15.97382  1.000 30.00000 ? 568 HOH A O   1 
HETATM 1448 O O   . HOH D 4 .   ? -12.53573 2.00671   11.35885  1.000 45.18000 ? 569 HOH A O   1 
HETATM 1449 O O   . HOH D 4 .   ? 7.09153   10.38629  13.08516  1.000 30.00000 ? 570 HOH A O   1 
HETATM 1450 O O   . HOH D 4 .   ? -3.30280  5.42433   -16.50105 1.000 42.54000 ? 571 HOH A O   1 
HETATM 1451 O O   . HOH D 4 .   ? -10.37500 -5.99037  -0.02416  1.000 33.91000 ? 572 HOH A O   1 
HETATM 1452 O O   . HOH D 4 .   ? 5.26514   16.22598  2.05851   1.000 40.13000 ? 573 HOH A O   1 
HETATM 1453 O O   . HOH D 4 .   ? 0.65680   4.51896   16.05294  1.000 44.07000 ? 574 HOH A O   1 
HETATM 1454 O O   . HOH D 4 .   ? -4.79787  -14.08732 -14.72226 0.50  30.00000 ? 575 HOH A O   1 
HETATM 1455 O O   . HOH D 4 .   ? -1.95630  1.91997   -19.23651 1.000 40.88000 ? 576 HOH A O   1 
# 
loop_
_pdbx_poly_seq_scheme.asym_id 
_pdbx_poly_seq_scheme.entity_id 
_pdbx_poly_seq_scheme.seq_id 
_pdbx_poly_seq_scheme.mon_id 
_pdbx_poly_seq_scheme.ndb_seq_num 
_pdbx_poly_seq_scheme.pdb_seq_num 
_pdbx_poly_seq_scheme.auth_seq_num 
_pdbx_poly_seq_scheme.pdb_mon_id 
_pdbx_poly_seq_scheme.auth_mon_id 
_pdbx_poly_seq_scheme.pdb_strand_id 
_pdbx_poly_seq_scheme.pdb_ins_code 
_pdbx_poly_seq_scheme.hetero 
A 1 1   LYS 1   110 ?   ?   ?   A . n 
A 1 2   GLU 2   111 ?   ?   ?   A . n 
A 1 3   ALA 3   112 ?   ?   ?   A . n 
A 1 4   MET 4   113 ?   ?   ?   A . n 
A 1 5   GLY 5   114 114 GLY GLY A . n 
A 1 6   HIS 6   115 115 HIS HIS A . n 
A 1 7   MET 7   116 116 MET MET A . n 
A 1 8   GLN 8   117 117 GLN GLN A . n 
A 1 9   GLU 9   118 118 GLU GLU A . n 
A 1 10  VAL 10  119 119 VAL VAL A . n 
A 1 11  VAL 11  120 120 VAL VAL A . n 
A 1 12  ASP 12  121 121 ASP ASP A . n 
A 1 13  GLY 13  122 122 GLY GLY A . n 
A 1 14  LEU 14  123 123 LEU LEU A . n 
A 1 15  TRP 15  124 124 TRP TRP A . n 
A 1 16  VAL 16  125 125 VAL VAL A . n 
A 1 17  GLY 17  126 126 GLY GLY A . n 
A 1 18  ASP 18  127 127 ASP ASP A . n 
A 1 19  LEU 19  128 128 LEU LEU A . n 
A 1 20  VAL 20  129 129 VAL VAL A . n 
A 1 21  ALA 21  130 130 ALA ALA A . n 
A 1 22  ALA 22  131 131 ALA ALA A . n 
A 1 23  ASN 23  132 132 ASN ASN A . n 
A 1 24  ASP 24  133 133 ASP ASP A . n 
A 1 25  ASP 25  134 134 ASP ASP A . n 
A 1 26  ASP 26  135 135 ASP ASP A . n 
A 1 27  GLU 27  136 136 GLU GLU A . n 
A 1 28  LEU 28  137 137 LEU LEU A . n 
A 1 29  GLU 29  138 138 GLU GLU A . n 
A 1 30  LYS 30  139 139 LYS LYS A . n 
A 1 31  ASN 31  140 140 ASN ASN A . n 
A 1 32  GLY 32  141 141 GLY GLY A . n 
A 1 33  ILE 33  142 142 ILE ILE A . n 
A 1 34  LYS 34  143 143 LYS LYS A . n 
A 1 35  ASN 35  144 144 ASN ASN A . n 
A 1 36  ILE 36  145 145 ILE ILE A . n 
A 1 37  LEU 37  146 146 LEU LEU A . n 
A 1 38  SER 38  147 147 SER SER A . n 
A 1 39  ALA 39  148 148 ALA ALA A . n 
A 1 40  LEU 40  149 149 LEU LEU A . n 
A 1 41  ARG 41  150 150 ARG ARG A . n 
A 1 42  PRO 42  151 151 PRO PRO A . n 
A 1 43  SER 43  152 152 SER SER A . n 
A 1 44  LEU 44  153 153 LEU LEU A . n 
A 1 45  LYS 45  154 154 LYS LYS A . n 
A 1 46  PHE 46  155 155 PHE PHE A . n 
A 1 47  SER 47  156 156 SER SER A . n 
A 1 48  ASP 48  157 157 ASP ASP A . n 
A 1 49  LYS 49  158 158 LYS LYS A . n 
A 1 50  TYR 50  159 159 TYR TYR A . n 
A 1 51  ALA 51  160 160 ALA ALA A . n 
A 1 52  VAL 52  161 161 VAL VAL A . n 
A 1 53  TYR 53  162 162 TYR TYR A . n 
A 1 54  PRO 54  163 163 PRO PRO A . n 
A 1 55  LEU 55  164 164 LEU LEU A . n 
A 1 56  GLU 56  165 165 GLU GLU A . n 
A 1 57  ILE 57  166 166 ILE ILE A . n 
A 1 58  ASP 58  167 167 ASP ASP A . n 
A 1 59  ASP 59  168 168 ASP ASP A . n 
A 1 60  SER 60  169 169 SER SER A . n 
A 1 61  ALA 61  170 170 ALA ALA A . n 
A 1 62  ASP 62  171 171 ASP ASP A . n 
A 1 63  THR 63  172 172 THR THR A . n 
A 1 64  ASP 64  173 173 ASP ASP A . n 
A 1 65  LEU 65  174 174 LEU LEU A . n 
A 1 66  LEU 66  175 175 LEU LEU A . n 
A 1 67  SER 67  176 176 SER SER A . n 
A 1 68  HIS 68  177 177 HIS HIS A . n 
A 1 69  LEU 69  178 178 LEU LEU A . n 
A 1 70  PRO 70  179 179 PRO PRO A . n 
A 1 71  SER 71  180 180 SER SER A . n 
A 1 72  CYS 72  181 181 CYS CYS A . n 
A 1 73  VAL 73  182 182 VAL VAL A . n 
A 1 74  ALA 74  183 183 ALA ALA A . n 
A 1 75  TRP 75  184 184 TRP TRP A . n 
A 1 76  ILE 76  185 185 ILE ILE A . n 
A 1 77  LYS 77  186 186 LYS LYS A . n 
A 1 78  GLU 78  187 187 GLU GLU A . n 
A 1 79  ILE 79  188 188 ILE ILE A . n 
A 1 80  LEU 80  189 189 LEU LEU A . n 
A 1 81  ASP 81  190 190 ASP ASP A . n 
A 1 82  LEU 82  191 191 LEU LEU A . n 
A 1 83  ARG 83  192 192 ARG ARG A . n 
A 1 84  GLN 84  193 193 GLN GLN A . n 
A 1 85  LYS 85  194 194 LYS LYS A . n 
A 1 86  ALA 86  195 195 ALA ALA A . n 
A 1 87  ALA 87  196 196 ALA ALA A . n 
A 1 88  GLU 88  197 ?   ?   ?   A . n 
A 1 89  PRO 89  198 ?   ?   ?   A . n 
A 1 90  SER 90  199 ?   ?   ?   A . n 
A 1 91  SER 91  200 ?   ?   ?   A . n 
A 1 92  GLN 92  201 ?   ?   ?   A . n 
A 1 93  LYS 93  202 ?   ?   ?   A . n 
A 1 94  ASN 94  203 ?   ?   ?   A . n 
A 1 95  GLY 95  204 ?   ?   ?   A . n 
A 1 96  THR 96  205 ?   ?   ?   A . n 
A 1 97  GLU 97  206 ?   ?   ?   A . n 
A 1 98  ASN 98  207 ?   ?   ?   A . n 
A 1 99  GLY 99  208 ?   ?   ?   A . n 
A 1 100 GLU 100 209 ?   ?   ?   A . n 
A 1 101 SER 101 210 ?   ?   ?   A . n 
A 1 102 LEU 102 211 ?   ?   ?   A . n 
A 1 103 LYS 103 212 ?   ?   ?   A . n 
A 1 104 ARG 104 213 213 ARG ARG A . n 
A 1 105 SER 105 214 214 SER SER A . n 
A 1 106 PRO 106 215 215 PRO PRO A . n 
A 1 107 ASP 107 216 216 ASP ASP A . n 
A 1 108 ILE 108 217 217 ILE ILE A . n 
A 1 109 ASP 109 218 218 ASP ASP A . n 
A 1 110 THR 110 219 219 THR THR A . n 
A 1 111 VAL 111 220 220 VAL VAL A . n 
A 1 112 ALA 112 221 221 ALA ALA A . n 
A 1 113 GLN 113 222 222 GLN GLN A . n 
A 1 114 PRO 114 223 223 PRO PRO A . n 
A 1 115 GLY 115 224 224 GLY GLY A . n 
A 1 116 LYS 116 225 225 LYS LYS A . n 
A 1 117 PRO 117 226 226 PRO PRO A . n 
A 1 118 GLY 118 227 227 GLY GLY A . n 
A 1 119 GLY 119 228 228 GLY GLY A . n 
A 1 120 VAL 120 229 229 VAL VAL A . n 
A 1 121 LEU 121 230 230 LEU LEU A . n 
A 1 122 VAL 122 231 231 VAL VAL A . n 
A 1 123 HIS 123 232 232 HIS HIS A . n 
A 1 124 CYS 124 233 233 CYS CYS A . n 
A 1 125 GLN 125 234 234 GLN GLN A . n 
A 1 126 ALA 126 235 235 ALA ALA A . n 
A 1 127 GLY 127 236 236 GLY GLY A . n 
A 1 128 MET 128 237 237 MET MET A . n 
A 1 129 SER 129 238 238 SER SER A . n 
A 1 130 ARG 130 239 239 ARG ARG A . n 
A 1 131 SER 131 240 240 SER SER A . n 
A 1 132 ALA 132 241 241 ALA ALA A . n 
A 1 133 SER 133 242 242 SER SER A . n 
A 1 134 ILE 134 243 243 ILE ILE A . n 
A 1 135 VAL 135 244 244 VAL VAL A . n 
A 1 136 ALA 136 245 245 ALA ALA A . n 
A 1 137 ALA 137 246 246 ALA ALA A . n 
A 1 138 TYR 138 247 247 TYR TYR A . n 
A 1 139 LEU 139 248 248 LEU LEU A . n 
A 1 140 MET 140 249 249 MET MET A . n 
A 1 141 SER 141 250 250 SER SER A . n 
A 1 142 GLN 142 251 251 GLN GLN A . n 
A 1 143 TYR 143 252 252 TYR TYR A . n 
A 1 144 ASP 144 253 253 ASP ASP A . n 
A 1 145 LEU 145 254 254 LEU LEU A . n 
A 1 146 ASP 146 255 255 ASP ASP A . n 
A 1 147 PRO 147 256 256 PRO PRO A . n 
A 1 148 MET 148 257 257 MET MET A . n 
A 1 149 GLU 149 258 258 GLU GLU A . n 
A 1 150 ALA 150 259 259 ALA ALA A . n 
A 1 151 MET 151 260 260 MET MET A . n 
A 1 152 THR 152 261 261 THR THR A . n 
A 1 153 MET 153 262 262 MET MET A . n 
A 1 154 ILE 154 263 263 ILE ILE A . n 
A 1 155 ARG 155 264 264 ARG ARG A . n 
A 1 156 GLU 156 265 265 GLU GLU A . n 
A 1 157 LYS 157 266 266 LYS LYS A . n 
A 1 158 ARG 158 267 267 ARG ARG A . n 
A 1 159 PRO 159 268 268 PRO PRO A . n 
A 1 160 VAL 160 269 269 VAL VAL A . n 
A 1 161 VAL 161 270 270 VAL VAL A . n 
A 1 162 GLU 162 271 271 GLU GLU A . n 
A 1 163 PRO 163 272 272 PRO PRO A . n 
A 1 164 SER 164 273 273 SER SER A . n 
A 1 165 ALA 165 274 274 ALA ALA A . n 
A 1 166 THR 166 275 275 THR THR A . n 
A 1 167 PHE 167 276 276 PHE PHE A . n 
A 1 168 TRP 168 277 277 TRP TRP A . n 
A 1 169 HIS 169 278 278 HIS HIS A . n 
A 1 170 GLN 170 279 279 GLN GLN A . n 
A 1 171 LEU 171 280 280 LEU LEU A . n 
A 1 172 GLY 172 281 281 GLY GLY A . n 
A 1 173 LEU 173 282 282 LEU LEU A . n 
A 1 174 PHE 174 283 283 PHE PHE A . n 
A 1 175 TYR 175 284 284 TYR TYR A . n 
A 1 176 THR 176 285 285 THR THR A . n 
A 1 177 THR 177 286 286 THR THR A . n 
A 1 178 ASP 178 287 287 ASP ASP A . n 
A 1 179 GLY 179 288 288 GLY GLY A . n 
A 1 180 LYS 180 289 289 LYS LYS A . n 
A 1 181 VAL 181 290 290 VAL VAL A . n 
A 1 182 SER 182 291 291 SER SER A . n 
A 1 183 LEU 183 292 292 LEU LEU A . n 
A 1 184 LYS 184 293 293 LYS LYS A . n 
A 1 185 ASP 185 294 294 ASP ASP A . n 
A 1 186 ARG 186 295 295 ARG ARG A . n 
A 1 187 SER 187 296 296 SER SER A . n 
A 1 188 THR 188 297 297 THR THR A . n 
A 1 189 ARG 189 298 298 ARG ARG A . n 
A 1 190 GLN 190 299 299 GLN GLN A . n 
A 1 191 TYR 191 300 300 TYR TYR A . n 
A 1 192 TYR 192 301 301 TYR TYR A . n 
A 1 193 MET 193 302 302 MET MET A . n 
A 1 194 GLU 194 303 303 GLU GLU A . n 
A 1 195 ARG 195 304 304 ARG ARG A . n 
A 1 196 THR 196 305 ?   ?   ?   A . n 
A 1 197 THR 197 306 ?   ?   ?   A . n 
A 1 198 THR 198 307 ?   ?   ?   A . n 
A 1 199 GLN 199 308 ?   ?   ?   A . n 
A 1 200 PHE 200 309 ?   ?   ?   A . n 
A 1 201 ILE 201 310 ?   ?   ?   A . n 
A 1 202 ASN 202 311 ?   ?   ?   A . n 
A 1 203 GLY 203 312 ?   ?   ?   A . n 
A 1 204 ASP 204 313 ?   ?   ?   A . n 
A 1 205 GLY 205 314 ?   ?   ?   A . n 
# 
loop_
_pdbx_nonpoly_scheme.asym_id 
_pdbx_nonpoly_scheme.entity_id 
_pdbx_nonpoly_scheme.mon_id 
_pdbx_nonpoly_scheme.ndb_seq_num 
_pdbx_nonpoly_scheme.pdb_seq_num 
_pdbx_nonpoly_scheme.auth_seq_num 
_pdbx_nonpoly_scheme.pdb_mon_id 
_pdbx_nonpoly_scheme.auth_mon_id 
_pdbx_nonpoly_scheme.pdb_strand_id 
_pdbx_nonpoly_scheme.pdb_ins_code 
B 2 VO4 1  401 401 VO4 VO4 A . 
C 3 EDO 1  402 501 EDO EDO A . 
D 4 HOH 1  501 75  HOH HOH A . 
D 4 HOH 2  502 58  HOH HOH A . 
D 4 HOH 3  503 13  HOH HOH A . 
D 4 HOH 4  504 50  HOH HOH A . 
D 4 HOH 5  505 71  HOH HOH A . 
D 4 HOH 6  506 55  HOH HOH A . 
D 4 HOH 7  507 74  HOH HOH A . 
D 4 HOH 8  508 61  HOH HOH A . 
D 4 HOH 9  509 20  HOH HOH A . 
D 4 HOH 10 510 33  HOH HOH A . 
D 4 HOH 11 511 8   HOH HOH A . 
D 4 HOH 12 512 2   HOH HOH A . 
D 4 HOH 13 513 10  HOH HOH A . 
D 4 HOH 14 514 7   HOH HOH A . 
D 4 HOH 15 515 12  HOH HOH A . 
D 4 HOH 16 516 30  HOH HOH A . 
D 4 HOH 17 517 6   HOH HOH A . 
D 4 HOH 18 518 25  HOH HOH A . 
D 4 HOH 19 519 19  HOH HOH A . 
D 4 HOH 20 520 1   HOH HOH A . 
D 4 HOH 21 521 40  HOH HOH A . 
D 4 HOH 22 522 64  HOH HOH A . 
D 4 HOH 23 523 27  HOH HOH A . 
D 4 HOH 24 524 45  HOH HOH A . 
D 4 HOH 25 525 9   HOH HOH A . 
D 4 HOH 26 526 36  HOH HOH A . 
D 4 HOH 27 527 11  HOH HOH A . 
D 4 HOH 28 528 47  HOH HOH A . 
D 4 HOH 29 529 3   HOH HOH A . 
D 4 HOH 30 530 17  HOH HOH A . 
D 4 HOH 31 531 38  HOH HOH A . 
D 4 HOH 32 532 15  HOH HOH A . 
D 4 HOH 33 533 28  HOH HOH A . 
D 4 HOH 34 534 53  HOH HOH A . 
D 4 HOH 35 535 39  HOH HOH A . 
D 4 HOH 36 536 46  HOH HOH A . 
D 4 HOH 37 537 44  HOH HOH A . 
D 4 HOH 38 538 18  HOH HOH A . 
D 4 HOH 39 539 51  HOH HOH A . 
D 4 HOH 40 540 22  HOH HOH A . 
D 4 HOH 41 541 42  HOH HOH A . 
D 4 HOH 42 542 32  HOH HOH A . 
D 4 HOH 43 543 34  HOH HOH A . 
D 4 HOH 44 544 49  HOH HOH A . 
D 4 HOH 45 545 21  HOH HOH A . 
D 4 HOH 46 546 41  HOH HOH A . 
D 4 HOH 47 547 16  HOH HOH A . 
D 4 HOH 48 548 29  HOH HOH A . 
D 4 HOH 49 549 56  HOH HOH A . 
D 4 HOH 50 550 4   HOH HOH A . 
D 4 HOH 51 551 59  HOH HOH A . 
D 4 HOH 52 552 23  HOH HOH A . 
D 4 HOH 53 553 37  HOH HOH A . 
D 4 HOH 54 554 24  HOH HOH A . 
D 4 HOH 55 555 63  HOH HOH A . 
D 4 HOH 56 556 31  HOH HOH A . 
D 4 HOH 57 557 69  HOH HOH A . 
D 4 HOH 58 558 77  HOH HOH A . 
D 4 HOH 59 559 76  HOH HOH A . 
D 4 HOH 60 560 5   HOH HOH A . 
D 4 HOH 61 561 66  HOH HOH A . 
D 4 HOH 62 562 35  HOH HOH A . 
D 4 HOH 63 563 43  HOH HOH A . 
D 4 HOH 64 564 54  HOH HOH A . 
D 4 HOH 65 565 14  HOH HOH A . 
D 4 HOH 66 566 73  HOH HOH A . 
D 4 HOH 67 567 60  HOH HOH A . 
D 4 HOH 68 568 68  HOH HOH A . 
D 4 HOH 69 569 48  HOH HOH A . 
D 4 HOH 70 570 67  HOH HOH A . 
D 4 HOH 71 571 57  HOH HOH A . 
D 4 HOH 72 572 26  HOH HOH A . 
D 4 HOH 73 573 65  HOH HOH A . 
D 4 HOH 74 574 62  HOH HOH A . 
D 4 HOH 75 575 70  HOH HOH A . 
D 4 HOH 76 576 52  HOH HOH A . 
# 
_pdbx_struct_assembly.id                   1 
_pdbx_struct_assembly.details              author_and_software_defined_assembly 
_pdbx_struct_assembly.method_details       PISA 
_pdbx_struct_assembly.oligomeric_details   monomeric 
_pdbx_struct_assembly.oligomeric_count     1 
# 
_pdbx_struct_assembly_gen.assembly_id       1 
_pdbx_struct_assembly_gen.oper_expression   1 
_pdbx_struct_assembly_gen.asym_id_list      A,B,C,D 
# 
loop_
_pdbx_struct_assembly_prop.biol_id 
_pdbx_struct_assembly_prop.type 
_pdbx_struct_assembly_prop.value 
_pdbx_struct_assembly_prop.details 
1 'ABSA (A^2)' 240  ? 
1 MORE         -3   ? 
1 'SSA (A^2)'  8740 ? 
# 
_pdbx_struct_oper_list.id                   1 
_pdbx_struct_oper_list.type                 'identity operation' 
_pdbx_struct_oper_list.name                 1_555 
_pdbx_struct_oper_list.symmetry_operation   x,y,z 
_pdbx_struct_oper_list.matrix[1][1]         1.0000000000 
_pdbx_struct_oper_list.matrix[1][2]         0.0000000000 
_pdbx_struct_oper_list.matrix[1][3]         0.0000000000 
_pdbx_struct_oper_list.vector[1]            0.0000000000 
_pdbx_struct_oper_list.matrix[2][1]         0.0000000000 
_pdbx_struct_oper_list.matrix[2][2]         1.0000000000 
_pdbx_struct_oper_list.matrix[2][3]         0.0000000000 
_pdbx_struct_oper_list.vector[2]            0.0000000000 
_pdbx_struct_oper_list.matrix[3][1]         0.0000000000 
_pdbx_struct_oper_list.matrix[3][2]         0.0000000000 
_pdbx_struct_oper_list.matrix[3][3]         1.0000000000 
_pdbx_struct_oper_list.vector[3]            0.0000000000 
# 
loop_
_pdbx_struct_special_symmetry.id 
_pdbx_struct_special_symmetry.PDB_model_num 
_pdbx_struct_special_symmetry.auth_asym_id 
_pdbx_struct_special_symmetry.auth_comp_id 
_pdbx_struct_special_symmetry.auth_seq_id 
_pdbx_struct_special_symmetry.PDB_ins_code 
_pdbx_struct_special_symmetry.label_asym_id 
_pdbx_struct_special_symmetry.label_comp_id 
_pdbx_struct_special_symmetry.label_seq_id 
1 1 A HOH 504 ? D HOH . 
2 1 A HOH 575 ? D HOH . 
# 
loop_
_pdbx_audit_revision_history.ordinal 
_pdbx_audit_revision_history.data_content_type 
_pdbx_audit_revision_history.major_revision 
_pdbx_audit_revision_history.minor_revision 
_pdbx_audit_revision_history.revision_date 
1 'Structure model' 1 0 2022-06-08 
2 'Structure model' 1 1 2023-11-29 
# 
_pdbx_audit_revision_details.ordinal             1 
_pdbx_audit_revision_details.revision_ordinal    1 
_pdbx_audit_revision_details.data_content_type   'Structure model' 
_pdbx_audit_revision_details.provider            repository 
_pdbx_audit_revision_details.type                'Initial release' 
_pdbx_audit_revision_details.description         ? 
_pdbx_audit_revision_details.details             ? 
# 
loop_
_pdbx_audit_revision_group.ordinal 
_pdbx_audit_revision_group.revision_ordinal 
_pdbx_audit_revision_group.data_content_type 
_pdbx_audit_revision_group.group 
1 2 'Structure model' 'Data collection'        
2 2 'Structure model' 'Refinement description' 
# 
loop_
_pdbx_audit_revision_category.ordinal 
_pdbx_audit_revision_category.revision_ordinal 
_pdbx_audit_revision_category.data_content_type 
_pdbx_audit_revision_category.category 
1 2 'Structure model' chem_comp_atom                
2 2 'Structure model' chem_comp_bond                
3 2 'Structure model' pdbx_initial_refinement_model 
# 
loop_
_space_group_symop.id 
_space_group_symop.operation_xyz 
1 x,y,z               
2 -y+1/2,x+1/2,z+1/4  
3 y+1/2,-x+1/2,z+3/4  
4 x+1/2,-y+1/2,-z+3/4 
5 -x+1/2,y+1/2,-z+1/4 
6 -x,-y,z+1/2         
7 y,x,-z              
8 -y,-x,-z+1/2        
# 
loop_
_software.citation_id 
_software.classification 
_software.compiler_name 
_software.compiler_version 
_software.contact_author 
_software.contact_author_email 
_software.date 
_software.description 
_software.dependencies 
_software.hardware 
_software.language 
_software.location 
_software.mods 
_software.name 
_software.os 
_software.os_version 
_software.type 
_software.version 
_software.pdbx_ordinal 
? refinement       ? ? ? ? ? ? ? ? ? ? ? PHENIX ? ? ? 1.19.2_4158 1 
? 'data reduction' ? ? ? ? ? ? ? ? ? ? ? XDS    ? ? ? .           2 
? 'data scaling'   ? ? ? ? ? ? ? ? ? ? ? XDS    ? ? ? .           3 
? phasing          ? ? ? ? ? ? ? ? ? ? ? PHASER ? ? ? .           4 
# 
_pdbx_entry_details.entry_id                 7EZN 
_pdbx_entry_details.has_ligand_of_interest   Y 
_pdbx_entry_details.compound_details         ? 
_pdbx_entry_details.source_details           ? 
_pdbx_entry_details.nonpolymer_details       ? 
_pdbx_entry_details.sequence_details         ? 
# 
loop_
_pdbx_validate_torsion.id 
_pdbx_validate_torsion.PDB_model_num 
_pdbx_validate_torsion.auth_comp_id 
_pdbx_validate_torsion.auth_asym_id 
_pdbx_validate_torsion.auth_seq_id 
_pdbx_validate_torsion.PDB_ins_code 
_pdbx_validate_torsion.label_alt_id 
_pdbx_validate_torsion.phi 
_pdbx_validate_torsion.psi 
1 1 ASP A 127 ? ? -107.74 -169.64 
2 1 ASP A 168 ? ? -105.02 64.85   
3 1 CYS A 233 ? ? -135.62 -153.45 
4 1 SER A 238 ? ? -122.53 -75.12  
5 1 GLU A 271 ? ? -166.90 96.78   
# 
loop_
_pdbx_unobs_or_zero_occ_residues.id 
_pdbx_unobs_or_zero_occ_residues.PDB_model_num 
_pdbx_unobs_or_zero_occ_residues.polymer_flag 
_pdbx_unobs_or_zero_occ_residues.occupancy_flag 
_pdbx_unobs_or_zero_occ_residues.auth_asym_id 
_pdbx_unobs_or_zero_occ_residues.auth_comp_id 
_pdbx_unobs_or_zero_occ_residues.auth_seq_id 
_pdbx_unobs_or_zero_occ_residues.PDB_ins_code 
_pdbx_unobs_or_zero_occ_residues.label_asym_id 
_pdbx_unobs_or_zero_occ_residues.label_comp_id 
_pdbx_unobs_or_zero_occ_residues.label_seq_id 
1  1 Y 1 A LYS 110 ? A LYS 1   
2  1 Y 1 A GLU 111 ? A GLU 2   
3  1 Y 1 A ALA 112 ? A ALA 3   
4  1 Y 1 A MET 113 ? A MET 4   
5  1 Y 1 A GLU 197 ? A GLU 88  
6  1 Y 1 A PRO 198 ? A PRO 89  
7  1 Y 1 A SER 199 ? A SER 90  
8  1 Y 1 A SER 200 ? A SER 91  
9  1 Y 1 A GLN 201 ? A GLN 92  
10 1 Y 1 A LYS 202 ? A LYS 93  
11 1 Y 1 A ASN 203 ? A ASN 94  
12 1 Y 1 A GLY 204 ? A GLY 95  
13 1 Y 1 A THR 205 ? A THR 96  
14 1 Y 1 A GLU 206 ? A GLU 97  
15 1 Y 1 A ASN 207 ? A ASN 98  
16 1 Y 1 A GLY 208 ? A GLY 99  
17 1 Y 1 A GLU 209 ? A GLU 100 
18 1 Y 1 A SER 210 ? A SER 101 
19 1 Y 1 A LEU 211 ? A LEU 102 
20 1 Y 1 A LYS 212 ? A LYS 103 
21 1 Y 1 A THR 305 ? A THR 196 
22 1 Y 1 A THR 306 ? A THR 197 
23 1 Y 1 A THR 307 ? A THR 198 
24 1 Y 1 A GLN 308 ? A GLN 199 
25 1 Y 1 A PHE 309 ? A PHE 200 
26 1 Y 1 A ILE 310 ? A ILE 201 
27 1 Y 1 A ASN 311 ? A ASN 202 
28 1 Y 1 A GLY 312 ? A GLY 203 
29 1 Y 1 A ASP 313 ? A ASP 204 
30 1 Y 1 A GLY 314 ? A GLY 205 
# 
loop_
_chem_comp_atom.comp_id 
_chem_comp_atom.atom_id 
_chem_comp_atom.type_symbol 
_chem_comp_atom.pdbx_aromatic_flag 
_chem_comp_atom.pdbx_stereo_config 
_chem_comp_atom.pdbx_ordinal 
ALA N    N N N 1   
ALA CA   C N S 2   
ALA C    C N N 3   
ALA O    O N N 4   
ALA CB   C N N 5   
ALA OXT  O N N 6   
ALA H    H N N 7   
ALA H2   H N N 8   
ALA HA   H N N 9   
ALA HB1  H N N 10  
ALA HB2  H N N 11  
ALA HB3  H N N 12  
ALA HXT  H N N 13  
ARG N    N N N 14  
ARG CA   C N S 15  
ARG C    C N N 16  
ARG O    O N N 17  
ARG CB   C N N 18  
ARG CG   C N N 19  
ARG CD   C N N 20  
ARG NE   N N N 21  
ARG CZ   C N N 22  
ARG NH1  N N N 23  
ARG NH2  N N N 24  
ARG OXT  O N N 25  
ARG H    H N N 26  
ARG H2   H N N 27  
ARG HA   H N N 28  
ARG HB2  H N N 29  
ARG HB3  H N N 30  
ARG HG2  H N N 31  
ARG HG3  H N N 32  
ARG HD2  H N N 33  
ARG HD3  H N N 34  
ARG HE   H N N 35  
ARG HH11 H N N 36  
ARG HH12 H N N 37  
ARG HH21 H N N 38  
ARG HH22 H N N 39  
ARG HXT  H N N 40  
ASN N    N N N 41  
ASN CA   C N S 42  
ASN C    C N N 43  
ASN O    O N N 44  
ASN CB   C N N 45  
ASN CG   C N N 46  
ASN OD1  O N N 47  
ASN ND2  N N N 48  
ASN OXT  O N N 49  
ASN H    H N N 50  
ASN H2   H N N 51  
ASN HA   H N N 52  
ASN HB2  H N N 53  
ASN HB3  H N N 54  
ASN HD21 H N N 55  
ASN HD22 H N N 56  
ASN HXT  H N N 57  
ASP N    N N N 58  
ASP CA   C N S 59  
ASP C    C N N 60  
ASP O    O N N 61  
ASP CB   C N N 62  
ASP CG   C N N 63  
ASP OD1  O N N 64  
ASP OD2  O N N 65  
ASP OXT  O N N 66  
ASP H    H N N 67  
ASP H2   H N N 68  
ASP HA   H N N 69  
ASP HB2  H N N 70  
ASP HB3  H N N 71  
ASP HD2  H N N 72  
ASP HXT  H N N 73  
CYS N    N N N 74  
CYS CA   C N R 75  
CYS C    C N N 76  
CYS O    O N N 77  
CYS CB   C N N 78  
CYS SG   S N N 79  
CYS OXT  O N N 80  
CYS H    H N N 81  
CYS H2   H N N 82  
CYS HA   H N N 83  
CYS HB2  H N N 84  
CYS HB3  H N N 85  
CYS HG   H N N 86  
CYS HXT  H N N 87  
EDO C1   C N N 88  
EDO O1   O N N 89  
EDO C2   C N N 90  
EDO O2   O N N 91  
EDO H11  H N N 92  
EDO H12  H N N 93  
EDO HO1  H N N 94  
EDO H21  H N N 95  
EDO H22  H N N 96  
EDO HO2  H N N 97  
GLN N    N N N 98  
GLN CA   C N S 99  
GLN C    C N N 100 
GLN O    O N N 101 
GLN CB   C N N 102 
GLN CG   C N N 103 
GLN CD   C N N 104 
GLN OE1  O N N 105 
GLN NE2  N N N 106 
GLN OXT  O N N 107 
GLN H    H N N 108 
GLN H2   H N N 109 
GLN HA   H N N 110 
GLN HB2  H N N 111 
GLN HB3  H N N 112 
GLN HG2  H N N 113 
GLN HG3  H N N 114 
GLN HE21 H N N 115 
GLN HE22 H N N 116 
GLN HXT  H N N 117 
GLU N    N N N 118 
GLU CA   C N S 119 
GLU C    C N N 120 
GLU O    O N N 121 
GLU CB   C N N 122 
GLU CG   C N N 123 
GLU CD   C N N 124 
GLU OE1  O N N 125 
GLU OE2  O N N 126 
GLU OXT  O N N 127 
GLU H    H N N 128 
GLU H2   H N N 129 
GLU HA   H N N 130 
GLU HB2  H N N 131 
GLU HB3  H N N 132 
GLU HG2  H N N 133 
GLU HG3  H N N 134 
GLU HE2  H N N 135 
GLU HXT  H N N 136 
GLY N    N N N 137 
GLY CA   C N N 138 
GLY C    C N N 139 
GLY O    O N N 140 
GLY OXT  O N N 141 
GLY H    H N N 142 
GLY H2   H N N 143 
GLY HA2  H N N 144 
GLY HA3  H N N 145 
GLY HXT  H N N 146 
HIS N    N N N 147 
HIS CA   C N S 148 
HIS C    C N N 149 
HIS O    O N N 150 
HIS CB   C N N 151 
HIS CG   C Y N 152 
HIS ND1  N Y N 153 
HIS CD2  C Y N 154 
HIS CE1  C Y N 155 
HIS NE2  N Y N 156 
HIS OXT  O N N 157 
HIS H    H N N 158 
HIS H2   H N N 159 
HIS HA   H N N 160 
HIS HB2  H N N 161 
HIS HB3  H N N 162 
HIS HD1  H N N 163 
HIS HD2  H N N 164 
HIS HE1  H N N 165 
HIS HE2  H N N 166 
HIS HXT  H N N 167 
HOH O    O N N 168 
HOH H1   H N N 169 
HOH H2   H N N 170 
ILE N    N N N 171 
ILE CA   C N S 172 
ILE C    C N N 173 
ILE O    O N N 174 
ILE CB   C N S 175 
ILE CG1  C N N 176 
ILE CG2  C N N 177 
ILE CD1  C N N 178 
ILE OXT  O N N 179 
ILE H    H N N 180 
ILE H2   H N N 181 
ILE HA   H N N 182 
ILE HB   H N N 183 
ILE HG12 H N N 184 
ILE HG13 H N N 185 
ILE HG21 H N N 186 
ILE HG22 H N N 187 
ILE HG23 H N N 188 
ILE HD11 H N N 189 
ILE HD12 H N N 190 
ILE HD13 H N N 191 
ILE HXT  H N N 192 
LEU N    N N N 193 
LEU CA   C N S 194 
LEU C    C N N 195 
LEU O    O N N 196 
LEU CB   C N N 197 
LEU CG   C N N 198 
LEU CD1  C N N 199 
LEU CD2  C N N 200 
LEU OXT  O N N 201 
LEU H    H N N 202 
LEU H2   H N N 203 
LEU HA   H N N 204 
LEU HB2  H N N 205 
LEU HB3  H N N 206 
LEU HG   H N N 207 
LEU HD11 H N N 208 
LEU HD12 H N N 209 
LEU HD13 H N N 210 
LEU HD21 H N N 211 
LEU HD22 H N N 212 
LEU HD23 H N N 213 
LEU HXT  H N N 214 
LYS N    N N N 215 
LYS CA   C N S 216 
LYS C    C N N 217 
LYS O    O N N 218 
LYS CB   C N N 219 
LYS CG   C N N 220 
LYS CD   C N N 221 
LYS CE   C N N 222 
LYS NZ   N N N 223 
LYS OXT  O N N 224 
LYS H    H N N 225 
LYS H2   H N N 226 
LYS HA   H N N 227 
LYS HB2  H N N 228 
LYS HB3  H N N 229 
LYS HG2  H N N 230 
LYS HG3  H N N 231 
LYS HD2  H N N 232 
LYS HD3  H N N 233 
LYS HE2  H N N 234 
LYS HE3  H N N 235 
LYS HZ1  H N N 236 
LYS HZ2  H N N 237 
LYS HZ3  H N N 238 
LYS HXT  H N N 239 
MET N    N N N 240 
MET CA   C N S 241 
MET C    C N N 242 
MET O    O N N 243 
MET CB   C N N 244 
MET CG   C N N 245 
MET SD   S N N 246 
MET CE   C N N 247 
MET OXT  O N N 248 
MET H    H N N 249 
MET H2   H N N 250 
MET HA   H N N 251 
MET HB2  H N N 252 
MET HB3  H N N 253 
MET HG2  H N N 254 
MET HG3  H N N 255 
MET HE1  H N N 256 
MET HE2  H N N 257 
MET HE3  H N N 258 
MET HXT  H N N 259 
PHE N    N N N 260 
PHE CA   C N S 261 
PHE C    C N N 262 
PHE O    O N N 263 
PHE CB   C N N 264 
PHE CG   C Y N 265 
PHE CD1  C Y N 266 
PHE CD2  C Y N 267 
PHE CE1  C Y N 268 
PHE CE2  C Y N 269 
PHE CZ   C Y N 270 
PHE OXT  O N N 271 
PHE H    H N N 272 
PHE H2   H N N 273 
PHE HA   H N N 274 
PHE HB2  H N N 275 
PHE HB3  H N N 276 
PHE HD1  H N N 277 
PHE HD2  H N N 278 
PHE HE1  H N N 279 
PHE HE2  H N N 280 
PHE HZ   H N N 281 
PHE HXT  H N N 282 
PRO N    N N N 283 
PRO CA   C N S 284 
PRO C    C N N 285 
PRO O    O N N 286 
PRO CB   C N N 287 
PRO CG   C N N 288 
PRO CD   C N N 289 
PRO OXT  O N N 290 
PRO H    H N N 291 
PRO HA   H N N 292 
PRO HB2  H N N 293 
PRO HB3  H N N 294 
PRO HG2  H N N 295 
PRO HG3  H N N 296 
PRO HD2  H N N 297 
PRO HD3  H N N 298 
PRO HXT  H N N 299 
SER N    N N N 300 
SER CA   C N S 301 
SER C    C N N 302 
SER O    O N N 303 
SER CB   C N N 304 
SER OG   O N N 305 
SER OXT  O N N 306 
SER H    H N N 307 
SER H2   H N N 308 
SER HA   H N N 309 
SER HB2  H N N 310 
SER HB3  H N N 311 
SER HG   H N N 312 
SER HXT  H N N 313 
THR N    N N N 314 
THR CA   C N S 315 
THR C    C N N 316 
THR O    O N N 317 
THR CB   C N R 318 
THR OG1  O N N 319 
THR CG2  C N N 320 
THR OXT  O N N 321 
THR H    H N N 322 
THR H2   H N N 323 
THR HA   H N N 324 
THR HB   H N N 325 
THR HG1  H N N 326 
THR HG21 H N N 327 
THR HG22 H N N 328 
THR HG23 H N N 329 
THR HXT  H N N 330 
TRP N    N N N 331 
TRP CA   C N S 332 
TRP C    C N N 333 
TRP O    O N N 334 
TRP CB   C N N 335 
TRP CG   C Y N 336 
TRP CD1  C Y N 337 
TRP CD2  C Y N 338 
TRP NE1  N Y N 339 
TRP CE2  C Y N 340 
TRP CE3  C Y N 341 
TRP CZ2  C Y N 342 
TRP CZ3  C Y N 343 
TRP CH2  C Y N 344 
TRP OXT  O N N 345 
TRP H    H N N 346 
TRP H2   H N N 347 
TRP HA   H N N 348 
TRP HB2  H N N 349 
TRP HB3  H N N 350 
TRP HD1  H N N 351 
TRP HE1  H N N 352 
TRP HE3  H N N 353 
TRP HZ2  H N N 354 
TRP HZ3  H N N 355 
TRP HH2  H N N 356 
TRP HXT  H N N 357 
TYR N    N N N 358 
TYR CA   C N S 359 
TYR C    C N N 360 
TYR O    O N N 361 
TYR CB   C N N 362 
TYR CG   C Y N 363 
TYR CD1  C Y N 364 
TYR CD2  C Y N 365 
TYR CE1  C Y N 366 
TYR CE2  C Y N 367 
TYR CZ   C Y N 368 
TYR OH   O N N 369 
TYR OXT  O N N 370 
TYR H    H N N 371 
TYR H2   H N N 372 
TYR HA   H N N 373 
TYR HB2  H N N 374 
TYR HB3  H N N 375 
TYR HD1  H N N 376 
TYR HD2  H N N 377 
TYR HE1  H N N 378 
TYR HE2  H N N 379 
TYR HH   H N N 380 
TYR HXT  H N N 381 
VAL N    N N N 382 
VAL CA   C N S 383 
VAL C    C N N 384 
VAL O    O N N 385 
VAL CB   C N N 386 
VAL CG1  C N N 387 
VAL CG2  C N N 388 
VAL OXT  O N N 389 
VAL H    H N N 390 
VAL H2   H N N 391 
VAL HA   H N N 392 
VAL HB   H N N 393 
VAL HG11 H N N 394 
VAL HG12 H N N 395 
VAL HG13 H N N 396 
VAL HG21 H N N 397 
VAL HG22 H N N 398 
VAL HG23 H N N 399 
VAL HXT  H N N 400 
VO4 V    V N N 401 
VO4 O1   O N N 402 
VO4 O2   O N N 403 
VO4 O3   O N N 404 
VO4 O4   O N N 405 
# 
loop_
_chem_comp_bond.comp_id 
_chem_comp_bond.atom_id_1 
_chem_comp_bond.atom_id_2 
_chem_comp_bond.value_order 
_chem_comp_bond.pdbx_aromatic_flag 
_chem_comp_bond.pdbx_stereo_config 
_chem_comp_bond.pdbx_ordinal 
ALA N   CA   sing N N 1   
ALA N   H    sing N N 2   
ALA N   H2   sing N N 3   
ALA CA  C    sing N N 4   
ALA CA  CB   sing N N 5   
ALA CA  HA   sing N N 6   
ALA C   O    doub N N 7   
ALA C   OXT  sing N N 8   
ALA CB  HB1  sing N N 9   
ALA CB  HB2  sing N N 10  
ALA CB  HB3  sing N N 11  
ALA OXT HXT  sing N N 12  
ARG N   CA   sing N N 13  
ARG N   H    sing N N 14  
ARG N   H2   sing N N 15  
ARG CA  C    sing N N 16  
ARG CA  CB   sing N N 17  
ARG CA  HA   sing N N 18  
ARG C   O    doub N N 19  
ARG C   OXT  sing N N 20  
ARG CB  CG   sing N N 21  
ARG CB  HB2  sing N N 22  
ARG CB  HB3  sing N N 23  
ARG CG  CD   sing N N 24  
ARG CG  HG2  sing N N 25  
ARG CG  HG3  sing N N 26  
ARG CD  NE   sing N N 27  
ARG CD  HD2  sing N N 28  
ARG CD  HD3  sing N N 29  
ARG NE  CZ   sing N N 30  
ARG NE  HE   sing N N 31  
ARG CZ  NH1  sing N N 32  
ARG CZ  NH2  doub N N 33  
ARG NH1 HH11 sing N N 34  
ARG NH1 HH12 sing N N 35  
ARG NH2 HH21 sing N N 36  
ARG NH2 HH22 sing N N 37  
ARG OXT HXT  sing N N 38  
ASN N   CA   sing N N 39  
ASN N   H    sing N N 40  
ASN N   H2   sing N N 41  
ASN CA  C    sing N N 42  
ASN CA  CB   sing N N 43  
ASN CA  HA   sing N N 44  
ASN C   O    doub N N 45  
ASN C   OXT  sing N N 46  
ASN CB  CG   sing N N 47  
ASN CB  HB2  sing N N 48  
ASN CB  HB3  sing N N 49  
ASN CG  OD1  doub N N 50  
ASN CG  ND2  sing N N 51  
ASN ND2 HD21 sing N N 52  
ASN ND2 HD22 sing N N 53  
ASN OXT HXT  sing N N 54  
ASP N   CA   sing N N 55  
ASP N   H    sing N N 56  
ASP N   H2   sing N N 57  
ASP CA  C    sing N N 58  
ASP CA  CB   sing N N 59  
ASP CA  HA   sing N N 60  
ASP C   O    doub N N 61  
ASP C   OXT  sing N N 62  
ASP CB  CG   sing N N 63  
ASP CB  HB2  sing N N 64  
ASP CB  HB3  sing N N 65  
ASP CG  OD1  doub N N 66  
ASP CG  OD2  sing N N 67  
ASP OD2 HD2  sing N N 68  
ASP OXT HXT  sing N N 69  
CYS N   CA   sing N N 70  
CYS N   H    sing N N 71  
CYS N   H2   sing N N 72  
CYS CA  C    sing N N 73  
CYS CA  CB   sing N N 74  
CYS CA  HA   sing N N 75  
CYS C   O    doub N N 76  
CYS C   OXT  sing N N 77  
CYS CB  SG   sing N N 78  
CYS CB  HB2  sing N N 79  
CYS CB  HB3  sing N N 80  
CYS SG  HG   sing N N 81  
CYS OXT HXT  sing N N 82  
EDO C1  O1   sing N N 83  
EDO C1  C2   sing N N 84  
EDO C1  H11  sing N N 85  
EDO C1  H12  sing N N 86  
EDO O1  HO1  sing N N 87  
EDO C2  O2   sing N N 88  
EDO C2  H21  sing N N 89  
EDO C2  H22  sing N N 90  
EDO O2  HO2  sing N N 91  
GLN N   CA   sing N N 92  
GLN N   H    sing N N 93  
GLN N   H2   sing N N 94  
GLN CA  C    sing N N 95  
GLN CA  CB   sing N N 96  
GLN CA  HA   sing N N 97  
GLN C   O    doub N N 98  
GLN C   OXT  sing N N 99  
GLN CB  CG   sing N N 100 
GLN CB  HB2  sing N N 101 
GLN CB  HB3  sing N N 102 
GLN CG  CD   sing N N 103 
GLN CG  HG2  sing N N 104 
GLN CG  HG3  sing N N 105 
GLN CD  OE1  doub N N 106 
GLN CD  NE2  sing N N 107 
GLN NE2 HE21 sing N N 108 
GLN NE2 HE22 sing N N 109 
GLN OXT HXT  sing N N 110 
GLU N   CA   sing N N 111 
GLU N   H    sing N N 112 
GLU N   H2   sing N N 113 
GLU CA  C    sing N N 114 
GLU CA  CB   sing N N 115 
GLU CA  HA   sing N N 116 
GLU C   O    doub N N 117 
GLU C   OXT  sing N N 118 
GLU CB  CG   sing N N 119 
GLU CB  HB2  sing N N 120 
GLU CB  HB3  sing N N 121 
GLU CG  CD   sing N N 122 
GLU CG  HG2  sing N N 123 
GLU CG  HG3  sing N N 124 
GLU CD  OE1  doub N N 125 
GLU CD  OE2  sing N N 126 
GLU OE2 HE2  sing N N 127 
GLU OXT HXT  sing N N 128 
GLY N   CA   sing N N 129 
GLY N   H    sing N N 130 
GLY N   H2   sing N N 131 
GLY CA  C    sing N N 132 
GLY CA  HA2  sing N N 133 
GLY CA  HA3  sing N N 134 
GLY C   O    doub N N 135 
GLY C   OXT  sing N N 136 
GLY OXT HXT  sing N N 137 
HIS N   CA   sing N N 138 
HIS N   H    sing N N 139 
HIS N   H2   sing N N 140 
HIS CA  C    sing N N 141 
HIS CA  CB   sing N N 142 
HIS CA  HA   sing N N 143 
HIS C   O    doub N N 144 
HIS C   OXT  sing N N 145 
HIS CB  CG   sing N N 146 
HIS CB  HB2  sing N N 147 
HIS CB  HB3  sing N N 148 
HIS CG  ND1  sing Y N 149 
HIS CG  CD2  doub Y N 150 
HIS ND1 CE1  doub Y N 151 
HIS ND1 HD1  sing N N 152 
HIS CD2 NE2  sing Y N 153 
HIS CD2 HD2  sing N N 154 
HIS CE1 NE2  sing Y N 155 
HIS CE1 HE1  sing N N 156 
HIS NE2 HE2  sing N N 157 
HIS OXT HXT  sing N N 158 
HOH O   H1   sing N N 159 
HOH O   H2   sing N N 160 
ILE N   CA   sing N N 161 
ILE N   H    sing N N 162 
ILE N   H2   sing N N 163 
ILE CA  C    sing N N 164 
ILE CA  CB   sing N N 165 
ILE CA  HA   sing N N 166 
ILE C   O    doub N N 167 
ILE C   OXT  sing N N 168 
ILE CB  CG1  sing N N 169 
ILE CB  CG2  sing N N 170 
ILE CB  HB   sing N N 171 
ILE CG1 CD1  sing N N 172 
ILE CG1 HG12 sing N N 173 
ILE CG1 HG13 sing N N 174 
ILE CG2 HG21 sing N N 175 
ILE CG2 HG22 sing N N 176 
ILE CG2 HG23 sing N N 177 
ILE CD1 HD11 sing N N 178 
ILE CD1 HD12 sing N N 179 
ILE CD1 HD13 sing N N 180 
ILE OXT HXT  sing N N 181 
LEU N   CA   sing N N 182 
LEU N   H    sing N N 183 
LEU N   H2   sing N N 184 
LEU CA  C    sing N N 185 
LEU CA  CB   sing N N 186 
LEU CA  HA   sing N N 187 
LEU C   O    doub N N 188 
LEU C   OXT  sing N N 189 
LEU CB  CG   sing N N 190 
LEU CB  HB2  sing N N 191 
LEU CB  HB3  sing N N 192 
LEU CG  CD1  sing N N 193 
LEU CG  CD2  sing N N 194 
LEU CG  HG   sing N N 195 
LEU CD1 HD11 sing N N 196 
LEU CD1 HD12 sing N N 197 
LEU CD1 HD13 sing N N 198 
LEU CD2 HD21 sing N N 199 
LEU CD2 HD22 sing N N 200 
LEU CD2 HD23 sing N N 201 
LEU OXT HXT  sing N N 202 
LYS N   CA   sing N N 203 
LYS N   H    sing N N 204 
LYS N   H2   sing N N 205 
LYS CA  C    sing N N 206 
LYS CA  CB   sing N N 207 
LYS CA  HA   sing N N 208 
LYS C   O    doub N N 209 
LYS C   OXT  sing N N 210 
LYS CB  CG   sing N N 211 
LYS CB  HB2  sing N N 212 
LYS CB  HB3  sing N N 213 
LYS CG  CD   sing N N 214 
LYS CG  HG2  sing N N 215 
LYS CG  HG3  sing N N 216 
LYS CD  CE   sing N N 217 
LYS CD  HD2  sing N N 218 
LYS CD  HD3  sing N N 219 
LYS CE  NZ   sing N N 220 
LYS CE  HE2  sing N N 221 
LYS CE  HE3  sing N N 222 
LYS NZ  HZ1  sing N N 223 
LYS NZ  HZ2  sing N N 224 
LYS NZ  HZ3  sing N N 225 
LYS OXT HXT  sing N N 226 
MET N   CA   sing N N 227 
MET N   H    sing N N 228 
MET N   H2   sing N N 229 
MET CA  C    sing N N 230 
MET CA  CB   sing N N 231 
MET CA  HA   sing N N 232 
MET C   O    doub N N 233 
MET C   OXT  sing N N 234 
MET CB  CG   sing N N 235 
MET CB  HB2  sing N N 236 
MET CB  HB3  sing N N 237 
MET CG  SD   sing N N 238 
MET CG  HG2  sing N N 239 
MET CG  HG3  sing N N 240 
MET SD  CE   sing N N 241 
MET CE  HE1  sing N N 242 
MET CE  HE2  sing N N 243 
MET CE  HE3  sing N N 244 
MET OXT HXT  sing N N 245 
PHE N   CA   sing N N 246 
PHE N   H    sing N N 247 
PHE N   H2   sing N N 248 
PHE CA  C    sing N N 249 
PHE CA  CB   sing N N 250 
PHE CA  HA   sing N N 251 
PHE C   O    doub N N 252 
PHE C   OXT  sing N N 253 
PHE CB  CG   sing N N 254 
PHE CB  HB2  sing N N 255 
PHE CB  HB3  sing N N 256 
PHE CG  CD1  doub Y N 257 
PHE CG  CD2  sing Y N 258 
PHE CD1 CE1  sing Y N 259 
PHE CD1 HD1  sing N N 260 
PHE CD2 CE2  doub Y N 261 
PHE CD2 HD2  sing N N 262 
PHE CE1 CZ   doub Y N 263 
PHE CE1 HE1  sing N N 264 
PHE CE2 CZ   sing Y N 265 
PHE CE2 HE2  sing N N 266 
PHE CZ  HZ   sing N N 267 
PHE OXT HXT  sing N N 268 
PRO N   CA   sing N N 269 
PRO N   CD   sing N N 270 
PRO N   H    sing N N 271 
PRO CA  C    sing N N 272 
PRO CA  CB   sing N N 273 
PRO CA  HA   sing N N 274 
PRO C   O    doub N N 275 
PRO C   OXT  sing N N 276 
PRO CB  CG   sing N N 277 
PRO CB  HB2  sing N N 278 
PRO CB  HB3  sing N N 279 
PRO CG  CD   sing N N 280 
PRO CG  HG2  sing N N 281 
PRO CG  HG3  sing N N 282 
PRO CD  HD2  sing N N 283 
PRO CD  HD3  sing N N 284 
PRO OXT HXT  sing N N 285 
SER N   CA   sing N N 286 
SER N   H    sing N N 287 
SER N   H2   sing N N 288 
SER CA  C    sing N N 289 
SER CA  CB   sing N N 290 
SER CA  HA   sing N N 291 
SER C   O    doub N N 292 
SER C   OXT  sing N N 293 
SER CB  OG   sing N N 294 
SER CB  HB2  sing N N 295 
SER CB  HB3  sing N N 296 
SER OG  HG   sing N N 297 
SER OXT HXT  sing N N 298 
THR N   CA   sing N N 299 
THR N   H    sing N N 300 
THR N   H2   sing N N 301 
THR CA  C    sing N N 302 
THR CA  CB   sing N N 303 
THR CA  HA   sing N N 304 
THR C   O    doub N N 305 
THR C   OXT  sing N N 306 
THR CB  OG1  sing N N 307 
THR CB  CG2  sing N N 308 
THR CB  HB   sing N N 309 
THR OG1 HG1  sing N N 310 
THR CG2 HG21 sing N N 311 
THR CG2 HG22 sing N N 312 
THR CG2 HG23 sing N N 313 
THR OXT HXT  sing N N 314 
TRP N   CA   sing N N 315 
TRP N   H    sing N N 316 
TRP N   H2   sing N N 317 
TRP CA  C    sing N N 318 
TRP CA  CB   sing N N 319 
TRP CA  HA   sing N N 320 
TRP C   O    doub N N 321 
TRP C   OXT  sing N N 322 
TRP CB  CG   sing N N 323 
TRP CB  HB2  sing N N 324 
TRP CB  HB3  sing N N 325 
TRP CG  CD1  doub Y N 326 
TRP CG  CD2  sing Y N 327 
TRP CD1 NE1  sing Y N 328 
TRP CD1 HD1  sing N N 329 
TRP CD2 CE2  doub Y N 330 
TRP CD2 CE3  sing Y N 331 
TRP NE1 CE2  sing Y N 332 
TRP NE1 HE1  sing N N 333 
TRP CE2 CZ2  sing Y N 334 
TRP CE3 CZ3  doub Y N 335 
TRP CE3 HE3  sing N N 336 
TRP CZ2 CH2  doub Y N 337 
TRP CZ2 HZ2  sing N N 338 
TRP CZ3 CH2  sing Y N 339 
TRP CZ3 HZ3  sing N N 340 
TRP CH2 HH2  sing N N 341 
TRP OXT HXT  sing N N 342 
TYR N   CA   sing N N 343 
TYR N   H    sing N N 344 
TYR N   H2   sing N N 345 
TYR CA  C    sing N N 346 
TYR CA  CB   sing N N 347 
TYR CA  HA   sing N N 348 
TYR C   O    doub N N 349 
TYR C   OXT  sing N N 350 
TYR CB  CG   sing N N 351 
TYR CB  HB2  sing N N 352 
TYR CB  HB3  sing N N 353 
TYR CG  CD1  doub Y N 354 
TYR CG  CD2  sing Y N 355 
TYR CD1 CE1  sing Y N 356 
TYR CD1 HD1  sing N N 357 
TYR CD2 CE2  doub Y N 358 
TYR CD2 HD2  sing N N 359 
TYR CE1 CZ   doub Y N 360 
TYR CE1 HE1  sing N N 361 
TYR CE2 CZ   sing Y N 362 
TYR CE2 HE2  sing N N 363 
TYR CZ  OH   sing N N 364 
TYR OH  HH   sing N N 365 
TYR OXT HXT  sing N N 366 
VAL N   CA   sing N N 367 
VAL N   H    sing N N 368 
VAL N   H2   sing N N 369 
VAL CA  C    sing N N 370 
VAL CA  CB   sing N N 371 
VAL CA  HA   sing N N 372 
VAL C   O    doub N N 373 
VAL C   OXT  sing N N 374 
VAL CB  CG1  sing N N 375 
VAL CB  CG2  sing N N 376 
VAL CB  HB   sing N N 377 
VAL CG1 HG11 sing N N 378 
VAL CG1 HG12 sing N N 379 
VAL CG1 HG13 sing N N 380 
VAL CG2 HG21 sing N N 381 
VAL CG2 HG22 sing N N 382 
VAL CG2 HG23 sing N N 383 
VAL OXT HXT  sing N N 384 
VO4 V   O1   doub N N 385 
VO4 V   O2   sing N N 386 
VO4 V   O3   sing N N 387 
VO4 V   O4   sing N N 388 
# 
_pdbx_entity_instance_feature.ordinal        1 
_pdbx_entity_instance_feature.comp_id        VO4 
_pdbx_entity_instance_feature.asym_id        ? 
_pdbx_entity_instance_feature.seq_num        ? 
_pdbx_entity_instance_feature.auth_comp_id   VO4 
_pdbx_entity_instance_feature.auth_asym_id   ? 
_pdbx_entity_instance_feature.auth_seq_num   ? 
_pdbx_entity_instance_feature.feature_type   'SUBJECT OF INVESTIGATION' 
_pdbx_entity_instance_feature.details        ? 
# 
loop_
_pdbx_entity_nonpoly.entity_id 
_pdbx_entity_nonpoly.name 
_pdbx_entity_nonpoly.comp_id 
2 'VANADATE ION' VO4 
3 1,2-ETHANEDIOL EDO 
4 water          HOH 
# 
_pdbx_initial_refinement_model.id               1 
_pdbx_initial_refinement_model.entity_id_list   ? 
_pdbx_initial_refinement_model.type             'experimental model' 
_pdbx_initial_refinement_model.source_name      PDB 
_pdbx_initial_refinement_model.accession_code   4KI9 
_pdbx_initial_refinement_model.details          ? 
# 
_pdbx_struct_assembly_auth_evidence.id                     1 
_pdbx_struct_assembly_auth_evidence.assembly_id            1 
_pdbx_struct_assembly_auth_evidence.experimental_support   'gel filtration' 
_pdbx_struct_assembly_auth_evidence.details                ? 
# 
_space_group.name_H-M_alt     'P 41 21 2' 
_space_group.name_Hall        'P 4abw 2nw' 
_space_group.IT_number        92 
_space_group.crystal_system   tetragonal 
_space_group.id               1 
# 
